data_6L6R
#
_entry.id   6L6R
#
_cell.length_a   252.792
_cell.length_b   252.792
_cell.length_c   86.286
_cell.angle_alpha   90.000
_cell.angle_beta   90.000
_cell.angle_gamma   120.000
#
_symmetry.space_group_name_H-M   'P 64'
#
loop_
_entity.id
_entity.type
_entity.pdbx_description
1 polymer 'Low-density lipoprotein receptor-related protein 6'
2 polymer Sclerostin
3 branched 2-acetamido-2-deoxy-beta-D-glucopyranose-(1-4)-2-acetamido-2-deoxy-beta-D-glucopyranose
4 branched alpha-L-fucopyranose-(1-4)-[alpha-L-fucopyranose-(1-6)]2-acetamido-2-deoxy-beta-D-glucopyranose
5 non-polymer 2-acetamido-2-deoxy-beta-D-glucopyranose
6 non-polymer 'MAGNESIUM ION'
7 non-polymer 'ACETATE ION'
#
loop_
_entity_poly.entity_id
_entity_poly.type
_entity_poly.pdbx_seq_one_letter_code
_entity_poly.pdbx_strand_id
1 'polypeptide(L)'
;ADPLLLYANRRDLRLVDATNGKENATIVVGGLEDAAAVDFVFSHGLIYWSDVSEEAIKRTEFNKTESVQNVVVSGLLSPD
GLACDWLGEKLYWTDSETNRIEVSNLDGSLRKVLFWQELDQPRAIALDPSSGFMYWTDWGEVPKIERAGMDGSSRFIIIN
SEIYWPNGLTLDYEEQKLYWADAKLNFIHKSNLDGTNRQAVVKGSLPHPFALTLFEDILYWTDWSTHSILACNKYTGEGL
REIHSDIFSPMDIHAFSQQRQPNATNPCGIDNGGCSHLCLMSPVKPFYQCACPTGVKLLENGKTCKDGATELLLLARRTD
LRRISLDTPDFTDIVLQLEDIRHAIAIDYDPVEGYIYWTDDEVRAIRRSFIDGSGSQFVVTAQIAHPDGIAVDWVARNLY
WTDTGTDRIEVTRLNGTMRKILISEDLEEPRAIVLDPMVGYMYWTDWGEIPKIERAALDGSDRVVLVNTSLGWPNGLALD
YDEGKIYWGDAKTDKIEVMNTDGTGRRVLVEDKIPHIFGFTLLGDYVYWTDWQRRSIERVHKRSAEREVIIDQLPDLMGL
KATNVHRVIGSNPCAEENGGCSHLCLYRPQGLRCACPIGFELISDMKTCIVPHHHHHHHHHH
;
A,B
2 'polypeptide(L)'
;GPSRQGWQAFKNDATEIIPELGEYPEPPPELENNKTMNRAENGGRPPHHPFETKDVSEYSCRELHFTRYVTDGPCRSAKP
VTELVCSGQCGPARLLPNAIGRGKWWRPSGPDFRCIPDRYRAQRVQLLCPGGEAPRARKVRLVASCKCKRLTRFHNQS
;
C,D
#
# COMPACT_ATOMS: atom_id res chain seq x y z
N ALA A 1 -15.34 14.43 -37.79
CA ALA A 1 -16.69 14.90 -37.48
C ALA A 1 -17.13 14.44 -36.09
N ASP A 2 -16.27 13.66 -35.45
CA ASP A 2 -16.50 13.12 -34.11
C ASP A 2 -15.13 12.66 -33.59
N PRO A 3 -15.00 11.79 -32.54
CA PRO A 3 -13.64 11.50 -32.06
C PRO A 3 -12.75 10.80 -33.08
N LEU A 4 -11.71 11.49 -33.51
CA LEU A 4 -10.68 10.88 -34.33
C LEU A 4 -9.76 10.06 -33.43
N LEU A 5 -9.49 8.82 -33.82
CA LEU A 5 -8.68 7.93 -33.02
C LEU A 5 -7.28 7.85 -33.62
N LEU A 6 -6.30 8.33 -32.87
CA LEU A 6 -4.90 8.25 -33.26
C LEU A 6 -4.28 7.01 -32.62
N TYR A 7 -3.63 6.18 -33.43
CA TYR A 7 -3.03 4.96 -32.92
C TYR A 7 -1.72 4.68 -33.64
N ALA A 8 -0.87 3.90 -32.97
CA ALA A 8 0.43 3.50 -33.50
C ALA A 8 0.32 2.09 -34.07
N ASN A 9 0.83 1.91 -35.29
CA ASN A 9 0.67 0.66 -36.02
C ASN A 9 2.00 -0.05 -36.26
N ARG A 10 3.02 0.25 -35.46
CA ARG A 10 4.33 -0.40 -35.51
C ARG A 10 5.16 0.08 -36.69
N ARG A 11 4.50 0.58 -37.75
CA ARG A 11 5.21 1.07 -38.91
C ARG A 11 4.83 2.49 -39.28
N ASP A 12 3.75 3.02 -38.72
CA ASP A 12 3.29 4.37 -39.00
C ASP A 12 2.26 4.74 -37.95
N LEU A 13 1.94 6.02 -37.89
CA LEU A 13 0.91 6.55 -37.00
C LEU A 13 -0.30 6.93 -37.84
N ARG A 14 -1.45 6.31 -37.55
CA ARG A 14 -2.66 6.50 -38.31
C ARG A 14 -3.72 7.24 -37.49
N LEU A 15 -4.76 7.70 -38.18
CA LEU A 15 -5.84 8.47 -37.58
C LEU A 15 -7.16 8.05 -38.20
N VAL A 16 -8.03 7.42 -37.42
CA VAL A 16 -9.31 6.93 -37.92
C VAL A 16 -10.41 7.88 -37.50
N ASP A 17 -11.53 7.83 -38.21
CA ASP A 17 -12.75 8.54 -37.83
C ASP A 17 -13.71 7.59 -37.15
N ALA A 18 -14.22 7.99 -35.98
CA ALA A 18 -15.09 7.10 -35.20
C ALA A 18 -16.46 6.95 -35.86
N THR A 19 -16.90 7.94 -36.63
CA THR A 19 -18.22 7.86 -37.26
C THR A 19 -18.27 6.74 -38.28
N ASN A 20 -17.56 6.91 -39.39
CA ASN A 20 -17.61 5.92 -40.46
C ASN A 20 -16.66 4.75 -40.16
N GLU A 23 -14.76 4.64 -43.28
CA GLU A 23 -13.56 4.06 -42.68
C GLU A 23 -12.30 4.37 -43.51
N ASN A 24 -11.97 5.64 -43.67
CA ASN A 24 -10.73 6.03 -44.35
C ASN A 24 -9.75 6.53 -43.27
N ALA A 25 -8.70 5.75 -43.03
CA ALA A 25 -7.69 6.10 -42.04
C ALA A 25 -6.59 6.94 -42.68
N THR A 26 -6.36 8.13 -42.15
CA THR A 26 -5.30 9.00 -42.65
C THR A 26 -4.02 8.74 -41.87
N ILE A 27 -2.92 8.55 -42.59
CA ILE A 27 -1.63 8.30 -41.95
C ILE A 27 -1.02 9.62 -41.50
N VAL A 28 -0.55 9.65 -40.25
CA VAL A 28 0.12 10.83 -39.72
C VAL A 28 1.59 10.82 -40.09
N VAL A 29 2.33 9.80 -39.64
CA VAL A 29 3.77 9.68 -39.89
C VAL A 29 4.08 8.25 -40.27
N GLY A 30 4.65 8.05 -41.46
CA GLY A 30 5.04 6.74 -41.93
C GLY A 30 6.53 6.49 -41.80
N GLY A 31 6.95 5.32 -42.26
CA GLY A 31 8.36 4.97 -42.26
C GLY A 31 8.91 4.50 -40.93
N LEU A 32 8.06 4.35 -39.92
CA LEU A 32 8.51 3.90 -38.61
C LEU A 32 8.83 2.40 -38.63
N GLU A 33 9.66 1.99 -37.67
CA GLU A 33 10.10 0.60 -37.57
C GLU A 33 9.35 -0.18 -36.50
N ASP A 34 9.04 0.43 -35.36
CA ASP A 34 8.25 -0.21 -34.32
C ASP A 34 7.55 0.84 -33.46
N ALA A 35 6.63 1.60 -34.06
CA ALA A 35 5.83 2.58 -33.33
C ALA A 35 5.01 1.93 -32.25
N ALA A 36 5.36 2.17 -30.99
CA ALA A 36 4.72 1.51 -29.86
C ALA A 36 3.70 2.41 -29.17
N ALA A 37 4.15 3.28 -28.28
CA ALA A 37 3.25 4.15 -27.53
C ALA A 37 3.22 5.53 -28.18
N VAL A 38 2.15 6.27 -27.88
CA VAL A 38 1.93 7.59 -28.48
C VAL A 38 1.02 8.39 -27.56
N ASP A 39 1.33 9.68 -27.42
CA ASP A 39 0.41 10.65 -26.87
C ASP A 39 0.56 11.93 -27.70
N PHE A 40 -0.05 13.02 -27.26
CA PHE A 40 0.00 14.25 -28.03
C PHE A 40 -0.05 15.45 -27.10
N VAL A 41 0.23 16.62 -27.67
CA VAL A 41 0.14 17.90 -26.98
C VAL A 41 -0.65 18.84 -27.88
N PHE A 42 -1.98 18.73 -27.83
CA PHE A 42 -2.82 19.36 -28.84
C PHE A 42 -2.57 20.86 -28.95
N SER A 43 -2.42 21.54 -27.81
CA SER A 43 -2.16 22.98 -27.82
C SER A 43 -0.92 23.31 -28.64
N HIS A 44 0.20 22.65 -28.33
CA HIS A 44 1.41 22.82 -29.12
C HIS A 44 1.32 22.17 -30.49
N GLY A 45 0.31 21.33 -30.72
CA GLY A 45 0.17 20.65 -32.00
C GLY A 45 1.25 19.63 -32.28
N LEU A 46 1.63 18.84 -31.27
CA LEU A 46 2.70 17.86 -31.40
C LEU A 46 2.15 16.46 -31.21
N ILE A 47 2.78 15.49 -31.86
CA ILE A 47 2.51 14.08 -31.65
C ILE A 47 3.82 13.41 -31.26
N TYR A 48 3.87 12.87 -30.04
CA TYR A 48 5.01 12.11 -29.57
C TYR A 48 4.73 10.62 -29.73
N TRP A 49 5.79 9.84 -29.94
CA TRP A 49 5.63 8.40 -30.02
C TRP A 49 6.95 7.73 -29.65
N SER A 50 6.88 6.42 -29.40
CA SER A 50 8.02 5.61 -29.02
C SER A 50 8.29 4.57 -30.11
N ASP A 51 9.48 3.96 -30.04
CA ASP A 51 9.92 3.03 -31.07
C ASP A 51 10.90 2.06 -30.41
N VAL A 52 10.41 0.85 -30.11
CA VAL A 52 11.22 -0.10 -29.35
C VAL A 52 12.38 -0.66 -30.16
N SER A 53 12.37 -0.51 -31.48
CA SER A 53 13.45 -1.01 -32.30
C SER A 53 14.52 0.05 -32.55
N GLU A 54 14.11 1.28 -32.87
CA GLU A 54 15.06 2.38 -32.90
C GLU A 54 15.47 2.80 -31.49
N GLU A 55 14.78 2.31 -30.47
CA GLU A 55 15.11 2.58 -29.07
C GLU A 55 15.17 4.08 -28.78
N ALA A 56 14.06 4.75 -29.09
CA ALA A 56 14.01 6.20 -29.01
C ALA A 56 12.56 6.65 -28.94
N ILE A 57 12.39 7.95 -28.70
CA ILE A 57 11.09 8.61 -28.66
C ILE A 57 11.18 9.84 -29.55
N LYS A 58 10.21 10.01 -30.43
CA LYS A 58 10.24 11.05 -31.44
C LYS A 58 8.96 11.90 -31.36
N ARG A 59 9.02 13.06 -32.02
CA ARG A 59 7.92 14.00 -32.02
C ARG A 59 7.79 14.60 -33.42
N THR A 60 6.59 15.11 -33.71
CA THR A 60 6.37 15.81 -34.98
C THR A 60 5.20 16.77 -34.81
N GLU A 61 5.22 17.84 -35.60
CA GLU A 61 4.15 18.82 -35.61
C GLU A 61 3.14 18.41 -36.68
N PHE A 62 1.94 18.02 -36.26
CA PHE A 62 0.98 17.52 -37.24
C PHE A 62 0.34 18.65 -38.05
N ASN A 63 0.43 19.89 -37.57
CA ASN A 63 -0.10 21.02 -38.33
C ASN A 63 0.80 21.36 -39.52
N LYS A 64 2.11 21.10 -39.41
CA LYS A 64 3.05 21.42 -40.46
C LYS A 64 3.10 20.29 -41.48
N THR A 65 3.05 20.65 -42.76
CA THR A 65 3.15 19.64 -43.81
C THR A 65 4.61 19.24 -44.00
N GLU A 66 4.81 18.08 -44.64
CA GLU A 66 6.13 17.45 -44.76
C GLU A 66 6.83 17.47 -43.41
N SER A 67 6.06 17.16 -42.36
CA SER A 67 6.48 17.32 -40.97
C SER A 67 7.64 16.40 -40.62
N VAL A 68 8.87 16.89 -40.83
CA VAL A 68 10.04 16.11 -40.48
C VAL A 68 10.01 15.79 -38.99
N GLN A 69 10.53 14.63 -38.63
CA GLN A 69 10.60 14.20 -37.25
C GLN A 69 11.63 15.01 -36.48
N ASN A 70 11.60 14.86 -35.15
CA ASN A 70 12.56 15.50 -34.25
C ASN A 70 12.99 14.46 -33.24
N VAL A 71 14.25 14.01 -33.33
CA VAL A 71 14.77 13.04 -32.38
C VAL A 71 14.78 13.67 -30.99
N VAL A 72 14.07 13.04 -30.06
CA VAL A 72 13.91 13.58 -28.70
C VAL A 72 14.79 12.84 -27.69
N VAL A 73 14.79 11.50 -27.73
CA VAL A 73 15.55 10.70 -26.77
C VAL A 73 16.37 9.65 -27.51
N SER A 74 17.45 9.22 -26.85
CA SER A 74 18.26 8.10 -27.31
C SER A 74 19.11 7.61 -26.16
N GLY A 75 19.19 6.29 -26.01
CA GLY A 75 19.78 5.70 -24.82
C GLY A 75 18.79 4.87 -24.03
N LEU A 76 17.64 4.56 -24.64
CA LEU A 76 16.59 3.74 -24.06
C LEU A 76 16.74 2.29 -24.51
N LEU A 77 16.09 1.39 -23.78
CA LEU A 77 16.13 -0.03 -24.11
C LEU A 77 14.81 -0.55 -24.66
N SER A 78 13.70 -0.39 -23.92
CA SER A 78 12.40 -0.90 -24.35
C SER A 78 11.30 0.02 -23.84
N PRO A 79 11.17 1.22 -24.44
CA PRO A 79 10.14 2.16 -23.98
C PRO A 79 8.73 1.71 -24.33
N ASP A 80 8.07 1.02 -23.40
CA ASP A 80 6.76 0.42 -23.67
C ASP A 80 5.59 1.38 -23.43
N GLY A 81 5.79 2.50 -22.75
CA GLY A 81 4.69 3.38 -22.42
C GLY A 81 5.12 4.84 -22.48
N LEU A 82 4.14 5.70 -22.74
CA LEU A 82 4.41 7.13 -22.93
C LEU A 82 3.14 7.92 -22.66
N ALA A 83 3.30 9.08 -22.02
CA ALA A 83 2.21 10.00 -21.77
C ALA A 83 2.75 11.42 -21.69
N CYS A 84 2.02 12.36 -22.29
CA CYS A 84 2.43 13.76 -22.34
C CYS A 84 1.71 14.57 -21.27
N ASP A 85 2.43 15.52 -20.67
CA ASP A 85 1.87 16.45 -19.70
C ASP A 85 1.60 17.77 -20.42
N TRP A 86 0.36 17.97 -20.83
CA TRP A 86 0.00 19.14 -21.62
C TRP A 86 -0.17 20.40 -20.77
N LEU A 87 0.22 20.37 -19.49
CA LEU A 87 0.14 21.54 -18.64
C LEU A 87 1.52 22.06 -18.24
N GLY A 88 2.29 21.25 -17.53
CA GLY A 88 3.65 21.61 -17.19
C GLY A 88 4.64 21.46 -18.31
N GLU A 89 4.18 21.15 -19.54
CA GLU A 89 5.06 20.97 -20.69
C GLU A 89 6.10 19.88 -20.43
N LYS A 90 5.65 18.76 -19.87
CA LYS A 90 6.54 17.68 -19.49
C LYS A 90 6.16 16.41 -20.25
N LEU A 91 7.04 15.43 -20.19
CA LEU A 91 6.90 14.20 -20.96
C LEU A 91 7.39 13.04 -20.13
N TYR A 92 6.50 12.08 -19.87
CA TYR A 92 6.80 10.92 -19.05
C TYR A 92 6.77 9.66 -19.89
N TRP A 93 7.65 8.72 -19.58
CA TRP A 93 7.69 7.43 -20.27
C TRP A 93 8.21 6.37 -19.31
N THR A 94 8.08 5.12 -19.71
CA THR A 94 8.52 3.97 -18.94
C THR A 94 9.50 3.15 -19.77
N ASP A 95 10.01 2.08 -19.17
CA ASP A 95 10.90 1.15 -19.86
C ASP A 95 10.81 -0.18 -19.13
N SER A 96 10.29 -1.20 -19.82
CA SER A 96 10.05 -2.49 -19.17
C SER A 96 11.32 -3.28 -18.92
N GLU A 97 12.44 -2.90 -19.54
CA GLU A 97 13.70 -3.64 -19.36
C GLU A 97 14.60 -2.99 -18.31
N THR A 98 15.00 -1.73 -18.52
CA THR A 98 15.85 -1.05 -17.53
C THR A 98 15.12 -0.77 -16.22
N ASN A 99 13.79 -0.91 -16.20
CA ASN A 99 12.98 -0.76 -14.99
C ASN A 99 13.15 0.64 -14.38
N ARG A 100 12.61 1.62 -15.11
CA ARG A 100 12.63 3.00 -14.66
C ARG A 100 11.50 3.76 -15.35
N ILE A 101 11.17 4.92 -14.78
CA ILE A 101 10.17 5.83 -15.32
C ILE A 101 10.81 7.21 -15.35
N GLU A 102 11.20 7.67 -16.53
CA GLU A 102 11.88 8.95 -16.66
C GLU A 102 10.88 10.06 -16.99
N VAL A 103 11.40 11.29 -16.99
CA VAL A 103 10.60 12.47 -17.30
C VAL A 103 11.54 13.52 -17.87
N SER A 104 11.03 14.32 -18.80
CA SER A 104 11.82 15.35 -19.43
C SER A 104 10.92 16.47 -19.93
N ASN A 105 11.55 17.55 -20.38
CA ASN A 105 10.83 18.58 -21.11
C ASN A 105 10.45 18.05 -22.49
N LEU A 106 9.71 18.88 -23.23
CA LEU A 106 9.28 18.48 -24.57
C LEU A 106 10.46 18.35 -25.53
N ASP A 107 11.48 19.20 -25.38
CA ASP A 107 12.64 19.13 -26.26
C ASP A 107 13.63 18.08 -25.82
N GLY A 108 13.17 17.06 -25.11
CA GLY A 108 14.02 15.98 -24.65
C GLY A 108 15.06 16.36 -23.62
N SER A 109 15.09 17.61 -23.18
CA SER A 109 16.10 18.06 -22.24
C SER A 109 15.69 17.73 -20.80
N LEU A 110 16.70 17.69 -19.92
CA LEU A 110 16.50 17.55 -18.48
C LEU A 110 15.90 16.18 -18.13
N ARG A 111 16.56 15.12 -18.58
CA ARG A 111 16.12 13.77 -18.23
C ARG A 111 16.29 13.55 -16.73
N LYS A 112 15.19 13.21 -16.05
CA LYS A 112 15.24 12.79 -14.67
C LYS A 112 14.57 11.43 -14.53
N VAL A 113 15.26 10.51 -13.86
CA VAL A 113 14.65 9.24 -13.48
C VAL A 113 13.83 9.48 -12.22
N LEU A 114 12.51 9.33 -12.32
CA LEU A 114 11.64 9.54 -11.18
C LEU A 114 11.51 8.29 -10.32
N PHE A 115 11.59 7.11 -10.92
CA PHE A 115 11.44 5.85 -10.19
C PHE A 115 12.31 4.79 -10.84
N TRP A 116 12.93 3.96 -10.00
CA TRP A 116 13.62 2.76 -10.45
C TRP A 116 13.36 1.56 -9.56
N GLN A 117 12.64 1.71 -8.45
CA GLN A 117 12.44 0.65 -7.48
C GLN A 117 11.16 -0.11 -7.77
N GLU A 118 11.20 -1.42 -7.55
CA GLU A 118 10.02 -2.29 -7.61
C GLU A 118 9.21 -2.07 -8.88
N LEU A 119 9.91 -2.07 -10.02
CA LEU A 119 9.28 -1.96 -11.33
C LEU A 119 9.76 -3.15 -12.15
N ASP A 120 8.91 -4.16 -12.30
CA ASP A 120 9.29 -5.37 -13.04
C ASP A 120 9.12 -5.16 -14.54
N GLN A 121 7.87 -5.08 -14.99
CA GLN A 121 7.55 -4.84 -16.41
C GLN A 121 6.47 -3.77 -16.46
N PRO A 122 6.83 -2.51 -16.26
CA PRO A 122 5.83 -1.44 -16.38
C PRO A 122 5.35 -1.30 -17.81
N ARG A 123 4.10 -0.89 -17.96
CA ARG A 123 3.52 -0.82 -19.29
C ARG A 123 3.01 0.59 -19.58
N ALA A 124 1.73 0.84 -19.29
CA ALA A 124 1.07 2.05 -19.76
C ALA A 124 0.99 3.08 -18.65
N ILE A 125 0.94 4.35 -19.03
CA ILE A 125 1.01 5.47 -18.10
C ILE A 125 0.01 6.55 -18.53
N ALA A 126 -0.63 7.17 -17.55
CA ALA A 126 -1.63 8.21 -17.80
C ALA A 126 -1.45 9.34 -16.79
N LEU A 127 -1.88 10.53 -17.16
CA LEU A 127 -1.63 11.72 -16.37
C LEU A 127 -2.92 12.46 -16.04
N ASP A 128 -2.82 13.29 -15.00
CA ASP A 128 -3.89 14.22 -14.62
C ASP A 128 -3.22 15.46 -14.04
N PRO A 129 -2.63 16.30 -14.90
CA PRO A 129 -1.79 17.40 -14.39
C PRO A 129 -2.53 18.42 -13.53
N SER A 130 -3.85 18.57 -13.70
CA SER A 130 -4.59 19.50 -12.85
C SER A 130 -4.58 19.07 -11.39
N SER A 131 -4.31 17.80 -11.11
CA SER A 131 -4.13 17.30 -9.76
C SER A 131 -2.68 17.01 -9.41
N GLY A 132 -1.88 16.61 -10.38
CA GLY A 132 -0.49 16.29 -10.14
C GLY A 132 -0.29 14.84 -9.81
N PHE A 133 -1.07 13.96 -10.46
CA PHE A 133 -1.03 12.53 -10.21
C PHE A 133 -0.79 11.79 -11.52
N MET A 134 0.28 11.00 -11.55
CA MET A 134 0.51 10.07 -12.65
C MET A 134 0.09 8.67 -12.24
N TYR A 135 -0.39 7.91 -13.23
CA TYR A 135 -0.86 6.54 -13.03
C TYR A 135 -0.19 5.63 -14.04
N TRP A 136 0.24 4.45 -13.60
CA TRP A 136 0.83 3.49 -14.51
C TRP A 136 0.54 2.08 -14.03
N THR A 137 0.88 1.11 -14.87
CA THR A 137 0.59 -0.29 -14.63
C THR A 137 1.86 -1.12 -14.72
N ASP A 138 1.79 -2.35 -14.20
CA ASP A 138 2.87 -3.31 -14.28
C ASP A 138 2.26 -4.70 -14.28
N TRP A 139 2.72 -5.55 -15.20
CA TRP A 139 2.19 -6.90 -15.36
C TRP A 139 3.21 -7.98 -15.03
N GLY A 140 4.36 -7.61 -14.47
CA GLY A 140 5.40 -8.58 -14.19
C GLY A 140 5.15 -9.45 -12.97
N GLU A 141 6.15 -9.54 -12.09
CA GLU A 141 6.11 -10.46 -10.96
C GLU A 141 4.88 -10.21 -10.10
N VAL A 142 4.66 -8.97 -9.71
CA VAL A 142 3.50 -8.60 -8.89
C VAL A 142 2.66 -7.61 -9.69
N PRO A 143 1.68 -8.08 -10.46
CA PRO A 143 0.83 -7.17 -11.24
C PRO A 143 0.11 -6.18 -10.34
N LYS A 144 0.14 -4.91 -10.75
CA LYS A 144 -0.33 -3.82 -9.90
C LYS A 144 -0.55 -2.58 -10.77
N ILE A 145 -1.35 -1.66 -10.25
CA ILE A 145 -1.55 -0.34 -10.85
C ILE A 145 -1.18 0.68 -9.79
N GLU A 146 -0.09 1.41 -10.02
CA GLU A 146 0.40 2.40 -9.08
C GLU A 146 -0.05 3.80 -9.49
N ARG A 147 -0.11 4.68 -8.50
CA ARG A 147 -0.30 6.10 -8.72
C ARG A 147 0.69 6.87 -7.88
N ALA A 148 1.10 8.03 -8.39
CA ALA A 148 2.11 8.83 -7.71
C ALA A 148 2.01 10.26 -8.21
N GLY A 149 2.66 11.15 -7.46
CA GLY A 149 2.75 12.53 -7.89
C GLY A 149 3.66 12.66 -9.10
N MET A 150 3.29 13.57 -10.00
CA MET A 150 4.12 13.85 -11.16
C MET A 150 5.47 14.45 -10.78
N ASP A 151 5.68 14.76 -9.50
CA ASP A 151 6.96 15.23 -9.00
C ASP A 151 7.84 14.10 -8.50
N GLY A 152 7.34 12.88 -8.47
CA GLY A 152 8.09 11.76 -7.95
C GLY A 152 7.87 11.46 -6.49
N SER A 153 6.80 11.98 -5.91
CA SER A 153 6.49 11.80 -4.49
C SER A 153 5.15 11.08 -4.34
N SER A 154 4.86 10.68 -3.10
CA SER A 154 3.63 10.02 -2.71
C SER A 154 3.23 8.91 -3.69
N ARG A 155 4.15 7.98 -3.87
CA ARG A 155 3.91 6.79 -4.69
C ARG A 155 3.20 5.73 -3.86
N PHE A 156 1.99 5.35 -4.27
CA PHE A 156 1.21 4.36 -3.56
C PHE A 156 0.62 3.37 -4.55
N ILE A 157 0.76 2.08 -4.25
CA ILE A 157 0.13 1.04 -5.05
C ILE A 157 -1.37 1.07 -4.80
N ILE A 158 -2.15 1.33 -5.85
CA ILE A 158 -3.60 1.51 -5.67
C ILE A 158 -4.42 0.31 -6.13
N ILE A 159 -3.83 -0.65 -6.82
CA ILE A 159 -4.51 -1.89 -7.18
C ILE A 159 -3.53 -3.05 -7.04
N ASN A 160 -3.95 -4.11 -6.35
CA ASN A 160 -3.15 -5.31 -6.24
C ASN A 160 -3.97 -6.58 -6.19
N SER A 161 -5.31 -6.50 -6.16
CA SER A 161 -6.17 -7.66 -6.03
C SER A 161 -6.92 -7.89 -7.34
N GLU A 162 -6.99 -9.16 -7.75
CA GLU A 162 -7.66 -9.56 -8.99
C GLU A 162 -7.15 -8.72 -10.17
N ILE A 163 -5.91 -9.02 -10.54
CA ILE A 163 -5.22 -8.29 -11.59
C ILE A 163 -4.02 -9.13 -12.03
N TYR A 164 -3.80 -9.19 -13.34
CA TYR A 164 -2.74 -10.04 -13.87
C TYR A 164 -2.02 -9.38 -15.05
N TRP A 165 -2.78 -8.93 -16.05
CA TRP A 165 -2.23 -8.31 -17.25
C TRP A 165 -2.92 -6.97 -17.49
N PRO A 166 -2.60 -5.96 -16.68
CA PRO A 166 -3.22 -4.64 -16.87
C PRO A 166 -2.56 -3.85 -18.01
N ASN A 167 -2.96 -4.18 -19.25
CA ASN A 167 -2.26 -3.65 -20.41
C ASN A 167 -2.64 -2.20 -20.71
N GLY A 168 -3.92 -1.86 -20.65
CA GLY A 168 -4.37 -0.53 -21.01
C GLY A 168 -4.91 0.28 -19.87
N LEU A 169 -4.92 1.61 -20.00
CA LEU A 169 -5.28 2.46 -18.88
C LEU A 169 -5.55 3.88 -19.37
N THR A 170 -6.63 4.49 -18.86
CA THR A 170 -6.94 5.87 -19.19
C THR A 170 -7.91 6.42 -18.14
N LEU A 171 -8.16 7.73 -18.24
CA LEU A 171 -8.94 8.47 -17.25
C LEU A 171 -10.19 9.06 -17.90
N ASP A 172 -11.20 9.32 -17.06
CA ASP A 172 -12.41 10.02 -17.47
C ASP A 172 -12.44 11.33 -16.70
N TYR A 173 -11.82 12.37 -17.28
CA TYR A 173 -11.69 13.64 -16.60
C TYR A 173 -13.05 14.24 -16.25
N GLU A 174 -14.07 14.02 -17.09
CA GLU A 174 -15.39 14.55 -16.82
C GLU A 174 -16.01 13.92 -15.58
N GLU A 175 -15.72 12.66 -15.30
CA GLU A 175 -16.32 11.94 -14.19
C GLU A 175 -15.33 11.58 -13.09
N GLN A 176 -14.04 11.90 -13.26
CA GLN A 176 -13.00 11.61 -12.27
C GLN A 176 -12.99 10.13 -11.88
N LYS A 177 -12.74 9.29 -12.88
CA LYS A 177 -12.67 7.84 -12.71
C LYS A 177 -11.47 7.29 -13.46
N LEU A 178 -11.20 6.00 -13.26
CA LEU A 178 -10.01 5.36 -13.82
C LEU A 178 -10.42 4.06 -14.51
N TYR A 179 -10.15 3.96 -15.80
CA TYR A 179 -10.47 2.79 -16.59
C TYR A 179 -9.21 2.03 -16.97
N TRP A 180 -9.18 0.73 -16.68
CA TRP A 180 -8.11 -0.14 -17.11
C TRP A 180 -8.71 -1.44 -17.65
N ALA A 181 -7.87 -2.16 -18.40
CA ALA A 181 -8.29 -3.40 -19.07
C ALA A 181 -7.26 -4.48 -18.81
N ASP A 182 -7.71 -5.66 -18.43
CA ASP A 182 -6.83 -6.78 -18.11
C ASP A 182 -6.89 -7.79 -19.27
N ALA A 183 -5.73 -8.10 -19.84
CA ALA A 183 -5.68 -8.91 -21.05
C ALA A 183 -5.82 -10.40 -20.76
N LYS A 184 -5.40 -10.85 -19.59
CA LYS A 184 -5.57 -12.26 -19.23
C LYS A 184 -6.87 -12.47 -18.45
N LEU A 185 -7.12 -11.63 -17.46
CA LEU A 185 -8.35 -11.76 -16.67
C LEU A 185 -9.58 -11.35 -17.46
N ASN A 186 -9.41 -10.76 -18.65
CA ASN A 186 -10.49 -10.62 -19.63
C ASN A 186 -11.64 -9.78 -19.06
N PHE A 187 -11.35 -8.51 -18.81
CA PHE A 187 -12.40 -7.57 -18.41
C PHE A 187 -11.86 -6.15 -18.52
N ILE A 188 -12.76 -5.18 -18.29
CA ILE A 188 -12.42 -3.76 -18.15
C ILE A 188 -13.16 -3.26 -16.93
N HIS A 189 -12.42 -2.76 -15.94
CA HIS A 189 -13.02 -2.22 -14.74
C HIS A 189 -12.76 -0.72 -14.63
N LYS A 190 -13.62 -0.06 -13.86
CA LYS A 190 -13.47 1.34 -13.55
C LYS A 190 -13.31 1.51 -12.04
N SER A 191 -12.84 2.69 -11.65
CA SER A 191 -12.59 2.98 -10.24
C SER A 191 -12.44 4.47 -10.08
N ASN A 192 -12.62 4.94 -8.85
CA ASN A 192 -12.27 6.32 -8.54
C ASN A 192 -10.76 6.49 -8.56
N LEU A 193 -10.30 7.74 -8.52
CA LEU A 193 -8.87 7.99 -8.74
C LEU A 193 -7.97 7.42 -7.63
N ASP A 194 -8.50 6.69 -6.65
CA ASP A 194 -7.67 6.05 -5.63
C ASP A 194 -7.75 4.53 -5.62
N GLY A 195 -8.78 3.94 -6.20
CA GLY A 195 -8.98 2.49 -6.16
C GLY A 195 -10.29 2.05 -5.55
N THR A 196 -11.08 2.98 -5.01
CA THR A 196 -12.33 2.64 -4.34
C THR A 196 -13.46 2.50 -5.35
N ASN A 197 -14.46 1.71 -4.96
CA ASN A 197 -15.64 1.44 -5.80
C ASN A 197 -15.23 0.88 -7.16
N ARG A 198 -14.34 -0.11 -7.12
CA ARG A 198 -13.97 -0.84 -8.33
C ARG A 198 -15.16 -1.69 -8.76
N GLN A 199 -15.88 -1.22 -9.77
CA GLN A 199 -17.06 -1.90 -10.29
C GLN A 199 -16.83 -2.30 -11.74
N ALA A 200 -17.53 -3.37 -12.15
CA ALA A 200 -17.30 -3.96 -13.46
C ALA A 200 -18.00 -3.17 -14.56
N VAL A 201 -17.40 -3.18 -15.74
CA VAL A 201 -17.97 -2.54 -16.91
C VAL A 201 -18.20 -3.60 -17.99
N VAL A 202 -17.12 -4.13 -18.55
CA VAL A 202 -17.17 -5.19 -19.54
C VAL A 202 -16.55 -6.43 -18.91
N LYS A 203 -17.33 -7.50 -18.79
CA LYS A 203 -16.93 -8.67 -18.04
C LYS A 203 -16.33 -9.77 -18.89
N GLY A 204 -16.88 -10.02 -20.09
CA GLY A 204 -16.39 -11.05 -20.96
C GLY A 204 -15.88 -10.49 -22.28
N SER A 205 -15.45 -11.40 -23.14
CA SER A 205 -15.26 -11.11 -24.56
C SER A 205 -14.17 -10.07 -24.79
N LEU A 206 -12.96 -10.43 -24.36
CA LEU A 206 -11.77 -9.59 -24.59
C LEU A 206 -10.59 -10.50 -24.88
N PRO A 207 -10.23 -10.68 -26.16
CA PRO A 207 -9.17 -11.63 -26.51
C PRO A 207 -7.81 -11.23 -25.96
N HIS A 208 -7.34 -10.03 -26.31
CA HIS A 208 -6.02 -9.58 -25.87
C HIS A 208 -5.87 -8.08 -26.09
N PRO A 209 -6.53 -7.25 -25.27
CA PRO A 209 -6.41 -5.81 -25.46
C PRO A 209 -5.05 -5.28 -25.04
N PHE A 210 -4.72 -4.10 -25.55
CA PHE A 210 -3.41 -3.52 -25.23
C PHE A 210 -3.47 -2.07 -24.78
N ALA A 211 -4.29 -1.22 -25.42
CA ALA A 211 -4.36 0.18 -25.04
C ALA A 211 -5.81 0.65 -25.07
N LEU A 212 -6.22 1.34 -24.01
CA LEU A 212 -7.59 1.79 -23.84
C LEU A 212 -7.65 3.32 -23.88
N THR A 213 -8.69 3.86 -24.50
CA THR A 213 -8.93 5.29 -24.49
C THR A 213 -10.43 5.56 -24.46
N LEU A 214 -10.78 6.79 -24.12
CA LEU A 214 -12.15 7.14 -23.78
C LEU A 214 -12.53 8.46 -24.45
N PHE A 215 -13.81 8.60 -24.76
CA PHE A 215 -14.34 9.85 -25.30
C PHE A 215 -15.86 9.86 -25.16
N GLU A 216 -16.39 10.95 -24.61
CA GLU A 216 -17.83 11.12 -24.36
C GLU A 216 -18.27 9.95 -23.47
N ASP A 217 -19.31 9.20 -23.84
CA ASP A 217 -19.75 8.03 -23.10
C ASP A 217 -19.39 6.73 -23.80
N ILE A 218 -18.33 6.75 -24.62
CA ILE A 218 -17.96 5.61 -25.45
C ILE A 218 -16.49 5.27 -25.19
N LEU A 219 -16.20 3.99 -25.00
CA LEU A 219 -14.83 3.51 -24.83
C LEU A 219 -14.26 3.07 -26.18
N TYR A 220 -12.93 3.08 -26.26
CA TYR A 220 -12.23 2.64 -27.45
C TYR A 220 -10.93 1.98 -27.03
N TRP A 221 -10.62 0.83 -27.63
CA TRP A 221 -9.36 0.17 -27.30
C TRP A 221 -8.91 -0.70 -28.47
N THR A 222 -7.62 -1.02 -28.46
CA THR A 222 -7.02 -1.92 -29.43
C THR A 222 -6.95 -3.34 -28.86
N ASP A 223 -6.99 -4.31 -29.75
CA ASP A 223 -6.84 -5.71 -29.38
C ASP A 223 -5.83 -6.35 -30.31
N TRP A 224 -4.98 -7.22 -29.75
CA TRP A 224 -3.88 -7.80 -30.52
C TRP A 224 -4.31 -9.05 -31.30
N SER A 225 -5.05 -9.94 -30.66
CA SER A 225 -5.44 -11.18 -31.31
C SER A 225 -6.48 -10.98 -32.41
N THR A 226 -7.12 -9.80 -32.46
CA THR A 226 -8.11 -9.50 -33.50
C THR A 226 -7.59 -8.52 -34.54
N HIS A 227 -6.49 -7.81 -34.27
CA HIS A 227 -5.96 -6.78 -35.18
C HIS A 227 -7.05 -5.80 -35.58
N SER A 228 -7.64 -5.18 -34.57
CA SER A 228 -8.77 -4.28 -34.77
C SER A 228 -8.87 -3.35 -33.57
N ILE A 229 -9.84 -2.45 -33.63
CA ILE A 229 -10.12 -1.50 -32.55
C ILE A 229 -11.57 -1.71 -32.15
N LEU A 230 -11.78 -2.21 -30.92
CA LEU A 230 -13.14 -2.38 -30.42
C LEU A 230 -13.62 -1.10 -29.76
N ALA A 231 -14.90 -1.08 -29.41
CA ALA A 231 -15.52 0.11 -28.84
C ALA A 231 -16.83 -0.27 -28.15
N CYS A 232 -17.02 0.20 -26.92
CA CYS A 232 -18.23 -0.06 -26.16
C CYS A 232 -18.65 1.21 -25.43
N ASN A 233 -19.74 1.10 -24.68
CA ASN A 233 -20.25 2.21 -23.89
C ASN A 233 -19.48 2.33 -22.58
N LYS A 234 -19.31 3.58 -22.13
CA LYS A 234 -18.46 3.84 -20.97
C LYS A 234 -19.10 3.33 -19.68
N TYR A 235 -20.42 3.50 -19.55
CA TYR A 235 -21.09 3.15 -18.29
C TYR A 235 -21.46 1.66 -18.28
N THR A 236 -22.19 1.21 -19.30
CA THR A 236 -22.66 -0.16 -19.37
C THR A 236 -21.71 -1.00 -20.20
N GLY A 237 -21.81 -2.32 -20.03
CA GLY A 237 -20.99 -3.21 -20.82
C GLY A 237 -21.56 -3.49 -22.19
N GLU A 238 -22.65 -2.81 -22.54
CA GLU A 238 -23.40 -3.06 -23.76
C GLU A 238 -22.72 -2.46 -24.99
N GLY A 239 -23.03 -3.04 -26.14
CA GLY A 239 -22.59 -2.51 -27.41
C GLY A 239 -21.14 -2.80 -27.73
N LEU A 240 -20.74 -4.07 -27.63
CA LEU A 240 -19.38 -4.44 -27.98
C LEU A 240 -19.27 -4.44 -29.50
N ARG A 241 -18.44 -3.54 -30.04
CA ARG A 241 -18.44 -3.25 -31.46
C ARG A 241 -17.04 -3.37 -32.05
N GLU A 242 -16.99 -3.58 -33.36
CA GLU A 242 -15.79 -3.36 -34.15
C GLU A 242 -15.97 -2.05 -34.91
N ILE A 243 -15.02 -1.14 -34.79
CA ILE A 243 -15.09 0.13 -35.48
C ILE A 243 -14.03 0.25 -36.57
N HIS A 244 -12.89 -0.41 -36.42
CA HIS A 244 -11.81 -0.33 -37.39
C HIS A 244 -11.08 -1.67 -37.31
N SER A 245 -11.20 -2.46 -38.37
CA SER A 245 -10.67 -3.81 -38.38
C SER A 245 -9.53 -3.94 -39.37
N ASP A 246 -8.93 -5.13 -39.39
CA ASP A 246 -7.82 -5.48 -40.29
C ASP A 246 -6.67 -4.49 -40.18
N ILE A 247 -6.15 -4.36 -38.96
CA ILE A 247 -5.01 -3.50 -38.68
C ILE A 247 -3.75 -4.32 -38.72
N PHE A 248 -2.65 -3.71 -39.16
CA PHE A 248 -1.38 -4.40 -39.25
C PHE A 248 -0.98 -4.96 -37.88
N SER A 249 -0.58 -4.07 -36.97
CA SER A 249 -0.30 -4.47 -35.59
C SER A 249 -0.57 -3.25 -34.72
N PRO A 250 -1.78 -3.12 -34.19
CA PRO A 250 -2.12 -1.91 -33.44
C PRO A 250 -1.44 -1.90 -32.08
N MET A 251 -1.13 -0.70 -31.61
CA MET A 251 -0.47 -0.57 -30.32
C MET A 251 -1.22 0.37 -29.39
N ASP A 252 -0.85 1.65 -29.37
CA ASP A 252 -1.37 2.58 -28.38
C ASP A 252 -2.28 3.58 -29.08
N ILE A 253 -3.36 3.95 -28.42
CA ILE A 253 -4.43 4.72 -29.04
C ILE A 253 -4.92 5.78 -28.06
N HIS A 254 -5.21 6.98 -28.58
CA HIS A 254 -5.82 8.05 -27.81
C HIS A 254 -6.94 8.68 -28.62
N ALA A 255 -7.95 9.19 -27.92
CA ALA A 255 -8.91 10.09 -28.54
C ALA A 255 -8.22 11.41 -28.86
N PHE A 256 -8.24 11.81 -30.13
CA PHE A 256 -7.50 12.97 -30.60
C PHE A 256 -8.44 14.16 -30.71
N SER A 257 -8.49 14.97 -29.66
CA SER A 257 -9.27 16.20 -29.66
C SER A 257 -8.78 17.07 -28.51
N GLN A 258 -8.91 18.38 -28.68
CA GLN A 258 -8.52 19.31 -27.62
C GLN A 258 -9.35 19.07 -26.37
N GLN A 259 -10.55 18.53 -26.51
CA GLN A 259 -11.45 18.28 -25.39
C GLN A 259 -10.99 17.14 -24.50
N ARG A 260 -9.81 16.57 -24.75
CA ARG A 260 -9.23 15.56 -23.89
C ARG A 260 -8.00 16.06 -23.17
N GLN A 261 -7.66 17.34 -23.33
CA GLN A 261 -6.57 17.97 -22.60
C GLN A 261 -7.04 19.33 -22.09
N PRO A 262 -7.92 19.33 -21.07
CA PRO A 262 -8.62 20.58 -20.71
C PRO A 262 -7.66 21.67 -20.25
N ASN A 263 -7.96 22.89 -20.67
CA ASN A 263 -7.21 24.06 -20.24
C ASN A 263 -7.34 24.25 -18.73
N ALA A 264 -6.20 24.39 -18.05
CA ALA A 264 -6.18 24.63 -16.62
C ALA A 264 -4.98 25.53 -16.30
N THR A 265 -5.01 26.12 -15.11
CA THR A 265 -4.01 27.12 -14.75
C THR A 265 -2.75 26.44 -14.23
N ASN A 266 -1.59 26.88 -14.72
CA ASN A 266 -0.31 26.30 -14.37
C ASN A 266 0.22 26.94 -13.10
N PRO A 267 0.52 26.15 -12.05
CA PRO A 267 1.14 26.76 -10.85
C PRO A 267 2.53 27.31 -11.11
N CYS A 268 3.25 26.78 -12.09
CA CYS A 268 4.57 27.30 -12.41
C CYS A 268 4.52 28.71 -12.99
N GLY A 269 3.36 29.14 -13.51
CA GLY A 269 3.21 30.48 -14.01
C GLY A 269 4.16 30.78 -15.14
N ILE A 270 4.55 32.05 -15.23
CA ILE A 270 5.49 32.48 -16.27
C ILE A 270 6.93 32.24 -15.83
N ASP A 271 7.22 32.42 -14.54
CA ASP A 271 8.57 32.34 -14.00
C ASP A 271 9.03 30.90 -13.76
N ASN A 272 8.43 29.92 -14.44
CA ASN A 272 8.77 28.50 -14.26
C ASN A 272 8.70 28.11 -12.78
N GLY A 273 7.82 28.75 -12.03
CA GLY A 273 7.75 28.52 -10.60
C GLY A 273 9.00 28.91 -9.85
N GLY A 274 9.88 29.68 -10.48
CA GLY A 274 11.16 30.01 -9.88
C GLY A 274 12.19 28.91 -9.98
N CYS A 275 11.83 27.76 -10.54
CA CYS A 275 12.76 26.64 -10.62
C CYS A 275 13.90 26.95 -11.59
N SER A 276 15.10 26.47 -11.23
CA SER A 276 16.26 26.65 -12.11
C SER A 276 16.15 25.77 -13.35
N HIS A 277 15.64 24.55 -13.19
CA HIS A 277 15.61 23.60 -14.30
C HIS A 277 14.20 23.05 -14.56
N LEU A 278 13.72 22.15 -13.72
CA LEU A 278 12.49 21.41 -13.98
C LEU A 278 11.40 21.89 -13.02
N CYS A 279 10.24 22.27 -13.57
CA CYS A 279 9.08 22.64 -12.78
C CYS A 279 8.00 21.59 -13.02
N LEU A 280 8.05 20.52 -12.24
CA LEU A 280 7.11 19.41 -12.37
C LEU A 280 5.83 19.68 -11.59
N MET A 281 4.75 19.02 -12.02
CA MET A 281 3.49 19.11 -11.31
C MET A 281 3.55 18.27 -10.03
N SER A 282 2.80 18.70 -9.03
CA SER A 282 2.81 18.06 -7.71
C SER A 282 1.41 18.13 -7.12
N PRO A 283 1.05 17.17 -6.26
CA PRO A 283 -0.26 17.24 -5.60
C PRO A 283 -0.23 18.11 -4.35
N VAL A 284 0.92 18.17 -3.68
CA VAL A 284 1.06 19.00 -2.49
C VAL A 284 1.18 20.47 -2.91
N LYS A 285 0.63 21.35 -2.08
CA LYS A 285 0.80 22.78 -2.30
C LYS A 285 2.29 23.12 -2.42
N PRO A 286 2.67 24.07 -3.29
CA PRO A 286 1.82 24.90 -4.15
C PRO A 286 1.51 24.26 -5.51
N PHE A 287 1.58 22.93 -5.56
CA PHE A 287 1.23 22.06 -6.69
C PHE A 287 2.32 21.98 -7.74
N TYR A 288 3.51 22.52 -7.48
CA TYR A 288 4.67 22.24 -8.28
C TYR A 288 5.83 21.91 -7.36
N GLN A 289 6.86 21.31 -7.93
CA GLN A 289 8.10 21.08 -7.20
C GLN A 289 9.26 21.17 -8.17
N CYS A 290 10.30 21.90 -7.78
CA CYS A 290 11.47 22.03 -8.63
C CYS A 290 12.28 20.74 -8.61
N ALA A 291 12.89 20.43 -9.74
CA ALA A 291 13.58 19.16 -9.91
C ALA A 291 14.86 19.39 -10.71
N CYS A 292 15.82 18.49 -10.50
CA CYS A 292 17.09 18.56 -11.20
C CYS A 292 17.27 17.30 -12.07
N PRO A 293 18.05 17.39 -13.14
CA PRO A 293 18.28 16.22 -13.99
C PRO A 293 18.90 15.08 -13.20
N THR A 294 18.99 13.93 -13.87
CA THR A 294 19.47 12.72 -13.23
C THR A 294 20.86 12.90 -12.65
N GLY A 295 21.01 12.58 -11.36
CA GLY A 295 22.29 12.60 -10.70
C GLY A 295 22.70 13.92 -10.10
N VAL A 296 22.01 15.01 -10.42
CA VAL A 296 22.30 16.33 -9.87
C VAL A 296 21.35 16.59 -8.70
N LYS A 297 21.90 16.95 -7.55
CA LYS A 297 21.11 17.19 -6.35
C LYS A 297 20.68 18.65 -6.28
N LEU A 298 19.54 18.88 -5.64
CA LEU A 298 18.96 20.21 -5.53
C LEU A 298 19.48 20.92 -4.28
N LEU A 299 19.68 22.23 -4.40
CA LEU A 299 20.28 23.03 -3.33
C LEU A 299 19.28 23.30 -2.21
N GLU A 300 19.68 24.17 -1.28
CA GLU A 300 18.83 24.50 -0.13
C GLU A 300 17.64 25.33 -0.52
N ASN A 301 17.69 26.03 -1.67
CA ASN A 301 16.55 26.83 -2.10
C ASN A 301 15.30 26.00 -2.33
N GLY A 302 15.46 24.70 -2.56
CA GLY A 302 14.37 23.91 -3.09
C GLY A 302 13.92 24.37 -4.46
N LYS A 303 14.78 25.13 -5.16
CA LYS A 303 14.43 25.73 -6.43
C LYS A 303 15.63 25.82 -7.37
N THR A 304 16.84 25.81 -6.83
CA THR A 304 18.05 26.08 -7.61
C THR A 304 18.93 24.84 -7.65
N CYS A 305 19.12 24.29 -8.85
CA CYS A 305 19.94 23.09 -9.00
C CYS A 305 21.42 23.44 -8.85
N LYS A 306 22.23 22.40 -8.69
CA LYS A 306 23.67 22.55 -8.54
C LYS A 306 24.37 22.57 -9.89
N ASP A 307 25.54 23.20 -9.92
CA ASP A 307 26.36 23.25 -11.14
C ASP A 307 26.87 21.84 -11.46
N GLY A 308 26.05 21.06 -12.18
CA GLY A 308 26.40 19.67 -12.46
C GLY A 308 26.41 18.84 -11.18
N ALA A 309 26.81 17.58 -11.34
CA ALA A 309 26.96 16.69 -10.19
C ALA A 309 28.39 16.75 -9.69
N THR A 310 28.54 16.84 -8.36
CA THR A 310 29.84 17.10 -7.75
C THR A 310 30.75 15.88 -7.86
N GLU A 311 30.47 14.83 -7.09
CA GLU A 311 31.23 13.60 -7.23
C GLU A 311 30.65 12.78 -8.38
N LEU A 312 31.54 12.23 -9.20
CA LEU A 312 31.11 11.62 -10.45
C LEU A 312 32.01 10.43 -10.75
N LEU A 313 31.41 9.39 -11.32
CA LEU A 313 32.11 8.14 -11.62
C LEU A 313 31.97 7.89 -13.12
N LEU A 314 33.04 8.11 -13.86
CA LEU A 314 33.06 7.92 -15.31
C LEU A 314 33.49 6.50 -15.64
N LEU A 315 32.82 5.88 -16.61
CA LEU A 315 33.03 4.49 -16.96
C LEU A 315 33.30 4.32 -18.45
N ALA A 316 34.08 3.31 -18.79
CA ALA A 316 34.34 2.90 -20.16
C ALA A 316 33.84 1.47 -20.37
N ARG A 317 32.88 1.31 -21.28
CA ARG A 317 32.51 0.00 -21.82
C ARG A 317 33.25 -0.22 -23.13
N ARG A 318 32.82 -1.24 -23.88
CA ARG A 318 33.47 -1.50 -25.16
C ARG A 318 32.96 -0.57 -26.25
N THR A 319 31.64 -0.46 -26.39
CA THR A 319 31.03 0.29 -27.49
C THR A 319 30.54 1.68 -27.10
N ASP A 320 30.43 2.00 -25.81
CA ASP A 320 29.98 3.32 -25.40
C ASP A 320 30.80 3.77 -24.19
N LEU A 321 30.67 5.04 -23.85
CA LEU A 321 31.14 5.57 -22.58
C LEU A 321 29.93 5.96 -21.75
N ARG A 322 30.00 5.73 -20.44
CA ARG A 322 28.87 6.03 -19.56
C ARG A 322 29.38 6.67 -18.28
N ARG A 323 28.61 7.62 -17.75
CA ARG A 323 28.91 8.25 -16.49
C ARG A 323 27.83 7.93 -15.47
N ILE A 324 28.23 7.88 -14.20
CA ILE A 324 27.32 7.56 -13.10
C ILE A 324 27.54 8.59 -12.02
N SER A 325 26.50 9.35 -11.69
CA SER A 325 26.61 10.35 -10.64
C SER A 325 26.58 9.69 -9.28
N LEU A 326 27.37 10.23 -8.36
CA LEU A 326 27.50 9.70 -7.01
C LEU A 326 26.77 10.53 -5.97
N ASP A 327 26.08 11.60 -6.37
CA ASP A 327 25.36 12.45 -5.44
C ASP A 327 23.95 11.94 -5.15
N THR A 328 23.46 10.97 -5.91
CA THR A 328 22.11 10.45 -5.77
C THR A 328 22.14 8.93 -5.68
N PRO A 329 21.20 8.32 -4.98
CA PRO A 329 21.17 6.86 -4.85
C PRO A 329 20.63 6.13 -6.07
N ASP A 330 20.20 6.85 -7.11
CA ASP A 330 19.66 6.19 -8.29
C ASP A 330 20.77 5.53 -9.12
N PHE A 331 21.98 6.09 -9.08
CA PHE A 331 23.14 5.53 -9.77
C PHE A 331 22.85 5.31 -11.25
N THR A 332 22.10 6.23 -11.85
CA THR A 332 21.74 6.10 -13.25
C THR A 332 22.96 6.32 -14.13
N ASP A 333 23.24 5.34 -14.97
CA ASP A 333 24.36 5.38 -15.92
C ASP A 333 23.90 6.11 -17.18
N ILE A 334 24.22 7.39 -17.27
CA ILE A 334 23.84 8.17 -18.44
C ILE A 334 24.73 7.75 -19.61
N VAL A 335 24.11 7.32 -20.70
CA VAL A 335 24.84 6.92 -21.90
C VAL A 335 25.43 8.17 -22.54
N LEU A 336 26.74 8.34 -22.42
CA LEU A 336 27.41 9.51 -22.98
C LEU A 336 27.30 9.49 -24.50
N GLN A 337 26.64 10.51 -25.04
CA GLN A 337 26.30 10.57 -26.47
C GLN A 337 27.55 10.87 -27.28
N LEU A 338 28.15 9.82 -27.85
CA LEU A 338 29.39 9.95 -28.59
C LEU A 338 29.32 9.16 -29.90
N GLU A 339 30.42 9.09 -30.65
CA GLU A 339 30.40 8.47 -31.96
C GLU A 339 31.71 7.76 -32.24
N ASP A 340 31.61 6.60 -32.90
CA ASP A 340 32.75 5.76 -33.30
C ASP A 340 33.60 5.38 -32.08
N ILE A 341 33.02 4.51 -31.25
CA ILE A 341 33.71 3.91 -30.12
C ILE A 341 33.64 2.41 -30.32
N ARG A 342 34.72 1.81 -30.82
CA ARG A 342 34.71 0.40 -31.20
C ARG A 342 35.13 -0.51 -30.06
N HIS A 343 36.03 -0.05 -29.21
CA HIS A 343 36.58 -0.90 -28.15
C HIS A 343 37.28 -0.05 -27.11
N ALA A 344 36.52 0.70 -26.31
CA ALA A 344 37.14 1.62 -25.36
C ALA A 344 37.76 0.86 -24.19
N ILE A 345 38.96 1.26 -23.80
CA ILE A 345 39.74 0.54 -22.80
C ILE A 345 39.89 1.38 -21.54
N ALA A 346 40.90 2.22 -21.50
CA ALA A 346 41.25 3.02 -20.33
C ALA A 346 40.66 4.42 -20.43
N ILE A 347 40.53 5.06 -19.28
CA ILE A 347 39.80 6.33 -19.19
C ILE A 347 40.34 7.12 -18.01
N ASP A 348 40.28 8.45 -18.11
CA ASP A 348 40.66 9.35 -17.04
C ASP A 348 39.95 10.67 -17.27
N TYR A 349 40.11 11.60 -16.32
CA TYR A 349 39.39 12.86 -16.33
C TYR A 349 40.36 13.99 -15.99
N ASP A 350 39.90 15.22 -16.24
CA ASP A 350 40.69 16.42 -15.96
C ASP A 350 39.72 17.46 -15.40
N PRO A 351 39.64 17.60 -14.09
CA PRO A 351 38.67 18.55 -13.52
C PRO A 351 38.92 19.99 -13.93
N VAL A 352 40.13 20.31 -14.41
CA VAL A 352 40.45 21.67 -14.81
C VAL A 352 39.61 22.08 -16.02
N GLU A 353 39.75 21.34 -17.12
CA GLU A 353 39.03 21.64 -18.34
C GLU A 353 37.74 20.86 -18.51
N GLY A 354 37.54 19.80 -17.74
CA GLY A 354 36.36 18.98 -17.89
C GLY A 354 36.45 18.00 -19.04
N TYR A 355 37.64 17.51 -19.34
CA TYR A 355 37.88 16.62 -20.46
C TYR A 355 38.03 15.18 -19.99
N ILE A 356 37.45 14.25 -20.74
CA ILE A 356 37.55 12.83 -20.47
C ILE A 356 38.48 12.22 -21.52
N TYR A 357 39.60 11.67 -21.07
CA TYR A 357 40.57 11.06 -21.96
C TYR A 357 40.41 9.55 -21.90
N TRP A 358 40.05 8.95 -23.03
CA TRP A 358 39.87 7.51 -23.12
C TRP A 358 40.63 6.96 -24.32
N THR A 359 40.84 5.65 -24.31
CA THR A 359 41.63 4.96 -25.33
C THR A 359 40.77 3.95 -26.06
N ASP A 360 41.33 3.40 -27.13
CA ASP A 360 40.64 2.39 -27.93
C ASP A 360 41.67 1.63 -28.75
N ASP A 361 41.62 0.29 -28.70
CA ASP A 361 42.62 -0.54 -29.35
C ASP A 361 42.24 -0.96 -30.77
N GLU A 362 41.00 -0.70 -31.21
CA GLU A 362 40.65 -0.91 -32.61
C GLU A 362 40.64 0.37 -33.42
N VAL A 363 40.33 1.50 -32.78
CA VAL A 363 40.53 2.80 -33.40
C VAL A 363 42.00 3.20 -33.36
N ARG A 364 42.77 2.64 -32.42
CA ARG A 364 44.19 2.93 -32.25
C ARG A 364 44.40 4.42 -31.95
N ALA A 365 43.59 4.96 -31.05
CA ALA A 365 43.66 6.39 -30.78
C ALA A 365 43.28 6.68 -29.34
N ILE A 366 43.94 7.68 -28.78
CA ILE A 366 43.57 8.27 -27.51
C ILE A 366 42.71 9.49 -27.82
N ARG A 367 41.53 9.54 -27.24
CA ARG A 367 40.56 10.56 -27.61
C ARG A 367 40.11 11.32 -26.36
N ARG A 368 39.37 12.39 -26.59
CA ARG A 368 39.06 13.34 -25.53
C ARG A 368 37.70 13.98 -25.80
N SER A 369 36.89 14.10 -24.74
CA SER A 369 35.55 14.65 -24.85
C SER A 369 35.16 15.31 -23.55
N PHE A 370 34.08 16.08 -23.59
CA PHE A 370 33.49 16.62 -22.37
C PHE A 370 32.64 15.56 -21.69
N ILE A 371 32.27 15.84 -20.44
CA ILE A 371 31.32 14.98 -19.73
C ILE A 371 30.04 14.84 -20.55
N ASP A 372 29.58 15.95 -21.13
CA ASP A 372 28.41 15.92 -21.99
C ASP A 372 28.59 14.92 -23.14
N GLY A 373 29.72 15.02 -23.83
CA GLY A 373 29.96 14.20 -25.01
C GLY A 373 30.27 15.06 -26.21
N SER A 374 30.39 16.35 -25.97
CA SER A 374 30.74 17.30 -27.02
C SER A 374 32.25 17.47 -27.11
N GLY A 375 32.70 18.03 -28.22
CA GLY A 375 34.12 18.26 -28.44
C GLY A 375 34.93 17.00 -28.56
N SER A 376 34.38 15.95 -29.15
CA SER A 376 35.12 14.71 -29.36
C SER A 376 36.25 14.95 -30.35
N GLN A 377 37.49 14.84 -29.87
CA GLN A 377 38.66 15.10 -30.69
C GLN A 377 39.69 14.00 -30.48
N PHE A 378 40.47 13.72 -31.51
CA PHE A 378 41.55 12.74 -31.43
C PHE A 378 42.82 13.41 -30.92
N VAL A 379 43.43 12.80 -29.91
CA VAL A 379 44.63 13.36 -29.29
C VAL A 379 45.86 12.77 -29.96
N VAL A 380 46.06 11.47 -29.80
CA VAL A 380 47.18 10.76 -30.42
C VAL A 380 46.61 9.78 -31.43
N THR A 381 46.96 9.94 -32.70
CA THR A 381 46.36 9.16 -33.78
C THR A 381 47.20 7.95 -34.18
N ALA A 382 48.50 8.13 -34.38
CA ALA A 382 49.34 7.10 -34.96
C ALA A 382 50.30 6.54 -33.92
N GLN A 383 50.95 5.44 -34.30
CA GLN A 383 51.90 4.72 -33.46
C GLN A 383 51.27 4.42 -32.09
N ILE A 384 50.15 3.70 -32.16
CA ILE A 384 49.38 3.27 -31.00
C ILE A 384 48.84 1.88 -31.28
N ALA A 385 48.98 0.96 -30.32
CA ALA A 385 48.61 -0.43 -30.52
C ALA A 385 47.58 -0.91 -29.50
N HIS A 386 47.92 -0.91 -28.22
CA HIS A 386 47.03 -1.40 -27.16
C HIS A 386 47.19 -0.53 -25.92
N PRO A 387 46.47 0.59 -25.86
CA PRO A 387 46.54 1.44 -24.66
C PRO A 387 45.68 0.88 -23.53
N ASP A 388 46.27 0.04 -22.68
CA ASP A 388 45.55 -0.59 -21.58
C ASP A 388 45.58 0.24 -20.30
N GLY A 389 45.99 1.50 -20.38
CA GLY A 389 46.11 2.35 -19.20
C GLY A 389 46.49 3.77 -19.55
N ILE A 390 45.79 4.73 -18.95
CA ILE A 390 46.01 6.15 -19.23
C ILE A 390 45.89 6.93 -17.93
N ALA A 391 46.67 8.02 -17.83
CA ALA A 391 46.70 8.83 -16.62
C ALA A 391 46.94 10.28 -16.99
N VAL A 392 46.27 11.18 -16.28
CA VAL A 392 46.31 12.62 -16.55
C VAL A 392 47.09 13.30 -15.43
N ASP A 393 48.14 14.02 -15.80
CA ASP A 393 48.84 14.91 -14.87
C ASP A 393 48.12 16.24 -14.89
N TRP A 394 47.16 16.42 -13.99
CA TRP A 394 46.37 17.64 -13.92
C TRP A 394 47.20 18.87 -13.53
N VAL A 395 48.41 18.68 -13.03
CA VAL A 395 49.25 19.81 -12.61
C VAL A 395 50.10 20.30 -13.78
N ALA A 396 51.00 19.44 -14.25
CA ALA A 396 51.90 19.82 -15.35
C ALA A 396 51.20 19.85 -16.70
N ARG A 397 49.92 19.48 -16.76
CA ARG A 397 49.14 19.47 -18.00
C ARG A 397 49.76 18.54 -19.03
N ASN A 398 50.04 17.30 -18.61
CA ASN A 398 50.63 16.29 -19.46
C ASN A 398 49.79 15.02 -19.39
N LEU A 399 49.99 14.15 -20.38
CA LEU A 399 49.20 12.94 -20.55
C LEU A 399 50.12 11.74 -20.61
N TYR A 400 49.83 10.73 -19.80
CA TYR A 400 50.61 9.49 -19.74
C TYR A 400 49.74 8.33 -20.16
N TRP A 401 50.37 7.33 -20.80
CA TRP A 401 49.66 6.12 -21.17
C TRP A 401 50.65 4.99 -21.36
N THR A 402 50.13 3.76 -21.32
CA THR A 402 50.92 2.56 -21.49
C THR A 402 50.37 1.77 -22.66
N ASP A 403 51.26 1.30 -23.54
CA ASP A 403 50.88 0.58 -24.74
C ASP A 403 51.69 -0.71 -24.77
N THR A 404 51.04 -1.84 -24.49
CA THR A 404 51.72 -3.12 -24.50
C THR A 404 51.95 -3.69 -25.89
N GLY A 405 51.32 -3.11 -26.92
CA GLY A 405 51.67 -3.49 -28.29
C GLY A 405 53.10 -3.14 -28.62
N THR A 406 53.55 -1.95 -28.22
CA THR A 406 54.95 -1.55 -28.30
C THR A 406 55.70 -1.76 -27.00
N ASP A 407 55.00 -2.17 -25.94
CA ASP A 407 55.60 -2.40 -24.62
C ASP A 407 56.43 -1.18 -24.18
N ARG A 408 55.80 -0.01 -24.23
CA ARG A 408 56.46 1.22 -23.84
C ARG A 408 55.44 2.16 -23.20
N ILE A 409 55.96 3.15 -22.47
CA ILE A 409 55.17 4.19 -21.84
C ILE A 409 55.67 5.54 -22.34
N GLU A 410 54.76 6.35 -22.87
CA GLU A 410 55.09 7.64 -23.45
C GLU A 410 54.32 8.75 -22.73
N VAL A 411 54.54 9.98 -23.17
CA VAL A 411 53.94 11.14 -22.52
C VAL A 411 53.86 12.28 -23.53
N THR A 412 52.72 12.96 -23.53
CA THR A 412 52.51 14.18 -24.31
C THR A 412 51.84 15.23 -23.45
N ARG A 413 51.78 16.45 -23.96
CA ARG A 413 50.87 17.44 -23.40
C ARG A 413 49.43 17.02 -23.67
N LEU A 414 48.49 17.60 -22.92
CA LEU A 414 47.10 17.13 -22.95
C LEU A 414 46.48 17.18 -24.35
N ASN A 415 47.00 18.03 -25.25
CA ASN A 415 46.44 18.12 -26.59
C ASN A 415 47.33 17.45 -27.65
N GLY A 416 48.02 16.37 -27.27
CA GLY A 416 48.72 15.52 -28.20
C GLY A 416 50.15 15.91 -28.53
N THR A 417 50.52 17.17 -28.33
CA THR A 417 51.83 17.64 -28.76
C THR A 417 52.93 17.11 -27.84
N MET A 418 54.16 17.08 -28.38
CA MET A 418 55.39 16.80 -27.64
C MET A 418 55.38 15.38 -27.06
N ARG A 419 55.49 14.42 -27.98
CA ARG A 419 55.55 13.01 -27.59
C ARG A 419 56.98 12.65 -27.21
N LYS A 420 57.12 11.90 -26.11
CA LYS A 420 58.43 11.49 -25.61
C LYS A 420 58.29 10.09 -25.02
N ILE A 421 59.16 9.18 -25.45
CA ILE A 421 59.11 7.80 -24.97
C ILE A 421 59.87 7.73 -23.66
N LEU A 422 59.17 7.36 -22.58
CA LEU A 422 59.79 7.33 -21.26
C LEU A 422 60.33 5.95 -20.90
N ILE A 423 59.45 4.95 -20.84
CA ILE A 423 59.80 3.61 -20.41
C ILE A 423 59.63 2.68 -21.59
N SER A 424 60.75 2.20 -22.14
CA SER A 424 60.74 1.33 -23.32
C SER A 424 61.13 -0.12 -23.02
N GLU A 425 62.14 -0.32 -22.18
CA GLU A 425 62.71 -1.64 -21.97
C GLU A 425 62.18 -2.28 -20.69
N ASP A 426 62.55 -3.55 -20.48
CA ASP A 426 62.24 -4.31 -19.28
C ASP A 426 60.75 -4.21 -18.91
N LEU A 427 59.88 -4.48 -19.88
CA LEU A 427 58.45 -4.35 -19.65
C LEU A 427 57.70 -5.44 -20.40
N GLU A 428 56.77 -6.11 -19.70
CA GLU A 428 56.07 -7.28 -20.23
C GLU A 428 54.57 -7.09 -20.05
N GLU A 429 53.90 -6.70 -21.13
CA GLU A 429 52.44 -6.51 -21.15
C GLU A 429 51.97 -5.57 -20.03
N PRO A 430 52.41 -4.32 -20.02
CA PRO A 430 51.99 -3.39 -18.98
C PRO A 430 50.65 -2.73 -19.29
N ARG A 431 49.92 -2.39 -18.24
CA ARG A 431 48.61 -1.78 -18.41
C ARG A 431 48.36 -0.58 -17.51
N ALA A 432 47.99 -0.83 -16.25
CA ALA A 432 47.46 0.22 -15.39
C ALA A 432 48.53 1.24 -15.04
N ILE A 433 48.09 2.48 -14.80
CA ILE A 433 49.01 3.56 -14.50
C ILE A 433 48.28 4.68 -13.77
N VAL A 434 48.82 5.09 -12.61
CA VAL A 434 48.34 6.23 -11.85
C VAL A 434 49.55 7.10 -11.53
N LEU A 435 49.28 8.35 -11.18
CA LEU A 435 50.32 9.34 -11.01
C LEU A 435 50.16 10.07 -9.68
N ASP A 436 51.27 10.66 -9.24
CA ASP A 436 51.28 11.49 -8.04
C ASP A 436 52.20 12.66 -8.33
N PRO A 437 51.66 13.76 -8.89
CA PRO A 437 52.53 14.85 -9.32
C PRO A 437 53.10 15.66 -8.15
N MET A 438 52.44 15.68 -6.99
CA MET A 438 52.99 16.41 -5.86
C MET A 438 54.31 15.82 -5.40
N VAL A 439 54.42 14.49 -5.37
CA VAL A 439 55.66 13.85 -4.95
C VAL A 439 56.58 13.57 -6.14
N GLY A 440 56.02 13.40 -7.34
CA GLY A 440 56.81 13.22 -8.54
C GLY A 440 57.17 11.77 -8.84
N TYR A 441 56.24 10.86 -8.57
CA TYR A 441 56.40 9.45 -8.89
C TYR A 441 55.25 9.00 -9.77
N MET A 442 55.56 8.09 -10.71
CA MET A 442 54.55 7.39 -11.48
C MET A 442 54.52 5.92 -11.05
N TYR A 443 53.34 5.32 -11.14
CA TYR A 443 53.14 3.93 -10.74
C TYR A 443 52.45 3.19 -11.87
N TRP A 444 52.80 1.92 -12.04
CA TRP A 444 52.19 1.10 -13.09
C TRP A 444 52.38 -0.37 -12.76
N THR A 445 51.63 -1.22 -13.48
CA THR A 445 51.69 -2.66 -13.32
C THR A 445 51.94 -3.30 -14.68
N ASP A 446 52.44 -4.54 -14.65
CA ASP A 446 52.47 -5.36 -15.86
C ASP A 446 51.92 -6.74 -15.52
N TRP A 447 52.10 -7.71 -16.41
CA TRP A 447 51.33 -8.93 -16.30
C TRP A 447 52.08 -10.06 -15.60
N GLY A 448 51.53 -11.27 -15.68
CA GLY A 448 51.83 -12.37 -14.78
C GLY A 448 53.16 -13.06 -14.97
N GLU A 449 53.84 -12.85 -16.10
CA GLU A 449 55.10 -13.53 -16.34
C GLU A 449 56.14 -13.10 -15.30
N ILE A 450 56.46 -11.82 -15.28
CA ILE A 450 57.26 -11.23 -14.21
C ILE A 450 56.39 -10.16 -13.56
N PRO A 451 55.38 -10.54 -12.77
CA PRO A 451 54.41 -9.55 -12.29
C PRO A 451 55.03 -8.61 -11.27
N LYS A 452 54.68 -7.33 -11.39
CA LYS A 452 55.28 -6.30 -10.55
C LYS A 452 54.41 -5.05 -10.58
N ILE A 453 54.65 -4.18 -9.63
CA ILE A 453 54.08 -2.84 -9.61
C ILE A 453 55.26 -1.88 -9.51
N GLU A 454 55.85 -1.54 -10.66
CA GLU A 454 57.04 -0.69 -10.66
C GLU A 454 56.67 0.76 -10.36
N ARG A 455 57.68 1.54 -9.99
CA ARG A 455 57.55 2.96 -9.71
C ARG A 455 58.77 3.69 -10.24
N ALA A 456 58.56 4.88 -10.79
CA ALA A 456 59.63 5.71 -11.30
C ALA A 456 59.21 7.17 -11.21
N ALA A 457 60.13 8.06 -11.57
CA ALA A 457 59.81 9.48 -11.65
C ALA A 457 59.11 9.78 -12.97
N LEU A 458 58.70 11.03 -13.14
CA LEU A 458 57.96 11.42 -14.34
C LEU A 458 58.85 11.59 -15.56
N ASP A 459 60.15 11.37 -15.43
CA ASP A 459 61.07 11.43 -16.56
C ASP A 459 61.60 10.06 -16.97
N GLY A 460 61.24 9.01 -16.24
CA GLY A 460 61.81 7.70 -16.48
C GLY A 460 63.08 7.42 -15.72
N SER A 461 63.28 8.05 -14.58
CA SER A 461 64.48 7.89 -13.78
C SER A 461 64.17 7.09 -12.52
N ASP A 462 65.25 6.66 -11.85
CA ASP A 462 65.24 5.84 -10.64
C ASP A 462 64.06 4.86 -10.58
N ARG A 463 63.88 4.07 -11.65
CA ARG A 463 62.82 3.07 -11.67
C ARG A 463 63.06 2.02 -10.59
N VAL A 464 62.26 2.07 -9.53
CA VAL A 464 62.37 1.13 -8.41
C VAL A 464 61.13 0.24 -8.40
N VAL A 465 61.35 -1.07 -8.51
CA VAL A 465 60.26 -2.04 -8.45
C VAL A 465 59.69 -2.03 -7.03
N LEU A 466 58.39 -1.74 -6.91
CA LEU A 466 57.79 -1.62 -5.59
C LEU A 466 57.44 -3.00 -5.01
N VAL A 467 56.59 -3.75 -5.70
CA VAL A 467 56.09 -5.03 -5.21
C VAL A 467 56.58 -6.14 -6.13
N ASN A 468 56.95 -7.28 -5.53
CA ASN A 468 57.36 -8.45 -6.31
C ASN A 468 56.71 -9.75 -5.86
N THR A 469 56.00 -9.78 -4.73
CA THR A 469 55.54 -11.02 -4.13
C THR A 469 54.02 -11.15 -4.25
N SER A 470 53.56 -12.39 -4.45
CA SER A 470 52.14 -12.74 -4.50
C SER A 470 51.37 -11.86 -5.49
N LEU A 471 51.91 -11.77 -6.71
CA LEU A 471 51.34 -10.96 -7.77
C LEU A 471 50.94 -11.89 -8.91
N GLY A 472 49.74 -11.67 -9.45
CA GLY A 472 49.26 -12.46 -10.56
C GLY A 472 48.88 -11.60 -11.75
N TRP A 473 47.67 -11.07 -11.73
CA TRP A 473 47.15 -10.22 -12.79
C TRP A 473 46.78 -8.85 -12.22
N PRO A 474 47.77 -8.02 -11.90
CA PRO A 474 47.45 -6.70 -11.36
C PRO A 474 46.93 -5.77 -12.44
N ASN A 475 45.61 -5.75 -12.62
CA ASN A 475 45.01 -4.98 -13.72
C ASN A 475 44.73 -3.53 -13.34
N GLY A 476 44.48 -3.25 -12.06
CA GLY A 476 44.11 -1.91 -11.64
C GLY A 476 45.01 -1.29 -10.59
N LEU A 477 44.99 0.03 -10.51
CA LEU A 477 45.83 0.77 -9.58
C LEU A 477 45.12 2.07 -9.22
N ALA A 478 45.32 2.52 -7.98
CA ALA A 478 44.72 3.76 -7.52
C ALA A 478 45.50 4.27 -6.31
N LEU A 479 45.40 5.58 -6.08
CA LEU A 479 46.13 6.23 -4.99
C LEU A 479 45.18 7.04 -4.12
N ASP A 480 45.40 6.98 -2.81
CA ASP A 480 44.70 7.83 -1.84
C ASP A 480 45.75 8.78 -1.29
N TYR A 481 45.81 10.00 -1.86
CA TYR A 481 46.91 10.91 -1.58
C TYR A 481 46.91 11.37 -0.12
N ASP A 482 45.72 11.59 0.44
CA ASP A 482 45.64 12.11 1.80
C ASP A 482 46.13 11.10 2.84
N GLU A 483 46.21 9.82 2.48
CA GLU A 483 46.65 8.79 3.42
C GLU A 483 47.93 8.10 2.97
N GLY A 484 48.60 8.62 1.95
CA GLY A 484 49.89 8.12 1.51
C GLY A 484 49.95 6.64 1.22
N LYS A 485 48.79 6.02 0.97
CA LYS A 485 48.70 4.61 0.65
C LYS A 485 48.17 4.44 -0.76
N ILE A 486 48.63 3.38 -1.43
CA ILE A 486 48.18 3.04 -2.78
C ILE A 486 47.42 1.73 -2.71
N TYR A 487 46.41 1.61 -3.57
CA TYR A 487 45.54 0.45 -3.61
C TYR A 487 45.68 -0.20 -4.98
N TRP A 488 45.71 -1.53 -5.01
CA TRP A 488 45.78 -2.25 -6.28
C TRP A 488 44.80 -3.42 -6.21
N GLY A 489 44.71 -4.15 -7.32
CA GLY A 489 43.77 -5.24 -7.42
C GLY A 489 44.18 -6.29 -8.42
N ASP A 490 43.97 -7.56 -8.07
CA ASP A 490 44.44 -8.69 -8.86
C ASP A 490 43.26 -9.54 -9.31
N ALA A 491 43.36 -10.04 -10.54
CA ALA A 491 42.33 -10.90 -11.13
C ALA A 491 42.72 -12.36 -11.14
N LYS A 492 44.01 -12.68 -11.20
CA LYS A 492 44.44 -14.07 -11.08
C LYS A 492 44.30 -14.57 -9.65
N THR A 493 44.81 -13.79 -8.68
CA THR A 493 44.65 -14.16 -7.28
C THR A 493 43.21 -14.00 -6.80
N ASP A 494 42.33 -13.44 -7.63
CA ASP A 494 40.92 -13.24 -7.29
C ASP A 494 40.80 -12.50 -5.95
N LYS A 495 41.60 -11.45 -5.80
CA LYS A 495 41.80 -10.82 -4.50
C LYS A 495 42.33 -9.42 -4.72
N ILE A 496 42.09 -8.55 -3.74
CA ILE A 496 42.47 -7.13 -3.83
C ILE A 496 43.00 -6.68 -2.48
N GLU A 497 44.16 -6.01 -2.49
CA GLU A 497 44.88 -5.65 -1.27
C GLU A 497 45.40 -4.23 -1.37
N VAL A 498 45.98 -3.75 -0.26
CA VAL A 498 46.41 -2.37 -0.11
C VAL A 498 47.86 -2.34 0.36
N MET A 499 48.51 -1.19 0.13
CA MET A 499 49.86 -0.96 0.63
C MET A 499 50.05 0.54 0.86
N ASN A 500 51.05 0.86 1.69
CA ASN A 500 51.49 2.23 1.90
C ASN A 500 52.68 2.51 0.97
N THR A 501 52.85 3.79 0.61
CA THR A 501 53.93 4.15 -0.29
C THR A 501 55.31 3.89 0.33
N ASP A 502 55.39 3.83 1.66
CA ASP A 502 56.63 3.45 2.33
C ASP A 502 56.92 1.96 2.23
N GLY A 503 55.96 1.18 1.74
CA GLY A 503 56.05 -0.27 1.83
C GLY A 503 55.85 -0.80 3.23
N THR A 504 54.99 -0.15 4.02
CA THR A 504 54.83 -0.50 5.42
C THR A 504 53.82 -1.63 5.55
N GLY A 505 52.53 -1.31 5.45
CA GLY A 505 51.49 -2.31 5.54
C GLY A 505 51.14 -2.87 4.18
N ARG A 506 50.73 -4.15 4.16
CA ARG A 506 50.31 -4.82 2.93
C ARG A 506 49.27 -5.87 3.33
N ARG A 507 48.05 -5.41 3.59
CA ARG A 507 46.96 -6.27 4.04
C ARG A 507 45.96 -6.47 2.90
N VAL A 508 45.36 -7.65 2.85
CA VAL A 508 44.29 -7.91 1.90
C VAL A 508 43.01 -7.26 2.39
N LEU A 509 42.30 -6.59 1.47
CA LEU A 509 41.05 -5.91 1.84
C LEU A 509 39.87 -6.85 1.74
N VAL A 510 39.54 -7.28 0.52
CA VAL A 510 38.48 -8.26 0.29
C VAL A 510 39.02 -9.40 -0.54
N GLU A 511 38.65 -10.63 -0.15
CA GLU A 511 39.14 -11.85 -0.78
C GLU A 511 38.02 -12.72 -1.33
N ASP A 512 36.78 -12.51 -0.90
CA ASP A 512 35.73 -13.51 -1.08
C ASP A 512 35.31 -13.70 -2.54
N LYS A 513 34.68 -12.70 -3.15
CA LYS A 513 34.05 -12.85 -4.47
C LYS A 513 34.53 -11.74 -5.39
N ILE A 514 35.81 -11.77 -5.73
CA ILE A 514 36.43 -10.82 -6.67
C ILE A 514 37.02 -11.63 -7.81
N PRO A 515 36.20 -12.23 -8.68
CA PRO A 515 36.76 -13.14 -9.69
C PRO A 515 37.67 -12.48 -10.70
N HIS A 516 37.43 -11.23 -11.08
CA HIS A 516 38.18 -10.65 -12.19
C HIS A 516 37.96 -9.15 -12.33
N ILE A 517 38.78 -8.34 -11.64
CA ILE A 517 38.64 -6.90 -11.70
C ILE A 517 39.56 -6.34 -12.77
N PHE A 518 38.98 -5.56 -13.69
CA PHE A 518 39.74 -4.78 -14.65
C PHE A 518 39.71 -3.29 -14.34
N GLY A 519 38.52 -2.71 -14.19
CA GLY A 519 38.43 -1.30 -13.81
C GLY A 519 38.67 -1.12 -12.32
N PHE A 520 39.31 0.00 -11.98
CA PHE A 520 39.76 0.21 -10.61
C PHE A 520 40.07 1.67 -10.37
N THR A 521 39.51 2.23 -9.30
CA THR A 521 39.74 3.63 -8.95
C THR A 521 39.42 3.83 -7.48
N LEU A 522 39.80 4.99 -6.97
CA LEU A 522 39.57 5.36 -5.59
C LEU A 522 39.13 6.82 -5.52
N LEU A 523 38.22 7.13 -4.59
CA LEU A 523 37.81 8.51 -4.35
C LEU A 523 37.18 8.59 -2.97
N GLY A 524 37.91 9.18 -2.02
CA GLY A 524 37.37 9.51 -0.71
C GLY A 524 36.64 8.42 0.06
N ASP A 525 37.40 7.52 0.68
CA ASP A 525 36.86 6.48 1.55
C ASP A 525 35.97 5.47 0.82
N TYR A 526 36.08 5.40 -0.50
CA TYR A 526 35.38 4.39 -1.28
C TYR A 526 36.26 3.98 -2.46
N VAL A 527 36.17 2.70 -2.82
CA VAL A 527 36.96 2.12 -3.91
C VAL A 527 36.00 1.40 -4.84
N TYR A 528 36.02 1.77 -6.12
CA TYR A 528 35.11 1.22 -7.10
C TYR A 528 35.88 0.31 -8.06
N TRP A 529 35.24 -0.79 -8.45
CA TRP A 529 35.89 -1.79 -9.28
C TRP A 529 34.88 -2.36 -10.28
N THR A 530 35.43 -2.83 -11.40
CA THR A 530 34.64 -3.34 -12.52
C THR A 530 35.00 -4.81 -12.73
N ASP A 531 34.09 -5.70 -12.32
CA ASP A 531 34.33 -7.14 -12.37
C ASP A 531 33.93 -7.72 -13.72
N TRP A 532 34.88 -8.34 -14.41
CA TRP A 532 34.57 -9.22 -15.52
C TRP A 532 34.10 -10.56 -14.96
N GLN A 533 33.33 -11.29 -15.78
CA GLN A 533 32.73 -12.58 -15.50
C GLN A 533 31.48 -12.40 -14.63
N ARG A 534 31.30 -11.24 -14.01
CA ARG A 534 30.09 -10.94 -13.27
C ARG A 534 29.37 -9.71 -13.81
N ARG A 535 30.01 -8.96 -14.72
CA ARG A 535 29.38 -7.85 -15.43
C ARG A 535 28.74 -6.86 -14.44
N SER A 536 29.39 -6.67 -13.31
CA SER A 536 28.84 -5.85 -12.23
C SER A 536 29.88 -4.83 -11.77
N ILE A 537 29.40 -3.83 -11.04
CA ILE A 537 30.23 -2.81 -10.42
C ILE A 537 29.80 -2.68 -8.98
N GLU A 538 30.77 -2.64 -8.06
CA GLU A 538 30.48 -2.43 -6.65
C GLU A 538 31.47 -1.43 -6.09
N ARG A 539 31.22 -1.02 -4.85
CA ARG A 539 32.10 -0.16 -4.09
C ARG A 539 32.49 -0.86 -2.79
N VAL A 540 33.62 -0.46 -2.22
CA VAL A 540 34.03 -0.94 -0.90
C VAL A 540 34.39 0.27 -0.04
N HIS A 541 33.97 0.23 1.23
CA HIS A 541 34.34 1.27 2.17
C HIS A 541 35.80 1.09 2.58
N LYS A 542 36.55 2.19 2.59
CA LYS A 542 37.98 2.14 2.85
C LYS A 542 38.29 1.61 4.25
N ARG A 543 37.94 2.39 5.28
CA ARG A 543 38.19 1.98 6.65
C ARG A 543 37.45 0.69 6.97
N SER A 544 36.16 0.62 6.61
CA SER A 544 35.37 -0.59 6.80
C SER A 544 35.69 -1.63 5.73
N ALA A 545 34.77 -2.55 5.51
CA ALA A 545 34.84 -3.43 4.35
C ALA A 545 33.48 -3.58 3.68
N GLU A 546 32.50 -2.76 4.06
CA GLU A 546 31.16 -2.87 3.49
C GLU A 546 31.20 -2.70 1.97
N ARG A 547 30.22 -3.31 1.31
CA ARG A 547 30.14 -3.29 -0.14
C ARG A 547 28.73 -2.94 -0.57
N GLU A 548 28.63 -2.34 -1.76
CA GLU A 548 27.35 -1.89 -2.27
C GLU A 548 27.35 -2.05 -3.78
N VAL A 549 26.48 -2.91 -4.29
CA VAL A 549 26.35 -3.07 -5.73
C VAL A 549 25.68 -1.82 -6.28
N ILE A 550 26.34 -1.17 -7.24
CA ILE A 550 25.83 0.09 -7.76
C ILE A 550 25.15 -0.11 -9.11
N ILE A 551 25.65 -1.07 -9.89
CA ILE A 551 24.97 -1.57 -11.09
C ILE A 551 25.46 -2.97 -11.38
N ASP A 552 24.55 -3.93 -11.44
CA ASP A 552 24.87 -5.30 -11.80
C ASP A 552 24.32 -5.61 -13.20
N GLN A 553 24.85 -6.68 -13.79
CA GLN A 553 24.46 -7.15 -15.12
C GLN A 553 24.57 -6.03 -16.15
N LEU A 554 25.82 -5.72 -16.49
CA LEU A 554 26.14 -4.77 -17.55
C LEU A 554 27.25 -5.34 -18.40
N PRO A 555 26.96 -5.76 -19.64
CA PRO A 555 27.97 -6.46 -20.44
C PRO A 555 29.06 -5.53 -20.95
N ASP A 556 30.16 -6.14 -21.40
CA ASP A 556 31.27 -5.44 -22.04
C ASP A 556 31.83 -4.32 -21.15
N LEU A 557 31.87 -4.59 -19.85
CA LEU A 557 32.46 -3.65 -18.90
C LEU A 557 33.98 -3.57 -19.09
N MET A 558 34.54 -2.37 -18.95
CA MET A 558 36.00 -2.24 -18.99
C MET A 558 36.56 -1.56 -17.75
N GLY A 559 36.74 -0.25 -17.82
CA GLY A 559 37.50 0.45 -16.80
C GLY A 559 36.85 1.78 -16.47
N LEU A 560 37.13 2.25 -15.26
CA LEU A 560 36.51 3.47 -14.78
C LEU A 560 37.47 4.19 -13.85
N LYS A 561 37.24 5.50 -13.71
CA LYS A 561 37.92 6.32 -12.71
C LYS A 561 36.93 7.31 -12.12
N ALA A 562 36.86 7.34 -10.80
CA ALA A 562 36.00 8.28 -10.10
C ALA A 562 36.78 9.54 -9.74
N THR A 563 36.10 10.69 -9.79
CA THR A 563 36.75 11.97 -9.63
C THR A 563 35.72 13.03 -9.30
N ASN A 564 36.21 14.19 -8.87
CA ASN A 564 35.38 15.35 -8.61
C ASN A 564 35.35 16.25 -9.84
N VAL A 565 34.28 17.04 -9.95
CA VAL A 565 34.11 17.99 -11.04
C VAL A 565 34.45 19.38 -10.52
N HIS A 566 35.36 20.07 -11.22
CA HIS A 566 35.75 21.45 -10.94
C HIS A 566 36.43 21.62 -9.59
N ARG A 567 36.90 20.54 -8.97
CA ARG A 567 37.72 20.62 -7.76
C ARG A 567 38.98 19.80 -7.97
N VAL A 568 40.13 20.44 -7.81
CA VAL A 568 41.42 19.78 -7.97
C VAL A 568 42.32 20.21 -6.83
N ILE A 569 43.30 19.35 -6.50
CA ILE A 569 44.25 19.61 -5.44
C ILE A 569 45.64 19.23 -5.91
N GLY A 570 46.64 19.86 -5.29
CA GLY A 570 48.02 19.55 -5.60
C GLY A 570 48.70 20.54 -6.52
N SER A 571 49.95 20.87 -6.23
CA SER A 571 50.72 21.77 -7.06
C SER A 571 52.20 21.43 -6.90
N ASN A 572 53.00 21.87 -7.88
CA ASN A 572 54.44 21.71 -7.87
C ASN A 572 55.04 22.71 -8.85
N PRO A 573 56.35 22.98 -8.75
CA PRO A 573 56.98 24.01 -9.59
C PRO A 573 56.60 24.00 -11.07
N CYS A 574 56.14 22.86 -11.61
CA CYS A 574 55.84 22.79 -13.04
C CYS A 574 54.62 23.62 -13.44
N ALA A 575 53.75 23.98 -12.49
CA ALA A 575 52.55 24.74 -12.85
C ALA A 575 52.89 26.17 -13.28
N GLU A 576 53.79 26.83 -12.57
CA GLU A 576 54.14 28.22 -12.85
C GLU A 576 54.85 28.33 -14.20
N GLU A 577 54.17 28.93 -15.17
CA GLU A 577 54.65 29.12 -16.55
C GLU A 577 55.42 27.90 -17.05
N ASN A 578 54.82 26.72 -16.85
CA ASN A 578 55.38 25.43 -17.27
C ASN A 578 56.78 25.19 -16.70
N GLY A 579 57.05 25.73 -15.52
CA GLY A 579 58.36 25.61 -14.92
C GLY A 579 59.49 26.17 -15.77
N GLY A 580 59.19 27.12 -16.64
CA GLY A 580 60.17 27.66 -17.56
C GLY A 580 60.56 26.75 -18.70
N CYS A 581 60.02 25.54 -18.76
CA CYS A 581 60.35 24.62 -19.84
C CYS A 581 59.69 25.07 -21.15
N SER A 582 60.44 24.93 -22.25
CA SER A 582 59.88 25.24 -23.57
C SER A 582 58.86 24.19 -24.02
N HIS A 583 59.01 22.94 -23.56
CA HIS A 583 58.12 21.88 -23.99
C HIS A 583 57.57 21.07 -22.81
N LEU A 584 58.40 20.20 -22.23
CA LEU A 584 57.94 19.26 -21.21
C LEU A 584 58.51 19.64 -19.85
N CYS A 585 57.67 19.56 -18.82
CA CYS A 585 58.07 19.81 -17.44
C CYS A 585 57.79 18.53 -16.65
N LEU A 586 58.82 17.72 -16.45
CA LEU A 586 58.71 16.41 -15.79
C LEU A 586 59.22 16.55 -14.36
N TYR A 587 58.30 16.69 -13.41
CA TYR A 587 58.67 16.89 -12.02
C TYR A 587 59.17 15.60 -11.38
N ARG A 588 60.03 15.75 -10.39
CA ARG A 588 60.57 14.65 -9.60
C ARG A 588 61.21 15.25 -8.37
N PRO A 589 61.34 14.47 -7.27
CA PRO A 589 61.81 15.04 -6.00
C PRO A 589 63.11 15.83 -6.11
N GLN A 590 63.98 15.48 -7.05
CA GLN A 590 65.20 16.24 -7.28
C GLN A 590 64.94 17.63 -7.86
N GLY A 591 63.69 17.97 -8.10
CA GLY A 591 63.35 19.16 -8.86
C GLY A 591 62.90 18.80 -10.28
N LEU A 592 62.24 19.76 -10.93
CA LEU A 592 61.74 19.51 -12.27
C LEU A 592 62.89 19.28 -13.24
N ARG A 593 62.55 18.77 -14.42
CA ARG A 593 63.53 18.49 -15.47
C ARG A 593 62.86 18.77 -16.81
N CYS A 594 63.31 19.82 -17.50
CA CYS A 594 62.76 20.12 -18.81
C CYS A 594 63.21 19.07 -19.82
N ALA A 595 62.31 18.74 -20.75
CA ALA A 595 62.55 17.66 -21.69
C ALA A 595 62.07 18.07 -23.07
N CYS A 596 62.78 17.58 -24.08
CA CYS A 596 62.46 17.82 -25.47
C CYS A 596 61.92 16.56 -26.11
N PRO A 597 61.09 16.68 -27.15
CA PRO A 597 60.67 15.49 -27.89
C PRO A 597 61.79 14.95 -28.77
N ILE A 598 61.45 14.08 -29.73
CA ILE A 598 62.43 13.57 -30.69
C ILE A 598 62.61 14.60 -31.80
N GLY A 599 63.82 14.64 -32.37
CA GLY A 599 64.18 15.64 -33.35
C GLY A 599 64.61 16.97 -32.77
N PHE A 600 64.32 17.23 -31.50
CA PHE A 600 64.82 18.38 -30.77
C PHE A 600 65.78 17.89 -29.70
N GLU A 601 66.66 18.78 -29.24
CA GLU A 601 67.58 18.47 -28.16
C GLU A 601 67.54 19.56 -27.10
N LEU A 602 68.06 19.22 -25.93
CA LEU A 602 68.07 20.13 -24.79
C LEU A 602 69.31 21.02 -24.88
N ILE A 603 69.13 22.30 -24.54
CA ILE A 603 70.17 23.31 -24.76
C ILE A 603 70.95 23.50 -23.47
N SER A 604 71.89 24.46 -23.47
CA SER A 604 72.78 24.64 -22.33
C SER A 604 72.03 25.05 -21.08
N ASP A 605 71.01 25.89 -21.22
CA ASP A 605 70.22 26.33 -20.06
C ASP A 605 69.35 25.24 -19.47
N MET A 606 69.25 24.08 -20.13
CA MET A 606 68.47 22.94 -19.64
C MET A 606 66.99 23.27 -19.49
N LYS A 607 66.48 24.15 -20.35
CA LYS A 607 65.08 24.56 -20.29
C LYS A 607 64.41 24.60 -21.66
N THR A 608 65.08 25.19 -22.65
CA THR A 608 64.50 25.35 -23.98
C THR A 608 64.85 24.17 -24.89
N CYS A 609 64.19 24.12 -26.05
CA CYS A 609 64.39 23.05 -27.01
C CYS A 609 64.36 23.62 -28.41
N ILE A 610 65.38 23.30 -29.22
CA ILE A 610 65.43 23.63 -30.64
C ILE A 610 66.01 22.44 -31.40
N VAL A 611 65.88 22.49 -32.72
CA VAL A 611 66.42 21.47 -33.61
C VAL A 611 67.93 21.62 -33.72
N PRO A 612 68.68 20.55 -34.01
CA PRO A 612 70.14 20.66 -34.17
C PRO A 612 70.55 21.43 -35.43
N ASP B 2 8.62 29.44 26.04
CA ASP B 2 8.12 28.68 27.19
C ASP B 2 6.97 27.76 26.79
N PRO B 3 7.30 26.61 26.21
CA PRO B 3 6.24 25.70 25.74
C PRO B 3 5.44 25.11 26.89
N LEU B 4 4.15 25.48 26.99
CA LEU B 4 3.26 24.88 27.96
C LEU B 4 2.76 23.52 27.45
N LEU B 5 2.87 22.50 28.29
CA LEU B 5 2.51 21.14 27.92
C LEU B 5 1.19 20.75 28.59
N LEU B 6 0.18 20.49 27.78
CA LEU B 6 -1.10 19.97 28.26
C LEU B 6 -1.10 18.47 28.11
N TYR B 7 -1.39 17.76 29.20
CA TYR B 7 -1.40 16.30 29.16
C TYR B 7 -2.51 15.75 30.04
N ALA B 8 -2.90 14.51 29.72
CA ALA B 8 -3.93 13.79 30.45
C ALA B 8 -3.29 12.81 31.43
N ASN B 9 -3.77 12.83 32.68
CA ASN B 9 -3.19 12.05 33.76
C ASN B 9 -4.16 11.00 34.30
N ARG B 10 -5.18 10.61 33.52
CA ARG B 10 -6.16 9.58 33.85
C ARG B 10 -7.19 10.07 34.87
N ARG B 11 -6.83 11.05 35.69
CA ARG B 11 -7.75 11.58 36.68
C ARG B 11 -7.95 13.08 36.55
N ASP B 12 -7.13 13.76 35.77
CA ASP B 12 -7.28 15.19 35.54
C ASP B 12 -6.44 15.54 34.32
N LEU B 13 -6.67 16.74 33.79
CA LEU B 13 -5.86 17.29 32.71
C LEU B 13 -4.99 18.37 33.31
N ARG B 14 -3.68 18.20 33.20
CA ARG B 14 -2.73 19.11 33.81
C ARG B 14 -2.01 19.92 32.74
N LEU B 15 -1.31 20.96 33.18
CA LEU B 15 -0.62 21.87 32.27
C LEU B 15 0.70 22.26 32.92
N VAL B 16 1.81 21.82 32.32
CA VAL B 16 3.14 22.06 32.86
C VAL B 16 3.80 23.19 32.09
N ASP B 17 4.78 23.81 32.72
CA ASP B 17 5.70 24.73 32.06
C ASP B 17 6.97 23.94 31.78
N ALA B 18 7.40 23.93 30.51
CA ALA B 18 8.55 23.09 30.17
C ALA B 18 9.87 23.69 30.68
N THR B 19 9.94 25.01 30.79
CA THR B 19 11.15 25.67 31.26
C THR B 19 11.38 25.40 32.74
N ASN B 20 10.53 25.96 33.59
CA ASN B 20 10.70 25.84 35.04
C ASN B 20 10.17 24.50 35.53
N GLU B 23 8.22 23.43 37.76
CA GLU B 23 7.56 24.07 38.89
C GLU B 23 6.37 23.22 39.33
N ASN B 24 5.24 23.87 39.59
CA ASN B 24 4.00 23.22 39.97
C ASN B 24 3.05 23.25 38.77
N ALA B 25 2.68 22.08 38.26
CA ALA B 25 1.81 21.99 37.11
C ALA B 25 0.37 22.22 37.52
N THR B 26 -0.29 23.16 36.85
CA THR B 26 -1.65 23.56 37.19
C THR B 26 -2.67 22.65 36.52
N ILE B 27 -3.68 22.23 37.30
CA ILE B 27 -4.71 21.33 36.82
C ILE B 27 -5.70 22.11 35.96
N VAL B 28 -6.03 21.57 34.79
CA VAL B 28 -7.04 22.19 33.94
C VAL B 28 -8.44 21.75 34.38
N VAL B 29 -8.69 20.45 34.34
CA VAL B 29 -9.99 19.89 34.71
C VAL B 29 -9.74 18.64 35.55
N GLY B 30 -10.26 18.63 36.77
CA GLY B 30 -10.14 17.48 37.65
C GLY B 30 -11.40 16.64 37.71
N GLY B 31 -11.35 15.60 38.54
CA GLY B 31 -12.48 14.73 38.76
C GLY B 31 -12.75 13.71 37.68
N LEU B 32 -11.89 13.61 36.67
CA LEU B 32 -12.06 12.62 35.63
C LEU B 32 -11.74 11.22 36.16
N GLU B 33 -12.29 10.21 35.49
CA GLU B 33 -12.07 8.83 35.91
C GLU B 33 -11.01 8.14 35.08
N ASP B 34 -10.94 8.41 33.77
CA ASP B 34 -9.89 7.84 32.94
C ASP B 34 -9.65 8.72 31.71
N ALA B 35 -9.16 9.95 31.95
CA ALA B 35 -8.80 10.85 30.87
C ALA B 35 -7.70 10.23 30.01
N ALA B 36 -8.04 9.88 28.77
CA ALA B 36 -7.12 9.16 27.89
C ALA B 36 -6.43 10.08 26.91
N ALA B 37 -7.09 10.40 25.80
CA ALA B 37 -6.53 11.27 24.79
C ALA B 37 -7.06 12.68 24.95
N VAL B 38 -6.34 13.64 24.39
CA VAL B 38 -6.69 15.05 24.52
C VAL B 38 -6.07 15.80 23.35
N ASP B 39 -6.83 16.75 22.81
CA ASP B 39 -6.31 17.76 21.91
C ASP B 39 -6.99 19.08 22.29
N PHE B 40 -6.80 20.10 21.48
CA PHE B 40 -7.39 21.39 21.79
C PHE B 40 -7.71 22.13 20.50
N VAL B 41 -8.48 23.21 20.65
CA VAL B 41 -8.86 24.10 19.56
C VAL B 41 -8.57 25.51 20.03
N PHE B 42 -7.31 25.93 19.91
CA PHE B 42 -6.85 27.13 20.61
C PHE B 42 -7.67 28.36 20.25
N SER B 43 -8.00 28.52 18.97
CA SER B 43 -8.78 29.68 18.53
C SER B 43 -10.10 29.78 19.28
N HIS B 44 -10.88 28.69 19.30
CA HIS B 44 -12.12 28.65 20.07
C HIS B 44 -11.88 28.56 21.57
N GLY B 45 -10.65 28.29 22.00
CA GLY B 45 -10.38 28.16 23.42
C GLY B 45 -10.99 26.92 24.05
N LEU B 46 -10.90 25.78 23.38
CA LEU B 46 -11.51 24.55 23.85
C LEU B 46 -10.44 23.50 24.13
N ILE B 47 -10.73 22.62 25.09
CA ILE B 47 -9.92 21.44 25.35
C ILE B 47 -10.84 20.23 25.30
N TYR B 48 -10.60 19.36 24.33
CA TYR B 48 -11.32 18.10 24.23
C TYR B 48 -10.48 16.99 24.85
N TRP B 49 -11.15 15.99 25.41
CA TRP B 49 -10.46 14.82 25.92
C TRP B 49 -11.41 13.63 25.90
N SER B 50 -10.83 12.45 26.08
CA SER B 50 -11.55 11.19 26.05
C SER B 50 -11.50 10.54 27.43
N ASP B 51 -12.34 9.53 27.61
CA ASP B 51 -12.48 8.87 28.90
C ASP B 51 -12.93 7.44 28.64
N VAL B 52 -11.98 6.49 28.70
CA VAL B 52 -12.29 5.12 28.34
C VAL B 52 -13.18 4.45 29.37
N SER B 53 -13.29 5.01 30.58
CA SER B 53 -14.14 4.44 31.62
C SER B 53 -15.53 5.05 31.61
N GLU B 54 -15.64 6.37 31.45
CA GLU B 54 -16.94 6.98 31.20
C GLU B 54 -17.43 6.70 29.78
N GLU B 55 -16.57 6.18 28.91
CA GLU B 55 -16.91 5.82 27.52
C GLU B 55 -17.50 7.02 26.78
N ALA B 56 -16.75 8.12 26.78
CA ALA B 56 -17.28 9.38 26.27
C ALA B 56 -16.13 10.32 25.96
N ILE B 57 -16.48 11.44 25.34
CA ILE B 57 -15.55 12.51 25.00
C ILE B 57 -16.17 13.82 25.48
N LYS B 58 -15.39 14.63 26.20
CA LYS B 58 -15.88 15.86 26.79
C LYS B 58 -15.04 17.04 26.35
N ARG B 59 -15.58 18.24 26.57
CA ARG B 59 -14.98 19.49 26.14
C ARG B 59 -15.16 20.53 27.23
N THR B 60 -14.27 21.52 27.25
CA THR B 60 -14.39 22.62 28.20
C THR B 60 -13.66 23.84 27.67
N GLU B 61 -14.13 25.02 28.07
CA GLU B 61 -13.51 26.30 27.70
C GLU B 61 -12.52 26.71 28.79
N PHE B 62 -11.23 26.69 28.46
CA PHE B 62 -10.22 26.95 29.48
C PHE B 62 -10.03 28.42 29.79
N ASN B 63 -10.43 29.34 28.90
CA ASN B 63 -10.25 30.76 29.21
C ASN B 63 -11.24 31.25 30.24
N LYS B 64 -12.46 30.73 30.24
CA LYS B 64 -13.49 31.13 31.19
C LYS B 64 -13.43 30.26 32.45
N THR B 65 -13.54 30.93 33.60
CA THR B 65 -13.51 30.27 34.89
C THR B 65 -14.83 29.55 35.15
N GLU B 66 -14.83 28.71 36.18
CA GLU B 66 -15.93 27.77 36.46
C GLU B 66 -16.26 26.97 35.21
N SER B 67 -15.21 26.56 34.50
CA SER B 67 -15.32 25.88 33.22
C SER B 67 -15.90 24.48 33.41
N VAL B 68 -17.25 24.43 33.48
CA VAL B 68 -17.92 23.14 33.60
C VAL B 68 -17.63 22.29 32.36
N GLN B 69 -17.63 20.98 32.55
CA GLN B 69 -17.45 20.06 31.43
C GLN B 69 -18.66 20.13 30.50
N ASN B 70 -18.50 19.54 29.32
CA ASN B 70 -19.57 19.47 28.33
C ASN B 70 -19.56 18.09 27.70
N VAL B 71 -20.57 17.28 28.02
CA VAL B 71 -20.67 15.95 27.41
C VAL B 71 -20.87 16.12 25.92
N VAL B 72 -19.93 15.58 25.13
CA VAL B 72 -19.96 15.71 23.68
C VAL B 72 -20.40 14.41 23.00
N VAL B 73 -19.87 13.28 23.44
CA VAL B 73 -20.19 11.98 22.85
C VAL B 73 -20.52 10.99 23.96
N SER B 74 -21.30 9.97 23.59
CA SER B 74 -21.59 8.83 24.45
C SER B 74 -22.14 7.70 23.59
N GLY B 75 -21.69 6.48 23.85
CA GLY B 75 -21.95 5.38 22.96
C GLY B 75 -20.66 4.81 22.38
N LEU B 76 -19.54 5.22 22.97
CA LEU B 76 -18.22 4.76 22.62
C LEU B 76 -17.82 3.59 23.51
N LEU B 77 -16.83 2.83 23.06
CA LEU B 77 -16.35 1.69 23.84
C LEU B 77 -14.97 1.91 24.43
N SER B 78 -13.96 2.26 23.62
CA SER B 78 -12.61 2.48 24.11
C SER B 78 -11.93 3.53 23.26
N PRO B 79 -12.31 4.81 23.43
CA PRO B 79 -11.70 5.88 22.62
C PRO B 79 -10.26 6.17 23.01
N ASP B 80 -9.32 5.53 22.31
CA ASP B 80 -7.91 5.62 22.66
C ASP B 80 -7.20 6.83 22.07
N GLY B 81 -7.79 7.49 21.08
CA GLY B 81 -7.11 8.59 20.42
C GLY B 81 -8.09 9.68 20.01
N LEU B 82 -7.55 10.90 19.90
CA LEU B 82 -8.37 12.06 19.63
C LEU B 82 -7.51 13.15 19.02
N ALA B 83 -8.06 13.84 18.03
CA ALA B 83 -7.41 14.99 17.42
C ALA B 83 -8.47 15.93 16.91
N CYS B 84 -8.26 17.23 17.14
CA CYS B 84 -9.21 18.26 16.75
C CYS B 84 -8.79 18.88 15.43
N ASP B 85 -9.78 19.19 14.59
CA ASP B 85 -9.56 19.84 13.31
C ASP B 85 -9.87 21.32 13.52
N TRP B 86 -8.81 22.11 13.73
CA TRP B 86 -8.95 23.52 14.05
C TRP B 86 -9.24 24.38 12.84
N LEU B 87 -9.51 23.79 11.69
CA LEU B 87 -9.86 24.54 10.50
C LEU B 87 -11.30 24.27 10.09
N GLY B 88 -11.64 23.03 9.77
CA GLY B 88 -13.01 22.72 9.45
C GLY B 88 -13.93 22.62 10.65
N GLU B 89 -13.42 22.94 11.85
CA GLU B 89 -14.21 22.92 13.08
C GLU B 89 -14.82 21.54 13.32
N LYS B 90 -14.02 20.50 13.10
CA LYS B 90 -14.44 19.11 13.19
C LYS B 90 -13.62 18.39 14.24
N LEU B 91 -14.04 17.17 14.57
CA LEU B 91 -13.45 16.40 15.67
C LEU B 91 -13.35 14.94 15.26
N TYR B 92 -12.14 14.40 15.27
CA TYR B 92 -11.88 13.02 14.89
C TYR B 92 -11.38 12.23 16.09
N TRP B 93 -11.79 10.96 16.17
CA TRP B 93 -11.35 10.08 17.24
C TRP B 93 -11.35 8.65 16.73
N THR B 94 -10.74 7.76 17.52
CA THR B 94 -10.63 6.34 17.20
C THR B 94 -11.25 5.51 18.31
N ASP B 95 -11.26 4.19 18.12
CA ASP B 95 -11.75 3.27 19.15
C ASP B 95 -11.13 1.90 18.90
N SER B 96 -10.28 1.45 19.82
CA SER B 96 -9.55 0.20 19.64
C SER B 96 -10.43 -1.03 19.78
N GLU B 97 -11.66 -0.89 20.30
CA GLU B 97 -12.55 -2.03 20.49
C GLU B 97 -13.53 -2.20 19.33
N THR B 98 -14.40 -1.20 19.10
CA THR B 98 -15.33 -1.28 17.97
C THR B 98 -14.64 -1.16 16.62
N ASN B 99 -13.37 -0.74 16.60
CA ASN B 99 -12.57 -0.67 15.39
C ASN B 99 -13.23 0.26 14.36
N ARG B 100 -13.20 1.55 14.68
CA ARG B 100 -13.73 2.57 13.79
C ARG B 100 -13.09 3.91 14.09
N ILE B 101 -13.19 4.81 13.12
CA ILE B 101 -12.68 6.18 13.20
C ILE B 101 -13.81 7.12 12.78
N GLU B 102 -14.43 7.79 13.74
CA GLU B 102 -15.56 8.65 13.47
C GLU B 102 -15.12 10.11 13.35
N VAL B 103 -16.07 10.96 12.98
CA VAL B 103 -15.85 12.40 12.83
C VAL B 103 -17.18 13.10 13.11
N SER B 104 -17.10 14.28 13.71
CA SER B 104 -18.31 15.03 14.04
C SER B 104 -17.96 16.51 14.09
N ASN B 105 -18.99 17.33 14.26
CA ASN B 105 -18.78 18.73 14.58
C ASN B 105 -18.23 18.86 15.99
N LEU B 106 -17.89 20.10 16.36
CA LEU B 106 -17.38 20.33 17.71
C LEU B 106 -18.46 20.09 18.75
N ASP B 107 -19.71 20.43 18.43
CA ASP B 107 -20.81 20.23 19.35
C ASP B 107 -21.33 18.80 19.30
N GLY B 108 -20.48 17.86 18.92
CA GLY B 108 -20.86 16.46 18.87
C GLY B 108 -21.92 16.10 17.85
N SER B 109 -22.39 17.04 17.05
CA SER B 109 -23.44 16.73 16.10
C SER B 109 -22.86 16.13 14.82
N LEU B 110 -23.70 15.38 14.11
CA LEU B 110 -23.38 14.84 12.80
C LEU B 110 -22.24 13.83 12.87
N ARG B 111 -22.40 12.82 13.71
CA ARG B 111 -21.42 11.75 13.79
C ARG B 111 -21.42 10.96 12.49
N LYS B 112 -20.25 10.85 11.86
CA LYS B 112 -20.05 10.00 10.69
C LYS B 112 -18.89 9.05 10.95
N VAL B 113 -19.12 7.77 10.67
CA VAL B 113 -18.06 6.77 10.69
C VAL B 113 -17.28 6.90 9.39
N LEU B 114 -16.00 7.28 9.48
CA LEU B 114 -15.18 7.41 8.30
C LEU B 114 -14.50 6.11 7.90
N PHE B 115 -14.16 5.26 8.86
CA PHE B 115 -13.49 4.00 8.55
C PHE B 115 -13.92 2.94 9.56
N TRP B 116 -14.13 1.71 9.07
CA TRP B 116 -14.30 0.56 9.94
C TRP B 116 -13.58 -0.67 9.44
N GLN B 117 -12.96 -0.64 8.27
CA GLN B 117 -12.33 -1.81 7.68
C GLN B 117 -10.85 -1.84 8.04
N GLU B 118 -10.32 -3.05 8.23
CA GLU B 118 -8.90 -3.28 8.45
C GLU B 118 -8.34 -2.36 9.52
N LEU B 119 -9.04 -2.29 10.66
CA LEU B 119 -8.61 -1.54 11.83
C LEU B 119 -8.59 -2.49 13.02
N ASP B 120 -7.39 -2.90 13.44
CA ASP B 120 -7.27 -3.86 14.54
C ASP B 120 -7.40 -3.16 15.89
N GLN B 121 -6.37 -2.41 16.27
CA GLN B 121 -6.37 -1.64 17.51
C GLN B 121 -5.75 -0.28 17.23
N PRO B 122 -6.52 0.62 16.61
CA PRO B 122 -5.99 1.96 16.34
C PRO B 122 -5.71 2.74 17.62
N ARG B 123 -4.70 3.60 17.54
CA ARG B 123 -4.24 4.33 18.72
C ARG B 123 -4.30 5.83 18.49
N ALA B 124 -3.22 6.43 18.01
CA ALA B 124 -3.06 7.88 18.00
C ALA B 124 -3.36 8.43 16.62
N ILE B 125 -3.83 9.67 16.58
CA ILE B 125 -4.29 10.30 15.34
C ILE B 125 -3.85 11.76 15.34
N ALA B 126 -3.45 12.24 14.16
CA ALA B 126 -2.99 13.62 13.99
C ALA B 126 -3.52 14.17 12.67
N LEU B 127 -3.62 15.49 12.60
CA LEU B 127 -4.27 16.15 11.48
C LEU B 127 -3.35 17.17 10.83
N ASP B 128 -3.67 17.51 9.58
CA ASP B 128 -3.00 18.58 8.84
C ASP B 128 -4.02 19.24 7.94
N PRO B 129 -4.93 20.03 8.51
CA PRO B 129 -6.06 20.56 7.71
C PRO B 129 -5.64 21.48 6.58
N SER B 130 -4.48 22.12 6.67
CA SER B 130 -4.03 22.97 5.56
C SER B 130 -3.79 22.17 4.29
N SER B 131 -3.57 20.86 4.41
CA SER B 131 -3.48 19.96 3.28
C SER B 131 -4.68 19.03 3.14
N GLY B 132 -5.32 18.69 4.25
CA GLY B 132 -6.46 17.80 4.23
C GLY B 132 -6.10 16.34 4.42
N PHE B 133 -5.11 16.08 5.27
CA PHE B 133 -4.61 14.74 5.51
C PHE B 133 -4.63 14.43 7.01
N MET B 134 -5.30 13.33 7.37
CA MET B 134 -5.23 12.79 8.71
C MET B 134 -4.22 11.64 8.74
N TYR B 135 -3.55 11.49 9.88
CA TYR B 135 -2.56 10.44 10.07
C TYR B 135 -2.88 9.71 11.37
N TRP B 136 -2.77 8.39 11.34
CA TRP B 136 -3.01 7.63 12.55
C TRP B 136 -2.17 6.36 12.54
N THR B 137 -2.17 5.66 13.67
CA THR B 137 -1.39 4.45 13.85
C THR B 137 -2.31 3.30 14.26
N ASP B 138 -1.80 2.09 14.11
CA ASP B 138 -2.49 0.89 14.54
C ASP B 138 -1.45 -0.16 14.87
N TRP B 139 -1.59 -0.78 16.04
CA TRP B 139 -0.67 -1.79 16.55
C TRP B 139 -1.41 -3.12 16.66
N GLY B 140 -0.68 -4.17 17.00
CA GLY B 140 -1.27 -5.49 17.12
C GLY B 140 -0.96 -6.36 15.91
N GLU B 141 -2.00 -6.96 15.32
CA GLU B 141 -1.80 -7.97 14.28
C GLU B 141 -0.98 -7.42 13.12
N VAL B 142 -1.41 -6.29 12.56
CA VAL B 142 -0.65 -5.66 11.47
C VAL B 142 -0.28 -4.25 11.89
N PRO B 143 0.84 -4.07 12.60
CA PRO B 143 1.25 -2.71 12.98
C PRO B 143 1.51 -1.86 11.74
N LYS B 144 0.96 -0.65 11.75
CA LYS B 144 0.98 0.19 10.56
C LYS B 144 0.68 1.62 10.95
N ILE B 145 1.09 2.55 10.09
CA ILE B 145 0.75 3.96 10.21
C ILE B 145 0.07 4.34 8.91
N GLU B 146 -1.22 4.64 8.97
CA GLU B 146 -1.98 4.98 7.79
C GLU B 146 -2.12 6.50 7.68
N ARG B 147 -2.33 6.96 6.45
CA ARG B 147 -2.71 8.33 6.20
C ARG B 147 -3.85 8.35 5.19
N ALA B 148 -4.71 9.36 5.31
CA ALA B 148 -5.88 9.46 4.46
C ALA B 148 -6.37 10.90 4.47
N GLY B 149 -7.26 11.20 3.53
CA GLY B 149 -7.90 12.50 3.53
C GLY B 149 -8.86 12.61 4.70
N MET B 150 -8.96 13.83 5.24
CA MET B 150 -9.89 14.08 6.33
C MET B 150 -11.35 13.93 5.89
N ASP B 151 -11.60 13.72 4.61
CA ASP B 151 -12.93 13.44 4.09
C ASP B 151 -13.24 11.96 4.00
N GLY B 152 -12.28 11.10 4.31
CA GLY B 152 -12.48 9.66 4.22
C GLY B 152 -12.03 9.03 2.93
N SER B 153 -11.20 9.71 2.15
CA SER B 153 -10.72 9.22 0.86
C SER B 153 -9.21 9.04 0.88
N SER B 154 -8.71 8.41 -0.19
CA SER B 154 -7.28 8.15 -0.42
C SER B 154 -6.59 7.63 0.85
N ARG B 155 -7.13 6.54 1.37
CA ARG B 155 -6.53 5.86 2.53
C ARG B 155 -5.43 4.93 2.02
N PHE B 156 -4.19 5.22 2.43
CA PHE B 156 -3.03 4.42 2.03
C PHE B 156 -2.15 4.13 3.22
N ILE B 157 -1.73 2.88 3.35
CA ILE B 157 -0.78 2.51 4.39
C ILE B 157 0.58 3.09 4.05
N ILE B 158 1.09 3.98 4.91
CA ILE B 158 2.33 4.70 4.61
C ILE B 158 3.53 4.18 5.40
N ILE B 159 3.32 3.30 6.38
CA ILE B 159 4.41 2.64 7.11
C ILE B 159 4.02 1.19 7.35
N ASN B 160 4.93 0.27 7.01
CA ASN B 160 4.68 -1.13 7.30
C ASN B 160 5.93 -1.90 7.67
N SER B 161 7.12 -1.31 7.60
CA SER B 161 8.37 -2.00 7.86
C SER B 161 9.00 -1.50 9.15
N GLU B 162 9.48 -2.43 9.96
CA GLU B 162 10.12 -2.14 11.25
C GLU B 162 9.22 -1.25 12.11
N ILE B 163 8.16 -1.87 12.60
CA ILE B 163 7.16 -1.18 13.42
C ILE B 163 6.33 -2.24 14.12
N TYR B 164 6.06 -2.01 15.41
CA TYR B 164 5.33 -2.99 16.21
C TYR B 164 4.35 -2.32 17.14
N TRP B 165 4.80 -1.33 17.91
CA TRP B 165 3.96 -0.62 18.87
C TRP B 165 4.09 0.89 18.64
N PRO B 166 3.48 1.40 17.55
CA PRO B 166 3.54 2.84 17.25
C PRO B 166 2.53 3.63 18.08
N ASN B 167 2.91 3.91 19.34
CA ASN B 167 1.96 4.48 20.28
C ASN B 167 1.76 5.98 20.05
N GLY B 168 2.83 6.74 19.83
CA GLY B 168 2.71 8.17 19.71
C GLY B 168 3.01 8.67 18.31
N LEU B 169 2.51 9.86 17.97
CA LEU B 169 2.60 10.37 16.61
C LEU B 169 2.28 11.85 16.59
N THR B 170 3.07 12.63 15.83
CA THR B 170 2.82 14.05 15.70
C THR B 170 3.53 14.56 14.45
N LEU B 171 3.28 15.83 14.12
CA LEU B 171 3.76 16.46 12.91
C LEU B 171 4.64 17.67 13.25
N ASP B 172 5.54 18.01 12.33
CA ASP B 172 6.34 19.24 12.42
C ASP B 172 5.93 20.11 11.25
N TYR B 173 4.86 20.90 11.45
CA TYR B 173 4.30 21.68 10.35
C TYR B 173 5.31 22.65 9.75
N GLU B 174 6.21 23.20 10.57
CA GLU B 174 7.18 24.15 10.05
C GLU B 174 8.16 23.49 9.08
N GLU B 175 8.45 22.21 9.28
CA GLU B 175 9.39 21.48 8.43
C GLU B 175 8.70 20.40 7.60
N GLN B 176 7.39 20.22 7.75
CA GLN B 176 6.60 19.25 7.00
C GLN B 176 7.19 17.84 7.08
N LYS B 177 7.24 17.33 8.31
CA LYS B 177 7.76 15.99 8.59
C LYS B 177 6.83 15.30 9.57
N LEU B 178 7.09 14.02 9.82
CA LEU B 178 6.21 13.18 10.64
C LEU B 178 7.02 12.44 11.69
N TYR B 179 6.72 12.68 12.97
CA TYR B 179 7.40 12.04 14.09
C TYR B 179 6.46 11.06 14.77
N TRP B 180 6.92 9.82 14.93
CA TRP B 180 6.18 8.84 15.71
C TRP B 180 7.17 8.08 16.59
N ALA B 181 6.63 7.38 17.60
CA ALA B 181 7.43 6.68 18.58
C ALA B 181 6.92 5.25 18.76
N ASP B 182 7.83 4.29 18.74
CA ASP B 182 7.49 2.87 18.87
C ASP B 182 7.85 2.40 20.27
N ALA B 183 6.87 1.83 20.97
CA ALA B 183 7.04 1.49 22.37
C ALA B 183 7.77 0.17 22.56
N LYS B 184 7.65 -0.76 21.61
CA LYS B 184 8.34 -2.03 21.72
C LYS B 184 9.70 -1.99 21.03
N LEU B 185 9.75 -1.50 19.80
CA LEU B 185 11.00 -1.44 19.06
C LEU B 185 11.95 -0.37 19.59
N ASN B 186 11.50 0.48 20.51
CA ASN B 186 12.36 1.33 21.31
C ASN B 186 13.16 2.29 20.43
N PHE B 187 12.43 3.21 19.80
CA PHE B 187 13.05 4.30 19.05
C PHE B 187 12.00 5.35 18.73
N ILE B 188 12.47 6.45 18.14
CA ILE B 188 11.62 7.49 17.56
C ILE B 188 12.22 7.87 16.21
N HIS B 189 11.44 7.72 15.15
CA HIS B 189 11.87 8.05 13.80
C HIS B 189 11.07 9.23 13.27
N LYS B 190 11.63 9.88 12.26
CA LYS B 190 10.96 10.94 11.54
C LYS B 190 10.80 10.53 10.08
N SER B 191 9.93 11.23 9.37
CA SER B 191 9.66 10.91 7.97
C SER B 191 8.94 12.08 7.32
N ASN B 192 9.00 12.12 6.00
CA ASN B 192 8.17 13.03 5.23
C ASN B 192 6.72 12.59 5.27
N LEU B 193 5.83 13.49 4.83
CA LEU B 193 4.40 13.26 4.99
C LEU B 193 3.87 12.10 4.15
N ASP B 194 4.72 11.37 3.42
CA ASP B 194 4.30 10.18 2.71
C ASP B 194 4.99 8.91 3.17
N GLY B 195 6.12 9.01 3.85
CA GLY B 195 6.87 7.85 4.28
C GLY B 195 8.30 7.80 3.76
N THR B 196 8.71 8.71 2.90
CA THR B 196 10.04 8.68 2.32
C THR B 196 11.07 9.31 3.25
N ASN B 197 12.32 8.87 3.10
CA ASN B 197 13.45 9.35 3.89
C ASN B 197 13.20 9.16 5.39
N ARG B 198 12.76 7.96 5.75
CA ARG B 198 12.62 7.59 7.15
C ARG B 198 14.00 7.46 7.78
N GLN B 199 14.39 8.46 8.56
CA GLN B 199 15.70 8.50 9.20
C GLN B 199 15.54 8.47 10.72
N ALA B 200 16.57 7.99 11.40
CA ALA B 200 16.51 7.77 12.84
C ALA B 200 16.72 9.08 13.61
N VAL B 201 16.08 9.16 14.78
CA VAL B 201 16.22 10.31 15.66
C VAL B 201 16.78 9.88 17.00
N VAL B 202 15.99 9.14 17.77
CA VAL B 202 16.40 8.59 19.06
C VAL B 202 16.41 7.08 18.94
N LYS B 203 17.58 6.47 19.15
CA LYS B 203 17.75 5.06 18.90
C LYS B 203 17.57 4.18 20.13
N GLY B 204 18.12 4.59 21.29
CA GLY B 204 18.03 3.82 22.50
C GLY B 204 17.25 4.55 23.58
N SER B 205 17.17 3.89 24.73
CA SER B 205 16.76 4.54 25.98
C SER B 205 15.32 5.04 25.90
N LEU B 206 14.40 4.11 25.67
CA LEU B 206 12.97 4.41 25.65
C LEU B 206 12.19 3.25 26.28
N PRO B 207 11.80 3.37 27.55
CA PRO B 207 11.14 2.25 28.23
C PRO B 207 9.80 1.89 27.61
N HIS B 208 8.88 2.87 27.56
CA HIS B 208 7.53 2.63 27.06
C HIS B 208 6.80 3.93 26.78
N PRO B 209 7.11 4.63 25.70
CA PRO B 209 6.42 5.89 25.39
C PRO B 209 4.99 5.64 24.93
N PHE B 210 4.18 6.70 25.02
CA PHE B 210 2.77 6.58 24.63
C PHE B 210 2.30 7.70 23.71
N ALA B 211 2.66 8.95 23.99
CA ALA B 211 2.19 10.04 23.16
C ALA B 211 3.32 11.02 22.93
N LEU B 212 3.51 11.44 21.68
CA LEU B 212 4.59 12.32 21.28
C LEU B 212 4.04 13.65 20.82
N THR B 213 4.74 14.74 21.16
CA THR B 213 4.39 16.07 20.68
C THR B 213 5.67 16.86 20.48
N LEU B 214 5.55 17.96 19.74
CA LEU B 214 6.71 18.68 19.22
C LEU B 214 6.50 20.17 19.42
N PHE B 215 7.60 20.89 19.63
CA PHE B 215 7.55 22.34 19.71
C PHE B 215 8.96 22.90 19.52
N GLU B 216 9.08 23.87 18.62
CA GLU B 216 10.35 24.52 18.28
C GLU B 216 11.29 23.42 17.78
N ASP B 217 12.51 23.30 18.31
CA ASP B 217 13.42 22.23 17.94
C ASP B 217 13.52 21.16 19.02
N ILE B 218 12.49 21.03 19.85
CA ILE B 218 12.53 20.15 21.02
C ILE B 218 11.34 19.21 20.96
N LEU B 219 11.59 17.93 21.22
CA LEU B 219 10.53 16.93 21.28
C LEU B 219 10.07 16.75 22.73
N TYR B 220 8.84 16.25 22.88
CA TYR B 220 8.26 16.00 24.20
C TYR B 220 7.36 14.78 24.10
N TRP B 221 7.46 13.88 25.06
CA TRP B 221 6.58 12.71 25.05
C TRP B 221 6.41 12.17 26.47
N THR B 222 5.35 11.38 26.63
CA THR B 222 5.05 10.69 27.88
C THR B 222 5.62 9.27 27.84
N ASP B 223 5.95 8.75 29.02
CA ASP B 223 6.42 7.39 29.17
C ASP B 223 5.65 6.72 30.30
N TRP B 224 5.31 5.45 30.10
CA TRP B 224 4.47 4.74 31.05
C TRP B 224 5.27 4.07 32.16
N SER B 225 6.36 3.38 31.82
CA SER B 225 7.12 2.65 32.82
C SER B 225 7.91 3.57 33.74
N THR B 226 8.07 4.84 33.38
CA THR B 226 8.76 5.81 34.23
C THR B 226 7.81 6.81 34.88
N HIS B 227 6.57 6.92 34.41
CA HIS B 227 5.61 7.91 34.90
C HIS B 227 6.24 9.32 34.89
N SER B 228 6.62 9.74 33.68
CA SER B 228 7.33 11.01 33.51
C SER B 228 7.14 11.49 32.08
N ILE B 229 7.69 12.67 31.79
CA ILE B 229 7.66 13.29 30.47
C ILE B 229 9.09 13.55 30.04
N LEU B 230 9.55 12.84 29.02
CA LEU B 230 10.90 13.06 28.50
C LEU B 230 10.89 14.17 27.44
N ALA B 231 12.10 14.58 27.04
CA ALA B 231 12.27 15.65 26.08
C ALA B 231 13.68 15.59 25.52
N CYS B 232 13.80 15.65 24.19
CA CYS B 232 15.10 15.60 23.53
C CYS B 232 15.10 16.59 22.37
N ASN B 233 16.20 16.62 21.63
CA ASN B 233 16.33 17.49 20.47
C ASN B 233 15.64 16.86 19.27
N LYS B 234 15.00 17.69 18.46
CA LYS B 234 14.17 17.20 17.37
C LYS B 234 15.00 16.60 16.24
N TYR B 235 16.15 17.20 15.94
CA TYR B 235 16.93 16.76 14.78
C TYR B 235 17.85 15.59 15.13
N THR B 236 18.68 15.74 16.16
CA THR B 236 19.70 14.74 16.46
C THR B 236 19.27 13.71 17.50
N GLY B 237 18.28 14.02 18.34
CA GLY B 237 17.91 13.12 19.40
C GLY B 237 18.82 13.19 20.61
N GLU B 238 19.78 14.10 20.61
CA GLU B 238 20.75 14.24 21.68
C GLU B 238 20.13 14.99 22.85
N GLY B 239 20.68 14.76 24.05
CA GLY B 239 20.24 15.51 25.21
C GLY B 239 18.93 15.00 25.77
N LEU B 240 18.86 13.72 26.09
CA LEU B 240 17.64 13.12 26.63
C LEU B 240 17.43 13.58 28.06
N ARG B 241 16.29 14.24 28.31
CA ARG B 241 16.02 14.91 29.58
C ARG B 241 14.71 14.42 30.18
N GLU B 242 14.58 14.63 31.48
CA GLU B 242 13.31 14.53 32.19
C GLU B 242 12.77 15.94 32.43
N ILE B 243 11.48 16.14 32.12
CA ILE B 243 10.88 17.46 32.26
C ILE B 243 9.87 17.53 33.39
N HIS B 244 9.15 16.44 33.69
CA HIS B 244 8.15 16.47 34.75
C HIS B 244 8.01 15.06 35.31
N SER B 245 8.35 14.89 36.58
CA SER B 245 8.38 13.57 37.20
C SER B 245 7.24 13.46 38.21
N ASP B 246 7.11 12.27 38.80
CA ASP B 246 6.06 11.96 39.78
C ASP B 246 4.67 12.23 39.19
N ILE B 247 4.40 11.61 38.05
CA ILE B 247 3.09 11.73 37.41
C ILE B 247 2.26 10.50 37.78
N PHE B 248 0.97 10.72 37.98
CA PHE B 248 0.06 9.63 38.35
C PHE B 248 0.07 8.56 37.27
N SER B 249 -0.55 8.85 36.13
CA SER B 249 -0.49 7.97 34.98
C SER B 249 -0.64 8.82 33.73
N PRO B 250 0.47 9.26 33.15
CA PRO B 250 0.39 10.18 32.02
C PRO B 250 -0.09 9.47 30.77
N MET B 251 -0.83 10.21 29.93
CA MET B 251 -1.38 9.62 28.72
C MET B 251 -1.01 10.43 27.48
N ASP B 252 -1.86 11.35 27.08
CA ASP B 252 -1.70 12.04 25.81
C ASP B 252 -1.32 13.50 26.09
N ILE B 253 -0.43 14.04 25.27
CA ILE B 253 0.18 15.34 25.52
C ILE B 253 0.28 16.09 24.21
N HIS B 254 0.04 17.40 24.26
CA HIS B 254 0.25 18.29 23.14
C HIS B 254 1.00 19.53 23.61
N ALA B 255 1.78 20.11 22.70
CA ALA B 255 2.30 21.45 22.94
C ALA B 255 1.13 22.43 22.89
N PHE B 256 0.93 23.17 23.97
CA PHE B 256 -0.22 24.05 24.11
C PHE B 256 0.23 25.47 23.75
N SER B 257 0.05 25.83 22.48
CA SER B 257 0.37 27.16 22.00
C SER B 257 -0.36 27.38 20.69
N GLN B 258 -0.70 28.64 20.41
CA GLN B 258 -1.37 28.96 19.15
C GLN B 258 -0.51 28.63 17.95
N GLN B 259 0.82 28.62 18.12
CA GLN B 259 1.75 28.33 17.04
C GLN B 259 1.76 26.86 16.62
N ARG B 260 0.88 26.00 17.13
CA ARG B 260 0.79 24.61 16.70
C ARG B 260 -0.50 24.32 15.95
N GLN B 261 -1.30 25.34 15.68
CA GLN B 261 -2.51 25.23 14.86
C GLN B 261 -2.52 26.39 13.88
N PRO B 262 -1.64 26.36 12.87
CA PRO B 262 -1.38 27.56 12.07
C PRO B 262 -2.62 28.09 11.37
N ASN B 263 -2.73 29.41 11.34
CA ASN B 263 -3.83 30.07 10.65
C ASN B 263 -3.78 29.76 9.16
N ALA B 264 -4.91 29.29 8.62
CA ALA B 264 -5.00 28.96 7.20
C ALA B 264 -6.40 29.26 6.71
N THR B 265 -6.54 29.33 5.39
CA THR B 265 -7.81 29.69 4.77
C THR B 265 -8.69 28.46 4.64
N ASN B 266 -9.96 28.61 5.03
CA ASN B 266 -10.89 27.50 5.01
C ASN B 266 -11.52 27.39 3.61
N PRO B 267 -11.41 26.25 2.93
CA PRO B 267 -12.10 26.11 1.64
C PRO B 267 -13.62 26.11 1.78
N CYS B 268 -14.16 25.71 2.93
CA CYS B 268 -15.60 25.74 3.13
C CYS B 268 -16.14 27.15 3.18
N GLY B 269 -15.29 28.14 3.44
CA GLY B 269 -15.69 29.54 3.43
C GLY B 269 -16.77 29.85 4.45
N ILE B 270 -17.58 30.85 4.12
CA ILE B 270 -18.66 31.26 5.01
C ILE B 270 -19.89 30.38 4.79
N ASP B 271 -20.15 29.98 3.55
CA ASP B 271 -21.33 29.22 3.18
C ASP B 271 -21.23 27.73 3.50
N ASN B 272 -20.36 27.35 4.45
CA ASN B 272 -20.15 25.95 4.82
C ASN B 272 -19.81 25.09 3.59
N GLY B 273 -19.14 25.70 2.61
CA GLY B 273 -18.81 25.00 1.38
C GLY B 273 -20.02 24.58 0.59
N GLY B 274 -21.19 25.12 0.93
CA GLY B 274 -22.43 24.70 0.32
C GLY B 274 -22.98 23.39 0.82
N CYS B 275 -22.26 22.70 1.70
CA CYS B 275 -22.72 21.42 2.19
C CYS B 275 -23.95 21.58 3.07
N SER B 276 -24.87 20.63 2.98
CA SER B 276 -26.08 20.68 3.81
C SER B 276 -25.76 20.41 5.28
N HIS B 277 -24.82 19.48 5.54
CA HIS B 277 -24.52 19.09 6.91
C HIS B 277 -23.04 19.25 7.23
N LEU B 278 -22.21 18.35 6.71
CA LEU B 278 -20.80 18.26 7.09
C LEU B 278 -19.92 18.76 5.96
N CYS B 279 -19.02 19.70 6.27
CA CYS B 279 -18.04 20.20 5.31
C CYS B 279 -16.65 19.76 5.80
N LEU B 280 -16.25 18.56 5.38
CA LEU B 280 -14.98 17.99 5.79
C LEU B 280 -13.84 18.45 4.87
N MET B 281 -12.62 18.43 5.43
CA MET B 281 -11.43 18.76 4.65
C MET B 281 -11.07 17.62 3.69
N SER B 282 -10.45 17.98 2.57
CA SER B 282 -10.08 17.03 1.53
C SER B 282 -8.77 17.47 0.91
N PRO B 283 -7.96 16.53 0.37
CA PRO B 283 -6.71 16.92 -0.29
C PRO B 283 -6.90 17.29 -1.77
N VAL B 284 -7.84 16.64 -2.43
CA VAL B 284 -8.12 16.92 -3.83
C VAL B 284 -8.90 18.21 -3.94
N LYS B 285 -8.69 18.94 -5.04
CA LYS B 285 -9.52 20.10 -5.31
C LYS B 285 -11.00 19.69 -5.23
N PRO B 286 -11.90 20.56 -4.72
CA PRO B 286 -11.70 21.93 -4.23
C PRO B 286 -11.29 22.00 -2.77
N PHE B 287 -10.71 20.91 -2.25
CA PHE B 287 -10.13 20.75 -0.92
C PHE B 287 -11.19 20.49 0.14
N TYR B 288 -12.46 20.35 -0.23
CA TYR B 288 -13.48 19.86 0.68
C TYR B 288 -14.33 18.81 -0.03
N GLN B 289 -15.10 18.07 0.76
CA GLN B 289 -16.09 17.15 0.24
C GLN B 289 -17.26 17.15 1.21
N CYS B 290 -18.47 17.29 0.68
CA CYS B 290 -19.63 17.26 1.55
C CYS B 290 -19.92 15.84 2.02
N ALA B 291 -20.42 15.73 3.24
CA ALA B 291 -20.62 14.45 3.88
C ALA B 291 -21.93 14.48 4.68
N CYS B 292 -22.49 13.29 4.86
CA CYS B 292 -23.73 13.10 5.59
C CYS B 292 -23.47 12.26 6.82
N PRO B 293 -24.29 12.39 7.86
CA PRO B 293 -24.09 11.58 9.07
C PRO B 293 -24.14 10.09 8.76
N THR B 294 -23.79 9.30 9.77
CA THR B 294 -23.68 7.85 9.60
C THR B 294 -24.98 7.25 9.11
N GLY B 295 -24.88 6.47 8.03
CA GLY B 295 -26.01 5.73 7.50
C GLY B 295 -26.87 6.48 6.52
N VAL B 296 -26.70 7.80 6.40
CA VAL B 296 -27.44 8.60 5.44
C VAL B 296 -26.56 8.83 4.22
N LYS B 297 -27.10 8.52 3.04
CA LYS B 297 -26.36 8.64 1.79
C LYS B 297 -26.56 10.03 1.20
N LEU B 298 -25.54 10.49 0.46
CA LEU B 298 -25.54 11.83 -0.12
C LEU B 298 -26.21 11.83 -1.48
N LEU B 299 -26.91 12.91 -1.79
CA LEU B 299 -27.71 12.99 -3.00
C LEU B 299 -26.80 13.22 -4.21
N GLU B 300 -27.43 13.47 -5.37
CA GLU B 300 -26.67 13.66 -6.60
C GLU B 300 -25.92 14.99 -6.62
N ASN B 301 -26.35 15.97 -5.82
CA ASN B 301 -25.66 17.25 -5.77
C ASN B 301 -24.22 17.12 -5.31
N GLY B 302 -23.88 16.05 -4.59
CA GLY B 302 -22.60 16.00 -3.91
C GLY B 302 -22.44 17.07 -2.85
N LYS B 303 -23.54 17.66 -2.38
CA LYS B 303 -23.49 18.75 -1.42
C LYS B 303 -24.68 18.73 -0.47
N THR B 304 -25.80 18.16 -0.89
CA THR B 304 -27.05 18.23 -0.14
C THR B 304 -27.45 16.82 0.29
N CYS B 305 -27.49 16.59 1.59
CA CYS B 305 -27.82 15.29 2.14
C CYS B 305 -29.29 14.95 1.93
N LYS B 306 -29.62 13.69 2.16
CA LYS B 306 -30.98 13.22 2.04
C LYS B 306 -31.71 13.41 3.36
N ASP B 307 -33.03 13.60 3.28
CA ASP B 307 -33.84 13.74 4.47
C ASP B 307 -33.91 12.41 5.21
N GLY B 308 -32.93 12.15 6.07
CA GLY B 308 -32.82 10.88 6.77
C GLY B 308 -32.51 9.71 5.84
N ALA B 309 -32.43 8.53 6.44
CA ALA B 309 -32.17 7.29 5.72
C ALA B 309 -33.47 6.58 5.35
N THR B 310 -33.53 6.06 4.13
CA THR B 310 -34.76 5.47 3.61
C THR B 310 -35.10 4.14 4.28
N GLU B 311 -34.31 3.10 3.99
CA GLU B 311 -34.50 1.80 4.63
C GLU B 311 -33.76 1.76 5.95
N LEU B 312 -34.40 1.18 6.97
CA LEU B 312 -33.88 1.25 8.33
C LEU B 312 -34.18 -0.05 9.07
N LEU B 313 -33.24 -0.46 9.91
CA LEU B 313 -33.32 -1.71 10.67
C LEU B 313 -33.25 -1.37 12.16
N LEU B 314 -34.39 -1.44 12.84
CA LEU B 314 -34.48 -1.14 14.26
C LEU B 314 -34.26 -2.40 15.08
N LEU B 315 -33.49 -2.27 16.16
CA LEU B 315 -33.11 -3.41 16.99
C LEU B 315 -33.45 -3.15 18.45
N ALA B 316 -33.72 -4.23 19.17
CA ALA B 316 -33.90 -4.19 20.62
C ALA B 316 -32.80 -5.04 21.26
N ARG B 317 -31.94 -4.38 22.03
CA ARG B 317 -31.00 -5.09 22.89
C ARG B 317 -31.64 -5.22 24.27
N ARG B 318 -30.87 -5.64 25.27
CA ARG B 318 -31.46 -5.77 26.60
C ARG B 318 -31.52 -4.43 27.32
N THR B 319 -30.41 -3.70 27.36
CA THR B 319 -30.31 -2.47 28.14
C THR B 319 -30.46 -1.21 27.31
N ASP B 320 -30.34 -1.29 25.99
CA ASP B 320 -30.49 -0.13 25.13
C ASP B 320 -31.20 -0.53 23.84
N LEU B 321 -31.63 0.47 23.08
CA LEU B 321 -32.14 0.30 21.74
C LEU B 321 -31.16 0.89 20.73
N ARG B 322 -31.05 0.25 19.57
CA ARG B 322 -30.12 0.66 18.55
C ARG B 322 -30.79 0.60 17.18
N ARG B 323 -30.43 1.54 16.31
CA ARG B 323 -30.92 1.57 14.94
C ARG B 323 -29.75 1.34 13.97
N ILE B 324 -30.05 0.71 12.84
CA ILE B 324 -29.04 0.36 11.84
C ILE B 324 -29.57 0.75 10.47
N SER B 325 -28.87 1.66 9.80
CA SER B 325 -29.24 2.09 8.46
C SER B 325 -28.86 1.03 7.43
N LEU B 326 -29.70 0.89 6.41
CA LEU B 326 -29.48 -0.07 5.34
C LEU B 326 -29.06 0.59 4.02
N ASP B 327 -28.89 1.92 4.01
CA ASP B 327 -28.49 2.64 2.81
C ASP B 327 -26.98 2.67 2.60
N THR B 328 -26.20 2.32 3.61
CA THR B 328 -24.75 2.38 3.55
C THR B 328 -24.15 1.05 4.00
N PRO B 329 -22.97 0.69 3.49
CA PRO B 329 -22.33 -0.57 3.88
C PRO B 329 -21.66 -0.54 5.24
N ASP B 330 -21.67 0.60 5.96
CA ASP B 330 -20.96 0.67 7.22
C ASP B 330 -21.67 -0.12 8.33
N PHE B 331 -23.01 -0.21 8.26
CA PHE B 331 -23.80 -1.00 9.21
C PHE B 331 -23.49 -0.67 10.67
N THR B 332 -23.17 0.60 10.94
CA THR B 332 -22.87 1.00 12.31
C THR B 332 -24.16 1.03 13.13
N ASP B 333 -24.15 0.37 14.28
CA ASP B 333 -25.30 0.32 15.17
C ASP B 333 -25.33 1.61 15.99
N ILE B 334 -26.14 2.57 15.55
CA ILE B 334 -26.25 3.84 16.27
C ILE B 334 -27.00 3.59 17.58
N VAL B 335 -26.37 3.94 18.69
CA VAL B 335 -26.98 3.78 20.01
C VAL B 335 -28.08 4.83 20.16
N LEU B 336 -29.33 4.39 20.08
CA LEU B 336 -30.45 5.31 20.25
C LEU B 336 -30.44 5.87 21.67
N GLN B 337 -30.28 7.19 21.77
CA GLN B 337 -30.09 7.85 23.07
C GLN B 337 -31.44 7.90 23.79
N LEU B 338 -31.65 6.95 24.70
CA LEU B 338 -32.90 6.80 25.43
C LEU B 338 -32.58 6.62 26.91
N GLU B 339 -33.60 6.38 27.73
CA GLU B 339 -33.38 6.35 29.17
C GLU B 339 -34.30 5.33 29.83
N ASP B 340 -33.77 4.63 30.83
CA ASP B 340 -34.47 3.61 31.59
C ASP B 340 -35.00 2.49 30.67
N ILE B 341 -34.04 1.70 30.18
CA ILE B 341 -34.34 0.52 29.36
C ILE B 341 -33.71 -0.66 30.06
N ARG B 342 -34.51 -1.43 30.80
CA ARG B 342 -34.00 -2.50 31.64
C ARG B 342 -33.97 -3.85 30.93
N HIS B 343 -34.95 -4.12 30.05
CA HIS B 343 -35.04 -5.43 29.41
C HIS B 343 -35.97 -5.39 28.20
N ALA B 344 -35.54 -4.73 27.13
CA ALA B 344 -36.38 -4.55 25.95
C ALA B 344 -36.50 -5.84 25.16
N ILE B 345 -37.71 -6.16 24.72
CA ILE B 345 -37.99 -7.44 24.07
C ILE B 345 -38.37 -7.23 22.61
N ALA B 346 -39.66 -7.01 22.35
CA ALA B 346 -40.20 -6.91 21.00
C ALA B 346 -40.33 -5.45 20.59
N ILE B 347 -40.38 -5.24 19.27
CA ILE B 347 -40.27 -3.89 18.72
C ILE B 347 -41.00 -3.84 17.38
N ASP B 348 -41.53 -2.65 17.06
CA ASP B 348 -42.18 -2.40 15.77
C ASP B 348 -42.10 -0.90 15.52
N TYR B 349 -42.58 -0.48 14.34
CA TYR B 349 -42.46 0.90 13.91
C TYR B 349 -43.78 1.35 13.30
N ASP B 350 -43.93 2.67 13.13
CA ASP B 350 -45.12 3.28 12.55
C ASP B 350 -44.65 4.39 11.63
N PRO B 351 -44.54 4.13 10.32
CA PRO B 351 -44.01 5.14 9.40
C PRO B 351 -44.86 6.39 9.33
N VAL B 352 -46.13 6.34 9.76
CA VAL B 352 -46.99 7.51 9.66
C VAL B 352 -46.47 8.63 10.55
N GLU B 353 -46.38 8.38 11.86
CA GLU B 353 -45.87 9.39 12.80
C GLU B 353 -44.40 9.21 13.11
N GLY B 354 -43.80 8.07 12.76
CA GLY B 354 -42.40 7.84 13.07
C GLY B 354 -42.15 7.36 14.48
N TYR B 355 -43.05 6.57 15.05
CA TYR B 355 -42.94 6.10 16.42
C TYR B 355 -42.46 4.66 16.45
N ILE B 356 -41.58 4.36 17.40
CA ILE B 356 -41.05 3.01 17.61
C ILE B 356 -41.69 2.45 18.87
N TYR B 357 -42.46 1.39 18.72
CA TYR B 357 -43.15 0.76 19.84
C TYR B 357 -42.38 -0.46 20.29
N TRP B 358 -41.87 -0.43 21.52
CA TRP B 358 -41.10 -1.53 22.08
C TRP B 358 -41.64 -1.90 23.44
N THR B 359 -41.29 -3.11 23.89
CA THR B 359 -41.81 -3.68 25.12
C THR B 359 -40.67 -3.95 26.10
N ASP B 360 -41.06 -4.31 27.33
CA ASP B 360 -40.10 -4.63 28.37
C ASP B 360 -40.79 -5.46 29.43
N ASP B 361 -40.17 -6.57 29.82
CA ASP B 361 -40.77 -7.50 30.77
C ASP B 361 -40.34 -7.23 32.22
N GLU B 362 -39.36 -6.36 32.42
CA GLU B 362 -39.00 -5.90 33.76
C GLU B 362 -39.59 -4.55 34.11
N VAL B 363 -39.75 -3.66 33.13
CA VAL B 363 -40.50 -2.43 33.33
C VAL B 363 -42.00 -2.71 33.27
N ARG B 364 -42.40 -3.75 32.55
CA ARG B 364 -43.81 -4.11 32.37
C ARG B 364 -44.60 -2.98 31.70
N ALA B 365 -44.01 -2.42 30.64
CA ALA B 365 -44.63 -1.30 29.96
C ALA B 365 -44.27 -1.31 28.48
N ILE B 366 -45.22 -0.92 27.65
CA ILE B 366 -45.00 -0.68 26.22
C ILE B 366 -44.82 0.82 26.04
N ARG B 367 -43.72 1.20 25.39
CA ARG B 367 -43.35 2.60 25.26
C ARG B 367 -43.13 2.93 23.79
N ARG B 368 -42.97 4.22 23.48
CA ARG B 368 -42.89 4.65 22.10
C ARG B 368 -42.02 5.89 22.01
N SER B 369 -41.17 5.95 20.97
CA SER B 369 -40.24 7.05 20.80
C SER B 369 -40.01 7.28 19.32
N PHE B 370 -39.37 8.41 19.01
CA PHE B 370 -38.93 8.72 17.67
C PHE B 370 -37.66 7.97 17.33
N ILE B 371 -37.30 7.97 16.05
CA ILE B 371 -36.02 7.41 15.62
C ILE B 371 -34.88 8.07 16.39
N ASP B 372 -34.95 9.39 16.53
CA ASP B 372 -33.96 10.13 17.31
C ASP B 372 -33.83 9.57 18.72
N GLY B 373 -34.95 9.43 19.42
CA GLY B 373 -34.97 9.02 20.81
C GLY B 373 -35.67 10.01 21.71
N SER B 374 -36.24 11.07 21.14
CA SER B 374 -37.01 12.04 21.88
C SER B 374 -38.47 11.64 21.91
N GLY B 375 -39.22 12.27 22.80
CA GLY B 375 -40.63 11.94 22.93
C GLY B 375 -40.87 10.54 23.46
N SER B 376 -40.02 10.07 24.37
CA SER B 376 -40.22 8.78 25.00
C SER B 376 -41.50 8.83 25.85
N GLN B 377 -42.48 8.02 25.48
CA GLN B 377 -43.78 8.04 26.13
C GLN B 377 -44.21 6.62 26.48
N PHE B 378 -44.96 6.51 27.57
CA PHE B 378 -45.50 5.23 28.01
C PHE B 378 -46.88 5.02 27.37
N VAL B 379 -47.05 3.86 26.74
CA VAL B 379 -48.29 3.54 26.04
C VAL B 379 -49.23 2.78 26.97
N VAL B 380 -48.82 1.58 27.37
CA VAL B 380 -49.58 0.75 28.29
C VAL B 380 -48.77 0.61 29.58
N THR B 381 -49.34 1.06 30.69
CA THR B 381 -48.62 1.12 31.96
C THR B 381 -48.86 -0.10 32.84
N ALA B 382 -50.12 -0.52 33.01
CA ALA B 382 -50.46 -1.57 33.96
C ALA B 382 -50.93 -2.82 33.24
N GLN B 383 -51.08 -3.89 34.03
CA GLN B 383 -51.54 -5.21 33.57
C GLN B 383 -50.72 -5.70 32.37
N ILE B 384 -49.42 -5.84 32.60
CA ILE B 384 -48.46 -6.30 31.61
C ILE B 384 -47.45 -7.19 32.31
N ALA B 385 -47.16 -8.36 31.72
CA ALA B 385 -46.29 -9.34 32.35
C ALA B 385 -45.08 -9.69 31.49
N HIS B 386 -45.29 -10.26 30.30
CA HIS B 386 -44.20 -10.68 29.42
C HIS B 386 -44.58 -10.40 27.98
N PRO B 387 -44.39 -9.17 27.52
CA PRO B 387 -44.70 -8.85 26.11
C PRO B 387 -43.63 -9.33 25.17
N ASP B 388 -43.74 -10.56 24.68
CA ASP B 388 -42.75 -11.17 23.80
C ASP B 388 -43.03 -10.91 22.33
N GLY B 389 -43.94 -9.99 22.01
CA GLY B 389 -44.31 -9.74 20.63
C GLY B 389 -45.26 -8.57 20.50
N ILE B 390 -44.97 -7.68 19.56
CA ILE B 390 -45.78 -6.47 19.38
C ILE B 390 -45.89 -6.22 17.88
N ALA B 391 -47.03 -5.67 17.47
CA ALA B 391 -47.31 -5.43 16.06
C ALA B 391 -48.18 -4.19 15.93
N VAL B 392 -47.90 -3.38 14.91
CA VAL B 392 -48.59 -2.12 14.69
C VAL B 392 -49.48 -2.25 13.46
N ASP B 393 -50.77 -1.98 13.64
CA ASP B 393 -51.70 -1.86 12.52
C ASP B 393 -51.59 -0.42 12.04
N TRP B 394 -50.73 -0.19 11.06
CA TRP B 394 -50.52 1.16 10.55
C TRP B 394 -51.74 1.73 9.85
N VAL B 395 -52.73 0.91 9.52
CA VAL B 395 -53.93 1.36 8.82
C VAL B 395 -54.98 1.81 9.81
N ALA B 396 -55.48 0.88 10.62
CA ALA B 396 -56.53 1.20 11.59
C ALA B 396 -56.00 1.95 12.80
N ARG B 397 -54.69 2.19 12.88
CA ARG B 397 -54.06 2.90 14.00
C ARG B 397 -54.34 2.18 15.33
N ASN B 398 -54.06 0.89 15.36
CA ASN B 398 -54.27 0.06 16.54
C ASN B 398 -52.98 -0.68 16.86
N LEU B 399 -52.87 -1.13 18.11
CA LEU B 399 -51.64 -1.74 18.61
C LEU B 399 -51.96 -3.12 19.19
N TYR B 400 -51.17 -4.12 18.76
CA TYR B 400 -51.34 -5.50 19.20
C TYR B 400 -50.09 -5.96 19.93
N TRP B 401 -50.28 -6.85 20.90
CA TRP B 401 -49.16 -7.46 21.59
C TRP B 401 -49.60 -8.78 22.20
N THR B 402 -48.62 -9.62 22.50
CA THR B 402 -48.86 -10.93 23.10
C THR B 402 -48.08 -11.04 24.40
N ASP B 403 -48.75 -11.51 25.44
CA ASP B 403 -48.18 -11.61 26.78
C ASP B 403 -48.41 -13.02 27.30
N THR B 404 -47.35 -13.82 27.36
CA THR B 404 -47.46 -15.16 27.90
C THR B 404 -47.47 -15.18 29.42
N GLY B 405 -47.14 -14.06 30.07
CA GLY B 405 -47.33 -13.98 31.51
C GLY B 405 -48.80 -14.10 31.88
N THR B 406 -49.68 -13.42 31.13
CA THR B 406 -51.12 -13.60 31.25
C THR B 406 -51.67 -14.57 30.22
N ASP B 407 -50.85 -15.04 29.28
CA ASP B 407 -51.25 -15.97 28.22
C ASP B 407 -52.48 -15.46 27.49
N ARG B 408 -52.41 -14.22 27.03
CA ARG B 408 -53.51 -13.59 26.31
C ARG B 408 -52.94 -12.62 25.28
N ILE B 409 -53.77 -12.25 24.30
CA ILE B 409 -53.41 -11.28 23.27
C ILE B 409 -54.45 -10.17 23.29
N GLU B 410 -54.00 -8.92 23.42
CA GLU B 410 -54.87 -7.77 23.53
C GLU B 410 -54.60 -6.76 22.42
N VAL B 411 -55.36 -5.67 22.42
CA VAL B 411 -55.27 -4.66 21.38
C VAL B 411 -55.79 -3.33 21.93
N THR B 412 -55.08 -2.25 21.61
CA THR B 412 -55.50 -0.89 21.91
C THR B 412 -55.29 -0.02 20.68
N ARG B 413 -55.81 1.20 20.74
CA ARG B 413 -55.38 2.22 19.80
C ARG B 413 -53.91 2.56 20.09
N LEU B 414 -53.24 3.16 19.10
CA LEU B 414 -51.80 3.31 19.15
C LEU B 414 -51.30 4.06 20.39
N ASN B 415 -52.14 4.87 21.03
CA ASN B 415 -51.72 5.62 22.21
C ASN B 415 -52.28 5.04 23.50
N GLY B 416 -52.48 3.71 23.56
CA GLY B 416 -52.80 3.02 24.78
C GLY B 416 -54.26 2.97 25.14
N THR B 417 -55.07 3.90 24.62
CA THR B 417 -56.46 3.99 25.02
C THR B 417 -57.29 2.86 24.43
N MET B 418 -58.41 2.56 25.09
CA MET B 418 -59.42 1.63 24.60
C MET B 418 -58.84 0.23 24.42
N ARG B 419 -58.60 -0.40 25.57
CA ARG B 419 -58.04 -1.75 25.64
C ARG B 419 -59.12 -2.80 25.43
N LYS B 420 -58.79 -3.84 24.67
CA LYS B 420 -59.70 -4.93 24.38
C LYS B 420 -58.93 -6.24 24.32
N ILE B 421 -59.41 -7.22 25.08
CA ILE B 421 -58.79 -8.55 25.13
C ILE B 421 -59.37 -9.40 24.01
N LEU B 422 -58.50 -9.87 23.12
CA LEU B 422 -58.90 -10.66 21.95
C LEU B 422 -58.88 -12.17 22.24
N ILE B 423 -57.75 -12.67 22.73
CA ILE B 423 -57.56 -14.09 22.98
C ILE B 423 -57.50 -14.28 24.50
N SER B 424 -58.43 -15.05 25.03
CA SER B 424 -58.58 -15.17 26.48
C SER B 424 -57.87 -16.40 27.06
N GLU B 425 -57.98 -17.55 26.41
CA GLU B 425 -57.39 -18.77 26.93
C GLU B 425 -57.04 -19.67 25.74
N ASP B 426 -56.70 -20.93 26.04
CA ASP B 426 -56.27 -21.90 25.04
C ASP B 426 -55.05 -21.39 24.29
N LEU B 427 -54.05 -20.95 25.06
CA LEU B 427 -52.82 -20.40 24.53
C LEU B 427 -51.69 -20.77 25.48
N GLU B 428 -50.58 -21.25 24.92
CA GLU B 428 -49.48 -21.78 25.73
C GLU B 428 -48.19 -21.09 25.30
N GLU B 429 -47.78 -20.10 26.09
CA GLU B 429 -46.54 -19.35 25.86
C GLU B 429 -46.44 -18.75 24.45
N PRO B 430 -47.37 -17.85 24.10
CA PRO B 430 -47.30 -17.23 22.77
C PRO B 430 -46.37 -16.02 22.77
N ARG B 431 -45.74 -15.78 21.62
CA ARG B 431 -44.84 -14.63 21.53
C ARG B 431 -45.02 -13.81 20.24
N ALA B 432 -44.43 -14.26 19.13
CA ALA B 432 -44.31 -13.42 17.95
C ALA B 432 -45.68 -13.18 17.30
N ILE B 433 -45.80 -12.03 16.62
CA ILE B 433 -47.07 -11.64 16.00
C ILE B 433 -46.82 -10.63 14.89
N VAL B 434 -47.37 -10.89 13.69
CA VAL B 434 -47.34 -9.97 12.57
C VAL B 434 -48.76 -9.83 12.04
N LEU B 435 -48.98 -8.77 11.26
CA LEU B 435 -50.32 -8.40 10.83
C LEU B 435 -50.35 -8.16 9.32
N ASP B 436 -51.57 -8.24 8.77
CA ASP B 436 -51.83 -7.92 7.37
C ASP B 436 -53.17 -7.20 7.34
N PRO B 437 -53.17 -5.87 7.51
CA PRO B 437 -54.45 -5.15 7.61
C PRO B 437 -55.17 -5.03 6.28
N MET B 438 -54.46 -5.12 5.16
CA MET B 438 -55.12 -5.06 3.86
C MET B 438 -56.10 -6.22 3.69
N VAL B 439 -55.69 -7.42 4.12
CA VAL B 439 -56.57 -8.58 4.04
C VAL B 439 -57.37 -8.77 5.34
N GLY B 440 -56.85 -8.31 6.47
CA GLY B 440 -57.56 -8.39 7.74
C GLY B 440 -57.33 -9.67 8.51
N TYR B 441 -56.09 -10.17 8.50
CA TYR B 441 -55.71 -11.34 9.26
C TYR B 441 -54.57 -10.99 10.21
N MET B 442 -54.58 -11.61 11.39
CA MET B 442 -53.45 -11.56 12.31
C MET B 442 -52.78 -12.93 12.37
N TYR B 443 -51.47 -12.92 12.61
CA TYR B 443 -50.69 -14.15 12.69
C TYR B 443 -49.86 -14.12 13.98
N TRP B 444 -49.68 -15.28 14.59
CA TRP B 444 -48.89 -15.36 15.82
C TRP B 444 -48.42 -16.80 16.03
N THR B 445 -47.45 -16.94 16.94
CA THR B 445 -46.88 -18.24 17.29
C THR B 445 -46.92 -18.43 18.79
N ASP B 446 -46.82 -19.69 19.21
CA ASP B 446 -46.55 -19.99 20.62
C ASP B 446 -45.43 -21.03 20.74
N TRP B 447 -45.25 -21.62 21.91
CA TRP B 447 -44.06 -22.39 22.23
C TRP B 447 -44.26 -23.89 22.01
N GLY B 448 -43.33 -24.67 22.55
CA GLY B 448 -43.12 -26.05 22.15
C GLY B 448 -44.15 -27.05 22.64
N GLU B 449 -44.97 -26.69 23.63
CA GLU B 449 -45.94 -27.64 24.16
C GLU B 449 -46.94 -28.06 23.10
N ILE B 450 -47.73 -27.11 22.60
CA ILE B 450 -48.57 -27.34 21.43
C ILE B 450 -48.13 -26.35 20.36
N PRO B 451 -46.98 -26.57 19.72
CA PRO B 451 -46.43 -25.54 18.83
C PRO B 451 -47.29 -25.40 17.58
N LYS B 452 -47.54 -24.15 17.20
CA LYS B 452 -48.42 -23.84 16.09
C LYS B 452 -48.21 -22.39 15.70
N ILE B 453 -48.70 -22.05 14.52
CA ILE B 453 -48.77 -20.66 14.05
C ILE B 453 -50.24 -20.39 13.73
N GLU B 454 -50.99 -19.97 14.74
CA GLU B 454 -52.41 -19.75 14.54
C GLU B 454 -52.65 -18.48 13.72
N ARG B 455 -53.85 -18.38 13.16
CA ARG B 455 -54.25 -17.22 12.38
C ARG B 455 -55.72 -16.92 12.66
N ALA B 456 -56.04 -15.64 12.73
CA ALA B 456 -57.41 -15.21 12.94
C ALA B 456 -57.57 -13.83 12.30
N ALA B 457 -58.79 -13.31 12.36
CA ALA B 457 -59.05 -11.96 11.89
C ALA B 457 -58.62 -10.96 12.96
N LEU B 458 -58.75 -9.68 12.66
CA LEU B 458 -58.31 -8.64 13.59
C LEU B 458 -59.27 -8.48 14.77
N ASP B 459 -60.33 -9.28 14.84
CA ASP B 459 -61.26 -9.27 15.96
C ASP B 459 -61.13 -10.48 16.87
N GLY B 460 -60.28 -11.43 16.52
CA GLY B 460 -60.19 -12.67 17.28
C GLY B 460 -61.18 -13.73 16.88
N SER B 461 -61.64 -13.71 15.63
CA SER B 461 -62.64 -14.64 15.13
C SER B 461 -61.99 -15.61 14.15
N ASP B 462 -62.76 -16.64 13.78
CA ASP B 462 -62.34 -17.73 12.89
C ASP B 462 -60.88 -18.11 13.08
N ARG B 463 -60.52 -18.37 14.34
CA ARG B 463 -59.17 -18.80 14.67
C ARG B 463 -58.88 -20.15 14.01
N VAL B 464 -58.07 -20.14 12.96
CA VAL B 464 -57.73 -21.34 12.21
C VAL B 464 -56.25 -21.62 12.41
N VAL B 465 -55.94 -22.80 12.98
CA VAL B 465 -54.55 -23.19 13.14
C VAL B 465 -53.93 -23.42 11.76
N LEU B 466 -52.90 -22.65 11.44
CA LEU B 466 -52.31 -22.73 10.11
C LEU B 466 -51.39 -23.93 9.96
N VAL B 467 -50.34 -23.99 10.77
CA VAL B 467 -49.32 -25.03 10.65
C VAL B 467 -49.36 -25.90 11.91
N ASN B 468 -49.17 -27.20 11.71
CA ASN B 468 -49.15 -28.17 12.79
C ASN B 468 -47.97 -29.14 12.71
N THR B 469 -47.17 -29.12 11.65
CA THR B 469 -46.13 -30.11 11.41
C THR B 469 -44.73 -29.50 11.56
N SER B 470 -43.80 -30.31 12.08
CA SER B 470 -42.37 -29.97 12.19
C SER B 470 -42.16 -28.63 12.89
N LEU B 471 -42.77 -28.50 14.07
CA LEU B 471 -42.74 -27.27 14.84
C LEU B 471 -42.05 -27.52 16.18
N GLY B 472 -41.13 -26.62 16.55
CA GLY B 472 -40.48 -26.72 17.85
C GLY B 472 -40.60 -25.45 18.66
N TRP B 473 -39.68 -24.51 18.44
CA TRP B 473 -39.67 -23.21 19.12
C TRP B 473 -39.71 -22.11 18.06
N PRO B 474 -40.87 -21.89 17.44
CA PRO B 474 -40.99 -20.83 16.43
C PRO B 474 -41.02 -19.45 17.05
N ASN B 475 -39.84 -18.81 17.15
CA ASN B 475 -39.71 -17.54 17.85
C ASN B 475 -40.00 -16.33 16.97
N GLY B 476 -39.79 -16.42 15.66
CA GLY B 476 -39.97 -15.26 14.79
C GLY B 476 -40.99 -15.44 13.69
N LEU B 477 -41.52 -14.33 13.18
CA LEU B 477 -42.53 -14.36 12.13
C LEU B 477 -42.44 -13.08 11.31
N ALA B 478 -42.76 -13.19 10.02
CA ALA B 478 -42.74 -12.04 9.11
C ALA B 478 -43.59 -12.35 7.88
N LEU B 479 -44.05 -11.28 7.22
CA LEU B 479 -44.91 -11.38 6.04
C LEU B 479 -44.34 -10.59 4.89
N ASP B 480 -44.47 -11.15 3.68
CA ASP B 480 -44.11 -10.48 2.43
C ASP B 480 -45.40 -10.15 1.70
N TYR B 481 -45.84 -8.90 1.84
CA TYR B 481 -47.17 -8.51 1.36
C TYR B 481 -47.26 -8.61 -0.17
N ASP B 482 -46.20 -8.23 -0.88
CA ASP B 482 -46.26 -8.21 -2.33
C ASP B 482 -46.33 -9.60 -2.95
N GLU B 483 -45.88 -10.64 -2.24
CA GLU B 483 -45.89 -11.99 -2.79
C GLU B 483 -46.74 -12.96 -1.96
N GLY B 484 -47.54 -12.46 -1.03
CA GLY B 484 -48.50 -13.29 -0.29
C GLY B 484 -47.94 -14.51 0.41
N LYS B 485 -46.65 -14.51 0.70
CA LYS B 485 -46.03 -15.60 1.43
C LYS B 485 -45.48 -15.07 2.75
N ILE B 486 -45.53 -15.91 3.79
CA ILE B 486 -45.05 -15.53 5.11
C ILE B 486 -43.83 -16.37 5.47
N TYR B 487 -42.93 -15.77 6.23
CA TYR B 487 -41.68 -16.37 6.63
C TYR B 487 -41.64 -16.50 8.14
N TRP B 488 -41.15 -17.63 8.63
CA TRP B 488 -41.00 -17.86 10.05
C TRP B 488 -39.67 -18.54 10.31
N GLY B 489 -39.37 -18.76 11.58
CA GLY B 489 -38.08 -19.31 11.97
C GLY B 489 -38.14 -20.02 13.31
N ASP B 490 -37.46 -21.16 13.41
CA ASP B 490 -37.53 -22.01 14.58
C ASP B 490 -36.15 -22.14 15.19
N ALA B 491 -36.10 -22.18 16.52
CA ALA B 491 -34.85 -22.32 17.25
C ALA B 491 -34.60 -23.74 17.74
N LYS B 492 -35.67 -24.49 18.00
CA LYS B 492 -35.52 -25.91 18.36
C LYS B 492 -35.11 -26.73 17.14
N THR B 493 -35.82 -26.56 16.02
CA THR B 493 -35.45 -27.26 14.79
C THR B 493 -34.17 -26.70 14.16
N ASP B 494 -33.65 -25.59 14.65
CA ASP B 494 -32.44 -24.97 14.10
C ASP B 494 -32.57 -24.76 12.60
N LYS B 495 -33.71 -24.20 12.19
CA LYS B 495 -34.08 -24.15 10.78
C LYS B 495 -35.11 -23.04 10.60
N ILE B 496 -35.17 -22.51 9.38
CA ILE B 496 -36.04 -21.39 9.06
C ILE B 496 -36.64 -21.65 7.69
N GLU B 497 -37.96 -21.50 7.57
CA GLU B 497 -38.69 -21.94 6.39
C GLU B 497 -39.71 -20.89 5.98
N VAL B 498 -40.36 -21.15 4.84
CA VAL B 498 -41.29 -20.22 4.22
C VAL B 498 -42.59 -20.99 3.93
N MET B 499 -43.68 -20.23 3.79
CA MET B 499 -44.95 -20.81 3.41
C MET B 499 -45.76 -19.76 2.64
N ASN B 500 -46.74 -20.24 1.89
CA ASN B 500 -47.69 -19.38 1.19
C ASN B 500 -48.92 -19.18 2.05
N THR B 501 -49.60 -18.04 1.86
CA THR B 501 -50.78 -17.75 2.67
C THR B 501 -51.91 -18.74 2.43
N ASP B 502 -51.93 -19.40 1.27
CA ASP B 502 -52.85 -20.49 1.02
C ASP B 502 -52.44 -21.78 1.71
N GLY B 503 -51.25 -21.83 2.29
CA GLY B 503 -50.68 -23.09 2.74
C GLY B 503 -50.19 -23.92 1.58
N THR B 504 -49.64 -23.27 0.54
CA THR B 504 -49.26 -23.96 -0.69
C THR B 504 -47.87 -24.57 -0.56
N GLY B 505 -46.84 -23.73 -0.66
CA GLY B 505 -45.48 -24.20 -0.53
C GLY B 505 -45.02 -24.13 0.92
N ARG B 506 -44.10 -25.03 1.29
CA ARG B 506 -43.54 -25.02 2.64
C ARG B 506 -42.11 -25.56 2.53
N ARG B 507 -41.22 -24.70 2.04
CA ARG B 507 -39.84 -25.07 1.77
C ARG B 507 -38.92 -24.43 2.81
N VAL B 508 -37.85 -25.15 3.15
CA VAL B 508 -36.82 -24.61 4.03
C VAL B 508 -35.90 -23.71 3.23
N LEU B 509 -35.58 -22.54 3.80
CA LEU B 509 -34.68 -21.60 3.13
C LEU B 509 -33.23 -21.90 3.51
N VAL B 510 -32.88 -21.72 4.77
CA VAL B 510 -31.56 -22.06 5.28
C VAL B 510 -31.73 -22.95 6.49
N GLU B 511 -30.91 -24.01 6.55
CA GLU B 511 -30.97 -25.01 7.60
C GLU B 511 -29.67 -25.14 8.38
N ASP B 512 -28.57 -24.62 7.84
CA ASP B 512 -27.21 -24.93 8.27
C ASP B 512 -26.87 -24.39 9.66
N LYS B 513 -26.80 -23.07 9.83
CA LYS B 513 -26.24 -22.45 11.03
C LYS B 513 -27.25 -21.46 11.62
N ILE B 514 -28.37 -22.00 12.09
CA ILE B 514 -29.40 -21.20 12.75
C ILE B 514 -29.66 -21.78 14.15
N PRO B 515 -28.72 -21.64 15.08
CA PRO B 515 -28.90 -22.31 16.39
C PRO B 515 -30.06 -21.78 17.20
N HIS B 516 -30.36 -20.47 17.12
CA HIS B 516 -31.35 -19.90 18.03
C HIS B 516 -31.72 -18.47 17.65
N ILE B 517 -32.71 -18.31 16.76
CA ILE B 517 -33.14 -16.99 16.31
C ILE B 517 -34.32 -16.54 17.15
N PHE B 518 -34.21 -15.34 17.72
CA PHE B 518 -35.34 -14.66 18.36
C PHE B 518 -35.86 -13.50 17.52
N GLY B 519 -35.00 -12.58 17.12
CA GLY B 519 -35.42 -11.50 16.25
C GLY B 519 -35.56 -11.97 14.81
N PHE B 520 -36.56 -11.41 14.12
CA PHE B 520 -36.92 -11.90 12.80
C PHE B 520 -37.78 -10.87 12.10
N THR B 521 -37.41 -10.52 10.87
CA THR B 521 -38.15 -9.52 10.10
C THR B 521 -37.81 -9.69 8.62
N LEU B 522 -38.57 -8.99 7.79
CA LEU B 522 -38.40 -9.01 6.34
C LEU B 522 -38.53 -7.59 5.80
N LEU B 523 -37.75 -7.28 4.77
CA LEU B 523 -37.85 -5.99 4.10
C LEU B 523 -37.25 -6.10 2.70
N GLY B 524 -38.11 -6.12 1.68
CA GLY B 524 -37.70 -6.04 0.29
C GLY B 524 -36.63 -7.03 -0.14
N ASP B 525 -37.03 -8.28 -0.36
CA ASP B 525 -36.16 -9.33 -0.87
C ASP B 525 -35.01 -9.68 0.08
N TYR B 526 -35.14 -9.33 1.36
CA TYR B 526 -34.15 -9.70 2.37
C TYR B 526 -34.83 -10.00 3.70
N VAL B 527 -34.25 -10.93 4.44
CA VAL B 527 -34.79 -11.38 5.72
C VAL B 527 -33.67 -11.33 6.76
N TYR B 528 -33.90 -10.60 7.86
CA TYR B 528 -32.90 -10.41 8.91
C TYR B 528 -33.32 -11.18 10.17
N TRP B 529 -32.34 -11.72 10.88
CA TRP B 529 -32.63 -12.49 12.08
C TRP B 529 -31.60 -12.17 13.15
N THR B 530 -31.99 -12.40 14.40
CA THR B 530 -31.15 -12.12 15.56
C THR B 530 -30.89 -13.45 16.25
N ASP B 531 -29.69 -13.98 16.08
CA ASP B 531 -29.34 -15.30 16.60
C ASP B 531 -28.81 -15.17 18.02
N TRP B 532 -29.47 -15.83 18.97
CA TRP B 532 -28.87 -16.08 20.27
C TRP B 532 -27.89 -17.23 20.16
N GLN B 533 -26.96 -17.30 21.13
CA GLN B 533 -25.90 -18.31 21.19
C GLN B 533 -24.80 -17.96 20.18
N ARG B 534 -25.13 -17.07 19.24
CA ARG B 534 -24.14 -16.55 18.30
C ARG B 534 -24.04 -15.04 18.33
N ARG B 535 -24.98 -14.36 19.00
CA ARG B 535 -24.93 -12.92 19.24
C ARG B 535 -24.63 -12.14 17.97
N SER B 536 -25.17 -12.61 16.84
CA SER B 536 -24.88 -12.03 15.54
C SER B 536 -26.19 -11.75 14.81
N ILE B 537 -26.08 -10.94 13.76
CA ILE B 537 -27.21 -10.62 12.89
C ILE B 537 -26.74 -10.80 11.46
N GLU B 538 -27.55 -11.48 10.65
CA GLU B 538 -27.26 -11.66 9.24
C GLU B 538 -28.51 -11.41 8.43
N ARG B 539 -28.34 -11.39 7.11
CA ARG B 539 -29.42 -11.30 6.16
C ARG B 539 -29.34 -12.51 5.23
N VAL B 540 -30.48 -12.84 4.63
CA VAL B 540 -30.53 -13.86 3.59
C VAL B 540 -31.28 -13.28 2.41
N HIS B 541 -30.78 -13.55 1.20
CA HIS B 541 -31.46 -13.10 0.00
C HIS B 541 -32.69 -13.97 -0.23
N LYS B 542 -33.80 -13.31 -0.56
CA LYS B 542 -35.08 -13.98 -0.75
C LYS B 542 -35.01 -14.97 -1.92
N ARG B 543 -34.84 -14.43 -3.13
CA ARG B 543 -34.75 -15.27 -4.32
C ARG B 543 -33.56 -16.23 -4.23
N SER B 544 -32.40 -15.72 -3.82
CA SER B 544 -31.23 -16.55 -3.59
C SER B 544 -31.33 -17.28 -2.25
N ALA B 545 -30.18 -17.71 -1.72
CA ALA B 545 -30.09 -18.14 -0.34
C ALA B 545 -28.81 -17.60 0.31
N GLU B 546 -28.10 -16.70 -0.38
CA GLU B 546 -26.86 -16.14 0.11
C GLU B 546 -27.08 -15.41 1.43
N ARG B 547 -26.00 -15.28 2.19
CA ARG B 547 -26.04 -14.70 3.52
C ARG B 547 -24.97 -13.64 3.66
N GLU B 548 -25.24 -12.65 4.52
CA GLU B 548 -24.31 -11.55 4.74
C GLU B 548 -24.43 -11.12 6.20
N VAL B 549 -23.34 -11.29 6.95
CA VAL B 549 -23.32 -10.84 8.34
C VAL B 549 -23.26 -9.32 8.37
N ILE B 550 -24.19 -8.71 9.10
CA ILE B 550 -24.27 -7.25 9.13
C ILE B 550 -23.68 -6.74 10.44
N ILE B 551 -23.79 -7.52 11.51
CA ILE B 551 -23.00 -7.28 12.72
C ILE B 551 -22.91 -8.55 13.55
N ASP B 552 -21.69 -8.97 13.86
CA ASP B 552 -21.43 -10.13 14.70
C ASP B 552 -20.91 -9.65 16.05
N GLN B 553 -20.96 -10.56 17.03
CA GLN B 553 -20.51 -10.29 18.39
C GLN B 553 -21.22 -9.05 18.96
N LEU B 554 -22.48 -9.25 19.30
CA LEU B 554 -23.30 -8.22 19.95
C LEU B 554 -24.05 -8.83 21.11
N PRO B 555 -23.70 -8.50 22.35
CA PRO B 555 -24.30 -9.18 23.50
C PRO B 555 -25.73 -8.71 23.73
N ASP B 556 -26.45 -9.50 24.53
CA ASP B 556 -27.79 -9.16 25.00
C ASP B 556 -28.73 -8.85 23.83
N LEU B 557 -28.55 -9.57 22.73
CA LEU B 557 -29.42 -9.41 21.57
C LEU B 557 -30.82 -9.93 21.87
N MET B 558 -31.83 -9.19 21.38
CA MET B 558 -33.20 -9.66 21.49
C MET B 558 -33.86 -9.71 20.13
N GLY B 559 -34.54 -8.63 19.73
CA GLY B 559 -35.40 -8.68 18.56
C GLY B 559 -35.29 -7.41 17.75
N LEU B 560 -35.63 -7.53 16.47
CA LEU B 560 -35.51 -6.41 15.55
C LEU B 560 -36.62 -6.46 14.52
N LYS B 561 -36.91 -5.30 13.93
CA LYS B 561 -37.80 -5.19 12.79
C LYS B 561 -37.25 -4.15 11.82
N ALA B 562 -37.11 -4.55 10.56
CA ALA B 562 -36.69 -3.65 9.51
C ALA B 562 -37.91 -3.08 8.80
N THR B 563 -37.81 -1.83 8.38
CA THR B 563 -38.96 -1.13 7.82
C THR B 563 -38.47 0.09 7.06
N ASN B 564 -39.38 0.67 6.29
CA ASN B 564 -39.13 1.93 5.59
C ASN B 564 -39.57 3.08 6.47
N VAL B 565 -38.99 4.25 6.23
CA VAL B 565 -39.31 5.44 7.01
C VAL B 565 -40.27 6.29 6.20
N HIS B 566 -41.41 6.62 6.81
CA HIS B 566 -42.41 7.55 6.27
C HIS B 566 -43.04 7.05 4.96
N ARG B 567 -42.92 5.76 4.66
CA ARG B 567 -43.57 5.16 3.50
C ARG B 567 -44.37 3.96 3.94
N VAL B 568 -45.67 3.95 3.62
CA VAL B 568 -46.58 2.87 3.98
C VAL B 568 -47.47 2.52 2.79
N ILE B 569 -47.96 1.28 2.79
CA ILE B 569 -48.86 0.77 1.77
C ILE B 569 -49.99 0.00 2.46
N GLY B 570 -51.13 -0.08 1.77
CA GLY B 570 -52.27 -0.83 2.29
C GLY B 570 -53.34 0.04 2.92
N SER B 571 -54.61 -0.28 2.66
CA SER B 571 -55.72 0.44 3.25
C SER B 571 -56.91 -0.49 3.33
N ASN B 572 -57.87 -0.12 4.18
CA ASN B 572 -59.10 -0.88 4.35
C ASN B 572 -60.14 0.04 4.98
N PRO B 573 -61.44 -0.33 4.90
CA PRO B 573 -62.52 0.55 5.41
C PRO B 573 -62.28 1.16 6.79
N CYS B 574 -61.44 0.54 7.61
CA CYS B 574 -61.23 1.06 8.96
C CYS B 574 -60.48 2.38 8.96
N ALA B 575 -59.76 2.70 7.89
CA ALA B 575 -59.03 3.96 7.84
C ALA B 575 -59.98 5.14 7.77
N GLU B 576 -61.05 5.02 6.98
CA GLU B 576 -62.00 6.11 6.79
C GLU B 576 -62.72 6.40 8.10
N GLU B 577 -62.40 7.54 8.71
CA GLU B 577 -62.98 8.02 9.97
C GLU B 577 -63.25 6.88 10.96
N ASN B 578 -62.25 6.01 11.11
CA ASN B 578 -62.31 4.86 12.01
C ASN B 578 -63.48 3.94 11.68
N GLY B 579 -63.88 3.91 10.42
CA GLY B 579 -65.02 3.10 9.99
C GLY B 579 -66.32 3.44 10.70
N GLY B 580 -66.45 4.67 11.19
CA GLY B 580 -67.61 5.06 11.97
C GLY B 580 -67.64 4.50 13.38
N CYS B 581 -66.65 3.70 13.77
CA CYS B 581 -66.62 3.14 15.11
C CYS B 581 -66.31 4.22 16.14
N SER B 582 -66.99 4.16 17.28
CA SER B 582 -66.71 5.11 18.36
C SER B 582 -65.36 4.82 19.01
N HIS B 583 -64.92 3.57 18.99
CA HIS B 583 -63.67 3.21 19.64
C HIS B 583 -62.77 2.39 18.72
N LEU B 584 -63.10 1.11 18.56
CA LEU B 584 -62.23 0.15 17.88
C LEU B 584 -62.82 -0.27 16.54
N CYS B 585 -61.97 -0.34 15.53
CA CYS B 585 -62.35 -0.80 14.20
C CYS B 585 -61.47 -2.00 13.86
N LEU B 586 -62.02 -3.21 14.02
CA LEU B 586 -61.29 -4.45 13.78
C LEU B 586 -61.71 -4.99 12.42
N TYR B 587 -60.87 -4.77 11.41
CA TYR B 587 -61.22 -5.17 10.05
C TYR B 587 -61.08 -6.68 9.87
N ARG B 588 -61.86 -7.20 8.93
CA ARG B 588 -61.83 -8.61 8.57
C ARG B 588 -62.52 -8.75 7.22
N PRO B 589 -62.21 -9.80 6.46
CA PRO B 589 -62.73 -9.90 5.08
C PRO B 589 -64.25 -9.78 4.97
N GLN B 590 -65.01 -10.21 5.98
CA GLN B 590 -66.46 -10.03 5.95
C GLN B 590 -66.89 -8.57 6.07
N GLY B 591 -65.96 -7.64 6.17
CA GLY B 591 -66.23 -6.26 6.50
C GLY B 591 -65.83 -5.93 7.94
N LEU B 592 -65.69 -4.64 8.21
CA LEU B 592 -65.24 -4.20 9.52
C LEU B 592 -66.24 -4.59 10.62
N ARG B 593 -65.77 -4.50 11.85
CA ARG B 593 -66.60 -4.81 13.02
C ARG B 593 -66.18 -3.89 14.16
N CYS B 594 -67.06 -2.97 14.55
CA CYS B 594 -66.77 -2.08 15.65
C CYS B 594 -66.77 -2.85 16.97
N ALA B 595 -65.88 -2.45 17.88
CA ALA B 595 -65.68 -3.16 19.13
C ALA B 595 -65.53 -2.15 20.26
N CYS B 596 -66.00 -2.55 21.44
CA CYS B 596 -65.93 -1.76 22.64
C CYS B 596 -64.87 -2.31 23.58
N PRO B 597 -64.29 -1.46 24.44
CA PRO B 597 -63.37 -1.96 25.47
C PRO B 597 -64.10 -2.67 26.59
N ILE B 598 -63.43 -2.88 27.72
CA ILE B 598 -64.07 -3.44 28.89
C ILE B 598 -64.84 -2.35 29.62
N GLY B 599 -65.94 -2.73 30.26
CA GLY B 599 -66.82 -1.78 30.90
C GLY B 599 -67.82 -1.11 29.97
N PHE B 600 -67.63 -1.22 28.66
CA PHE B 600 -68.57 -0.72 27.67
C PHE B 600 -69.23 -1.88 26.93
N GLU B 601 -70.38 -1.60 26.33
CA GLU B 601 -71.10 -2.58 25.53
C GLU B 601 -71.49 -1.96 24.20
N LEU B 602 -71.84 -2.82 23.24
CA LEU B 602 -72.15 -2.41 21.89
C LEU B 602 -73.62 -2.03 21.75
N ILE B 603 -73.89 -0.96 20.99
CA ILE B 603 -75.23 -0.38 20.92
C ILE B 603 -75.93 -0.91 19.67
N SER B 604 -77.16 -0.42 19.42
CA SER B 604 -77.95 -0.95 18.31
C SER B 604 -77.31 -0.63 16.95
N ASP B 605 -76.75 0.57 16.81
CA ASP B 605 -76.14 0.96 15.54
C ASP B 605 -74.87 0.17 15.22
N MET B 606 -74.39 -0.63 16.15
CA MET B 606 -73.22 -1.49 15.95
C MET B 606 -71.97 -0.66 15.64
N LYS B 607 -71.90 0.56 16.19
CA LYS B 607 -70.77 1.44 15.95
C LYS B 607 -70.31 2.12 17.23
N THR B 608 -71.26 2.61 18.03
CA THR B 608 -70.95 3.34 19.25
C THR B 608 -70.86 2.41 20.45
N CYS B 609 -70.36 2.95 21.56
CA CYS B 609 -70.13 2.20 22.80
C CYS B 609 -70.46 3.07 24.01
N ILE B 610 -71.29 2.56 24.93
CA ILE B 610 -71.52 3.21 26.21
C ILE B 610 -71.58 2.15 27.31
N VAL B 611 -71.50 2.62 28.55
CA VAL B 611 -71.61 1.80 29.75
C VAL B 611 -73.09 1.50 30.03
N PRO B 612 -73.41 0.40 30.74
CA PRO B 612 -74.82 0.13 31.05
C PRO B 612 -75.39 1.13 32.04
N HIS B 613 -76.67 1.46 31.84
CA HIS B 613 -77.41 2.38 32.71
C HIS B 613 -76.72 3.74 32.82
N TYR C 59 17.73 -28.20 -33.66
CA TYR C 59 18.28 -29.02 -32.58
C TYR C 59 18.26 -28.22 -31.26
N SER C 60 18.35 -28.92 -30.13
CA SER C 60 18.24 -28.26 -28.82
C SER C 60 19.30 -28.76 -27.83
N CYS C 61 20.56 -28.61 -28.20
CA CYS C 61 21.70 -28.86 -27.32
C CYS C 61 21.63 -30.26 -26.69
N ARG C 62 21.71 -31.27 -27.54
CA ARG C 62 21.71 -32.64 -27.08
C ARG C 62 23.13 -33.16 -26.87
N GLU C 63 23.25 -34.36 -26.35
CA GLU C 63 24.53 -35.00 -26.08
C GLU C 63 24.73 -36.13 -27.09
N LEU C 64 25.49 -35.86 -28.13
CA LEU C 64 25.83 -36.88 -29.10
C LEU C 64 27.03 -37.69 -28.64
N HIS C 65 27.02 -38.98 -28.98
CA HIS C 65 28.04 -39.91 -28.52
C HIS C 65 28.69 -40.59 -29.71
N PHE C 66 29.97 -40.90 -29.55
CA PHE C 66 30.68 -41.72 -30.52
C PHE C 66 31.88 -42.33 -29.81
N THR C 67 32.17 -43.58 -30.14
CA THR C 67 33.29 -44.28 -29.51
C THR C 67 34.59 -43.93 -30.22
N ARG C 68 35.65 -43.78 -29.44
CA ARG C 68 36.96 -43.49 -29.98
C ARG C 68 37.99 -44.22 -29.14
N TYR C 69 39.19 -44.38 -29.70
CA TYR C 69 40.33 -44.84 -28.94
C TYR C 69 41.08 -43.62 -28.41
N VAL C 70 41.83 -43.82 -27.34
CA VAL C 70 42.68 -42.77 -26.79
C VAL C 70 44.12 -43.16 -27.06
N THR C 71 44.97 -42.16 -27.28
CA THR C 71 46.31 -42.37 -27.79
C THR C 71 47.30 -41.46 -27.10
N ASP C 72 48.53 -41.97 -26.96
CA ASP C 72 49.68 -41.17 -26.58
C ASP C 72 50.71 -41.19 -27.70
N GLY C 73 50.24 -41.38 -28.93
CA GLY C 73 51.11 -41.52 -30.08
C GLY C 73 51.21 -42.97 -30.51
N PRO C 74 52.35 -43.60 -30.21
CA PRO C 74 52.48 -45.03 -30.52
C PRO C 74 51.65 -45.93 -29.62
N CYS C 75 51.32 -45.53 -28.39
CA CYS C 75 50.47 -46.35 -27.53
C CYS C 75 49.00 -46.12 -27.84
N ARG C 76 48.19 -47.15 -27.57
CA ARG C 76 46.75 -47.14 -27.80
C ARG C 76 46.04 -47.85 -26.67
N SER C 77 44.90 -47.29 -26.25
CA SER C 77 44.10 -47.93 -25.20
C SER C 77 43.56 -49.27 -25.65
N ALA C 78 43.44 -50.20 -24.71
CA ALA C 78 42.95 -51.54 -25.01
C ALA C 78 41.51 -51.49 -25.51
N LYS C 79 40.59 -51.16 -24.62
CA LYS C 79 39.20 -50.95 -24.99
C LYS C 79 38.96 -49.49 -25.35
N PRO C 80 37.89 -49.18 -26.08
CA PRO C 80 37.65 -47.78 -26.47
C PRO C 80 37.06 -46.94 -25.35
N VAL C 81 36.45 -45.83 -25.72
CA VAL C 81 35.76 -44.95 -24.76
C VAL C 81 34.77 -44.07 -25.52
N THR C 82 33.53 -44.01 -25.03
CA THR C 82 32.50 -43.21 -25.67
C THR C 82 32.66 -41.76 -25.24
N GLU C 83 33.23 -40.94 -26.12
CA GLU C 83 33.25 -39.51 -25.86
C GLU C 83 31.91 -38.90 -26.22
N LEU C 84 31.58 -37.79 -25.56
CA LEU C 84 30.36 -37.05 -25.85
C LEU C 84 30.73 -35.68 -26.39
N VAL C 85 29.94 -35.21 -27.35
CA VAL C 85 30.20 -33.95 -28.05
C VAL C 85 28.96 -33.07 -27.95
N CYS C 86 29.11 -31.90 -27.36
CA CYS C 86 28.00 -30.97 -27.17
C CYS C 86 27.66 -30.33 -28.52
N SER C 87 26.68 -30.89 -29.21
CA SER C 87 26.13 -30.30 -30.42
C SER C 87 24.71 -29.79 -30.12
N GLY C 88 24.06 -29.28 -31.16
CA GLY C 88 22.74 -28.73 -31.03
C GLY C 88 22.74 -27.24 -31.32
N GLN C 89 21.60 -26.60 -31.02
CA GLN C 89 21.37 -25.18 -31.32
C GLN C 89 20.60 -24.57 -30.15
N CYS C 90 21.33 -24.19 -29.10
CA CYS C 90 20.71 -23.58 -27.92
C CYS C 90 20.30 -22.16 -28.30
N GLY C 91 19.14 -22.06 -28.94
CA GLY C 91 18.65 -20.82 -29.49
C GLY C 91 18.13 -19.86 -28.44
N PRO C 92 18.00 -18.58 -28.82
CA PRO C 92 17.49 -17.59 -27.87
C PRO C 92 16.04 -17.84 -27.49
N ALA C 93 15.72 -17.54 -26.23
CA ALA C 93 14.35 -17.73 -25.75
C ALA C 93 13.38 -16.86 -26.53
N ARG C 94 12.18 -17.39 -26.75
CA ARG C 94 11.18 -16.68 -27.53
C ARG C 94 10.45 -15.65 -26.67
N LEU C 95 9.56 -14.89 -27.31
CA LEU C 95 8.97 -13.73 -26.66
C LEU C 95 8.02 -14.13 -25.54
N LEU C 96 8.06 -13.36 -24.45
CA LEU C 96 7.11 -13.53 -23.37
C LEU C 96 5.70 -13.28 -23.89
N PRO C 97 4.71 -14.00 -23.37
CA PRO C 97 3.39 -14.01 -24.01
C PRO C 97 2.74 -12.65 -24.16
N ASN C 98 3.06 -11.69 -23.29
CA ASN C 98 2.50 -10.36 -23.37
C ASN C 98 3.59 -9.30 -23.52
N ALA C 99 4.66 -9.64 -24.23
CA ALA C 99 5.78 -8.75 -24.42
C ALA C 99 5.73 -8.09 -25.79
N ILE C 100 6.32 -6.90 -25.88
CA ILE C 100 6.41 -6.19 -27.14
C ILE C 100 7.51 -6.81 -27.99
N GLY C 101 7.21 -7.07 -29.26
CA GLY C 101 8.18 -7.65 -30.16
C GLY C 101 9.20 -6.66 -30.66
N ARG C 102 10.08 -7.16 -31.53
CA ARG C 102 11.08 -6.33 -32.20
C ARG C 102 11.34 -6.83 -33.62
N GLY C 110 20.99 -9.99 -26.84
CA GLY C 110 22.20 -9.68 -26.11
C GLY C 110 23.06 -10.88 -25.76
N PRO C 111 22.64 -11.64 -24.75
CA PRO C 111 23.47 -12.74 -24.24
C PRO C 111 23.72 -13.83 -25.30
N ASP C 112 24.80 -14.57 -25.08
CA ASP C 112 25.20 -15.70 -25.93
C ASP C 112 25.32 -16.94 -25.06
N PHE C 113 24.42 -17.89 -25.27
CA PHE C 113 24.30 -19.10 -24.46
C PHE C 113 24.49 -20.33 -25.35
N ARG C 114 25.69 -20.52 -25.85
CA ARG C 114 25.94 -21.65 -26.74
C ARG C 114 26.05 -22.95 -25.93
N CYS C 115 25.82 -24.06 -26.63
CA CYS C 115 25.81 -25.39 -26.02
C CYS C 115 27.24 -25.76 -25.59
N ILE C 116 27.48 -25.77 -24.28
CA ILE C 116 28.83 -25.91 -23.73
C ILE C 116 28.87 -27.11 -22.79
N PRO C 117 29.99 -27.82 -22.69
CA PRO C 117 30.13 -28.86 -21.67
C PRO C 117 29.84 -28.34 -20.27
N ASP C 118 28.86 -28.95 -19.61
CA ASP C 118 28.51 -28.59 -18.24
C ASP C 118 29.45 -29.28 -17.26
N ARG C 119 29.23 -30.56 -17.03
CA ARG C 119 30.03 -31.36 -16.12
C ARG C 119 30.89 -32.33 -16.92
N TYR C 120 32.04 -32.69 -16.34
CA TYR C 120 32.99 -33.61 -16.95
C TYR C 120 33.08 -34.88 -16.13
N ARG C 121 33.38 -35.98 -16.81
CA ARG C 121 33.60 -37.27 -16.20
C ARG C 121 35.06 -37.67 -16.38
N ALA C 122 35.51 -38.64 -15.58
CA ALA C 122 36.90 -39.09 -15.64
C ALA C 122 36.95 -40.60 -15.48
N GLN C 123 37.63 -41.26 -16.42
CA GLN C 123 37.72 -42.72 -16.43
C GLN C 123 39.17 -43.17 -16.55
N ARG C 124 39.41 -44.38 -16.07
CA ARG C 124 40.73 -45.00 -16.10
C ARG C 124 40.76 -46.04 -17.22
N VAL C 125 41.66 -45.84 -18.18
CA VAL C 125 41.84 -46.75 -19.31
C VAL C 125 43.31 -47.13 -19.40
N GLN C 126 43.58 -48.43 -19.43
CA GLN C 126 44.95 -48.92 -19.52
C GLN C 126 45.48 -48.77 -20.94
N LEU C 127 46.67 -48.21 -21.06
CA LEU C 127 47.29 -47.94 -22.35
C LEU C 127 48.20 -49.09 -22.75
N LEU C 128 48.21 -49.40 -24.04
CA LEU C 128 49.00 -50.51 -24.57
C LEU C 128 49.94 -50.00 -25.64
N CYS C 129 51.20 -50.41 -25.58
CA CYS C 129 52.19 -49.94 -26.54
C CYS C 129 52.78 -51.14 -27.29
N PRO C 130 53.50 -50.94 -28.39
CA PRO C 130 53.99 -52.07 -29.20
C PRO C 130 54.85 -53.05 -28.40
N GLY C 131 55.14 -54.18 -29.05
CA GLY C 131 55.68 -55.32 -28.34
C GLY C 131 57.00 -54.98 -27.66
N GLY C 132 57.16 -55.52 -26.45
CA GLY C 132 58.33 -55.27 -25.63
C GLY C 132 58.06 -54.52 -24.35
N GLU C 133 56.87 -53.96 -24.17
CA GLU C 133 56.57 -53.14 -22.99
C GLU C 133 55.25 -53.59 -22.37
N ALA C 134 55.19 -53.48 -21.05
CA ALA C 134 54.00 -53.86 -20.30
C ALA C 134 52.89 -52.83 -20.47
N PRO C 135 51.63 -53.22 -20.25
CA PRO C 135 50.52 -52.26 -20.39
C PRO C 135 50.53 -51.14 -19.37
N ARG C 136 50.98 -49.95 -19.78
CA ARG C 136 50.91 -48.79 -18.92
C ARG C 136 49.46 -48.45 -18.60
N ALA C 137 49.27 -47.72 -17.50
CA ALA C 137 47.95 -47.30 -17.06
C ALA C 137 47.87 -45.78 -17.07
N ARG C 138 46.69 -45.25 -17.39
CA ARG C 138 46.50 -43.81 -17.48
C ARG C 138 45.05 -43.47 -17.23
N LYS C 139 44.82 -42.22 -16.81
CA LYS C 139 43.49 -41.70 -16.51
C LYS C 139 43.21 -40.48 -17.40
N VAL C 140 42.03 -40.46 -17.99
CA VAL C 140 41.63 -39.40 -18.92
C VAL C 140 40.24 -38.92 -18.57
N ARG C 141 40.00 -37.62 -18.73
CA ARG C 141 38.72 -37.00 -18.41
C ARG C 141 38.01 -36.57 -19.68
N LEU C 142 36.69 -36.74 -19.70
CA LEU C 142 35.89 -36.53 -20.90
C LEU C 142 34.63 -35.75 -20.52
N VAL C 143 33.81 -35.50 -21.53
CA VAL C 143 32.59 -34.71 -21.34
C VAL C 143 31.47 -35.61 -20.84
N ALA C 144 30.59 -35.03 -20.02
CA ALA C 144 29.46 -35.76 -19.43
C ALA C 144 28.11 -35.13 -19.76
N SER C 145 27.94 -33.83 -19.51
CA SER C 145 26.67 -33.17 -19.75
C SER C 145 26.90 -31.89 -20.54
N CYS C 146 25.84 -31.46 -21.23
CA CYS C 146 25.87 -30.25 -22.05
C CYS C 146 24.79 -29.29 -21.56
N LYS C 147 25.18 -28.06 -21.25
CA LYS C 147 24.25 -27.00 -20.87
C LYS C 147 24.52 -25.78 -21.74
N CYS C 148 23.91 -24.64 -21.43
CA CYS C 148 24.11 -23.38 -22.17
C CYS C 148 24.56 -22.34 -21.15
N LYS C 149 25.87 -22.11 -21.07
CA LYS C 149 26.43 -21.13 -20.15
C LYS C 149 27.15 -20.03 -20.95
N ARG C 150 27.91 -19.21 -20.23
CA ARG C 150 28.71 -18.17 -20.84
C ARG C 150 30.17 -18.61 -20.90
N LEU C 151 31.07 -17.66 -21.15
CA LEU C 151 32.49 -17.97 -21.32
C LEU C 151 33.31 -16.82 -20.75
N THR C 152 34.07 -17.09 -19.69
CA THR C 152 34.91 -16.07 -19.06
C THR C 152 36.14 -16.75 -18.46
N ARG C 153 37.26 -16.68 -19.18
CA ARG C 153 38.52 -17.29 -18.72
C ARG C 153 39.72 -16.43 -19.09
N PHE C 154 40.16 -16.53 -20.34
CA PHE C 154 41.32 -15.77 -20.81
C PHE C 154 41.07 -14.28 -20.70
N HIS C 155 42.10 -13.57 -20.25
CA HIS C 155 42.04 -12.15 -19.93
C HIS C 155 43.00 -11.41 -20.85
N ASN C 156 42.43 -10.73 -21.83
CA ASN C 156 43.19 -9.93 -22.80
C ASN C 156 42.24 -8.89 -23.40
N GLN C 157 42.71 -8.18 -24.42
CA GLN C 157 41.97 -7.03 -24.95
C GLN C 157 41.10 -7.32 -26.18
N SER C 158 41.59 -8.09 -27.15
CA SER C 158 40.90 -8.19 -28.43
C SER C 158 40.13 -9.49 -28.67
N TYR D 59 -7.51 -20.99 42.67
CA TYR D 59 -7.62 -22.06 41.67
C TYR D 59 -7.85 -21.47 40.28
N SER D 60 -7.60 -22.29 39.25
CA SER D 60 -7.71 -21.86 37.86
C SER D 60 -8.46 -22.94 37.06
N CYS D 61 -9.69 -23.21 37.47
CA CYS D 61 -10.59 -24.14 36.80
C CYS D 61 -9.92 -25.52 36.65
N ARG D 62 -9.69 -26.12 37.81
CA ARG D 62 -9.08 -27.44 37.88
C ARG D 62 -10.15 -28.52 37.90
N GLU D 63 -9.70 -29.77 37.84
CA GLU D 63 -10.59 -30.93 37.84
C GLU D 63 -10.44 -31.65 39.18
N LEU D 64 -11.38 -31.40 40.08
CA LEU D 64 -11.41 -32.09 41.36
C LEU D 64 -12.11 -33.44 41.23
N HIS D 65 -11.62 -34.42 41.98
CA HIS D 65 -12.10 -35.78 41.89
C HIS D 65 -12.54 -36.27 43.26
N PHE D 66 -13.57 -37.10 43.27
CA PHE D 66 -13.99 -37.79 44.49
C PHE D 66 -14.80 -39.01 44.07
N THR D 67 -14.61 -40.11 44.79
CA THR D 67 -15.33 -41.33 44.50
C THR D 67 -16.69 -41.33 45.19
N ARG D 68 -17.69 -41.86 44.50
CA ARG D 68 -19.04 -41.95 45.06
C ARG D 68 -19.70 -43.22 44.57
N TYR D 69 -20.77 -43.60 45.24
CA TYR D 69 -21.65 -44.66 44.76
C TYR D 69 -22.78 -44.04 43.93
N VAL D 70 -23.37 -44.86 43.06
CA VAL D 70 -24.53 -44.44 42.29
C VAL D 70 -25.73 -45.23 42.76
N THR D 71 -26.91 -44.60 42.68
CA THR D 71 -28.10 -45.15 43.30
C THR D 71 -29.31 -44.96 42.40
N ASP D 72 -30.24 -45.92 42.47
CA ASP D 72 -31.58 -45.81 41.91
C ASP D 72 -32.61 -45.89 43.04
N GLY D 73 -32.21 -45.51 44.25
CA GLY D 73 -33.04 -45.64 45.41
C GLY D 73 -32.61 -46.80 46.28
N PRO D 74 -33.41 -47.88 46.27
CA PRO D 74 -33.00 -49.07 47.02
C PRO D 74 -31.83 -49.82 46.39
N CYS D 75 -31.62 -49.73 45.08
CA CYS D 75 -30.46 -50.37 44.48
C CYS D 75 -29.24 -49.47 44.62
N ARG D 76 -28.07 -50.09 44.68
CA ARG D 76 -26.80 -49.40 44.80
C ARG D 76 -25.75 -50.12 43.98
N SER D 77 -24.88 -49.36 43.32
CA SER D 77 -23.81 -49.97 42.52
C SER D 77 -22.85 -50.74 43.42
N ALA D 78 -22.33 -51.84 42.87
CA ALA D 78 -21.40 -52.68 43.63
C ALA D 78 -20.13 -51.91 43.94
N LYS D 79 -19.32 -51.66 42.93
CA LYS D 79 -18.15 -50.81 43.13
C LYS D 79 -18.52 -49.35 42.87
N PRO D 80 -17.72 -48.40 43.39
CA PRO D 80 -18.06 -46.98 43.24
C PRO D 80 -17.74 -46.44 41.85
N VAL D 81 -17.63 -45.12 41.77
CA VAL D 81 -17.27 -44.43 40.52
C VAL D 81 -16.73 -43.05 40.88
N THR D 82 -15.59 -42.70 40.29
CA THR D 82 -14.93 -41.41 40.57
C THR D 82 -15.62 -40.33 39.77
N GLU D 83 -16.45 -39.52 40.43
CA GLU D 83 -16.98 -38.34 39.76
C GLU D 83 -15.96 -37.20 39.80
N LEU D 84 -16.04 -36.33 38.80
CA LEU D 84 -15.23 -35.13 38.73
C LEU D 84 -16.14 -33.92 38.80
N VAL D 85 -15.68 -32.87 39.49
CA VAL D 85 -16.45 -31.65 39.69
C VAL D 85 -15.62 -30.47 39.22
N CYS D 86 -16.15 -29.73 38.25
CA CYS D 86 -15.43 -28.57 37.72
C CYS D 86 -15.49 -27.43 38.73
N SER D 87 -14.47 -27.32 39.56
CA SER D 87 -14.33 -26.19 40.47
C SER D 87 -13.19 -25.31 39.98
N GLY D 88 -12.90 -24.28 40.75
CA GLY D 88 -11.89 -23.31 40.39
C GLY D 88 -12.52 -21.95 40.14
N GLN D 89 -11.69 -21.06 39.59
CA GLN D 89 -12.09 -19.67 39.35
C GLN D 89 -11.50 -19.26 38.00
N CYS D 90 -12.19 -19.62 36.92
CA CYS D 90 -11.74 -19.30 35.57
C CYS D 90 -11.96 -17.80 35.35
N GLY D 91 -11.02 -17.00 35.86
CA GLY D 91 -11.13 -15.57 35.83
C GLY D 91 -10.86 -15.00 34.46
N PRO D 92 -11.29 -13.75 34.24
CA PRO D 92 -11.05 -13.09 32.95
C PRO D 92 -9.58 -12.85 32.70
N ALA D 93 -9.20 -12.94 31.42
CA ALA D 93 -7.81 -12.71 31.02
C ALA D 93 -7.36 -11.31 31.37
N ARG D 94 -6.08 -11.17 31.74
CA ARG D 94 -5.54 -9.92 32.22
C ARG D 94 -5.22 -8.99 31.04
N LEU D 95 -4.75 -7.78 31.36
CA LEU D 95 -4.63 -6.73 30.35
C LEU D 95 -3.52 -7.05 29.35
N LEU D 96 -3.80 -6.78 28.09
CA LEU D 96 -2.78 -6.87 27.06
C LEU D 96 -1.64 -5.90 27.36
N PRO D 97 -0.41 -6.28 27.05
CA PRO D 97 0.75 -5.51 27.56
C PRO D 97 0.76 -4.04 27.18
N ASN D 98 0.15 -3.65 26.06
CA ASN D 98 0.16 -2.25 25.64
C ASN D 98 -1.26 -1.70 25.49
N ALA D 99 -2.18 -2.18 26.32
CA ALA D 99 -3.57 -1.76 26.26
C ALA D 99 -3.88 -0.76 27.38
N ILE D 100 -4.85 0.09 27.13
CA ILE D 100 -5.29 1.04 28.14
C ILE D 100 -6.14 0.31 29.17
N GLY D 101 -5.86 0.55 30.45
CA GLY D 101 -6.60 -0.08 31.51
C GLY D 101 -7.95 0.58 31.74
N ARG D 102 -8.65 0.09 32.77
CA ARG D 102 -9.92 0.67 33.18
C ARG D 102 -10.07 0.59 34.70
N ASP D 112 -18.82 -13.81 30.42
CA ASP D 112 -18.79 -14.73 31.56
C ASP D 112 -18.38 -16.13 31.14
N PHE D 113 -17.21 -16.56 31.57
CA PHE D 113 -16.60 -17.83 31.19
C PHE D 113 -16.35 -18.66 32.45
N ARG D 114 -17.42 -19.10 33.11
CA ARG D 114 -17.21 -19.85 34.33
C ARG D 114 -16.78 -21.29 34.00
N CYS D 115 -16.13 -21.91 34.99
CA CYS D 115 -15.58 -23.25 34.84
C CYS D 115 -16.72 -24.26 34.70
N ILE D 116 -16.90 -24.78 33.49
CA ILE D 116 -18.08 -25.58 33.13
C ILE D 116 -17.61 -26.95 32.65
N PRO D 117 -18.40 -28.02 32.85
CA PRO D 117 -18.05 -29.32 32.25
C PRO D 117 -17.80 -29.23 30.76
N ASP D 118 -16.61 -29.64 30.33
CA ASP D 118 -16.22 -29.63 28.93
C ASP D 118 -16.74 -30.86 28.20
N ARG D 119 -16.08 -32.00 28.39
CA ARG D 119 -16.48 -33.26 27.78
C ARG D 119 -17.04 -34.20 28.84
N TYR D 120 -17.91 -35.10 28.41
CA TYR D 120 -18.52 -36.09 29.29
C TYR D 120 -18.05 -37.49 28.93
N ARG D 121 -17.97 -38.33 29.95
CA ARG D 121 -17.63 -39.75 29.80
C ARG D 121 -18.82 -40.61 30.20
N ALA D 122 -18.79 -41.87 29.79
CA ALA D 122 -19.90 -42.79 30.05
C ALA D 122 -19.35 -44.15 30.43
N GLN D 123 -19.80 -44.67 31.57
CA GLN D 123 -19.32 -45.93 32.11
C GLN D 123 -20.49 -46.85 32.44
N ARG D 124 -20.21 -48.15 32.45
CA ARG D 124 -21.18 -49.17 32.78
C ARG D 124 -20.95 -49.65 34.20
N VAL D 125 -21.96 -49.48 35.06
CA VAL D 125 -21.89 -49.91 36.44
C VAL D 125 -23.08 -50.82 36.73
N GLN D 126 -22.80 -52.03 37.20
CA GLN D 126 -23.87 -52.97 37.51
C GLN D 126 -24.50 -52.61 38.85
N LEU D 127 -25.83 -52.55 38.87
CA LEU D 127 -26.57 -52.14 40.04
C LEU D 127 -26.99 -53.36 40.85
N LEU D 128 -26.96 -53.22 42.17
CA LEU D 128 -27.31 -54.29 43.10
C LEU D 128 -28.47 -53.84 43.96
N CYS D 129 -29.47 -54.70 44.10
CA CYS D 129 -30.67 -54.35 44.86
C CYS D 129 -30.85 -55.32 46.03
N PRO D 130 -31.75 -55.04 46.99
CA PRO D 130 -31.87 -55.91 48.17
C PRO D 130 -32.14 -57.36 47.82
N GLY D 131 -32.04 -58.21 48.85
CA GLY D 131 -32.00 -59.64 48.63
C GLY D 131 -33.24 -60.14 47.91
N GLY D 132 -33.03 -61.05 46.97
CA GLY D 132 -34.11 -61.61 46.18
C GLY D 132 -34.05 -61.24 44.71
N GLU D 133 -33.17 -60.31 44.33
CA GLU D 133 -33.12 -59.82 42.96
C GLU D 133 -31.69 -59.90 42.43
N ALA D 134 -31.59 -60.17 41.12
CA ALA D 134 -30.33 -60.33 40.43
C ALA D 134 -29.65 -58.98 40.21
N PRO D 135 -28.33 -58.97 40.01
CA PRO D 135 -27.61 -57.69 39.78
C PRO D 135 -28.01 -57.02 38.48
N ARG D 136 -28.84 -55.98 38.57
CA ARG D 136 -29.20 -55.19 37.42
C ARG D 136 -27.96 -54.51 36.84
N ALA D 137 -28.04 -54.15 35.56
CA ALA D 137 -26.97 -53.46 34.87
C ALA D 137 -27.48 -52.10 34.39
N ARG D 138 -26.60 -51.11 34.41
CA ARG D 138 -26.99 -49.76 34.01
C ARG D 138 -25.76 -49.00 33.52
N LYS D 139 -26.02 -47.99 32.68
CA LYS D 139 -24.99 -47.14 32.11
C LYS D 139 -25.27 -45.70 32.53
N VAL D 140 -24.24 -45.02 33.02
CA VAL D 140 -24.37 -43.66 33.53
C VAL D 140 -23.24 -42.81 32.97
N ARG D 141 -23.53 -41.54 32.71
CA ARG D 141 -22.58 -40.61 32.13
C ARG D 141 -22.16 -39.57 33.16
N LEU D 142 -20.88 -39.21 33.14
CA LEU D 142 -20.28 -38.35 34.16
C LEU D 142 -19.40 -37.31 33.47
N VAL D 143 -18.77 -36.47 34.29
CA VAL D 143 -17.93 -35.39 33.79
C VAL D 143 -16.53 -35.93 33.53
N ALA D 144 -15.86 -35.37 32.52
CA ALA D 144 -14.53 -35.82 32.13
C ALA D 144 -13.50 -34.69 32.16
N SER D 145 -13.76 -33.58 31.48
CA SER D 145 -12.83 -32.47 31.40
C SER D 145 -13.54 -31.17 31.73
N CYS D 146 -12.76 -30.17 32.15
CA CYS D 146 -13.27 -28.86 32.50
C CYS D 146 -12.62 -27.80 31.63
N LYS D 147 -13.44 -27.02 30.93
CA LYS D 147 -12.95 -25.88 30.15
C LYS D 147 -13.75 -24.66 30.58
N CYS D 148 -13.62 -23.53 29.88
CA CYS D 148 -14.34 -22.31 30.19
C CYS D 148 -15.08 -21.83 28.95
N LYS D 149 -16.37 -22.14 28.86
CA LYS D 149 -17.23 -21.70 27.79
C LYS D 149 -18.38 -20.86 28.36
N ARG D 150 -19.38 -20.59 27.53
CA ARG D 150 -20.56 -19.84 27.93
C ARG D 150 -21.71 -20.81 28.21
N LEU D 151 -22.93 -20.29 28.28
CA LEU D 151 -24.10 -21.09 28.61
C LEU D 151 -25.28 -20.56 27.80
N THR D 152 -25.79 -21.39 26.88
CA THR D 152 -26.92 -21.02 26.03
C THR D 152 -27.69 -22.30 25.73
N ARG D 153 -28.78 -22.53 26.45
CA ARG D 153 -29.61 -23.72 26.25
C ARG D 153 -31.09 -23.39 26.42
N PHE D 154 -31.56 -23.32 27.66
CA PHE D 154 -32.96 -23.00 27.90
C PHE D 154 -33.29 -21.63 27.33
N HIS D 155 -34.46 -21.54 26.71
CA HIS D 155 -34.85 -20.37 25.93
C HIS D 155 -36.03 -19.71 26.64
N ASN D 156 -35.84 -18.49 27.09
CA ASN D 156 -36.84 -17.72 27.80
C ASN D 156 -36.58 -16.25 27.52
N GLN D 157 -37.27 -15.37 28.22
CA GLN D 157 -37.11 -13.95 27.95
C GLN D 157 -36.05 -13.33 28.85
N SER D 158 -36.11 -13.64 30.14
CA SER D 158 -35.17 -13.09 31.12
C SER D 158 -34.23 -14.19 31.62
#